data_2KDI
#
_entry.id   2KDI
#
_entity_poly.entity_id   1
_entity_poly.type   'polypeptide(L)'
_entity_poly.pdbx_seq_one_letter_code
;MHHHHHHGEFQIFAKTLTGKTITLEVESSDTIDNVKSKIQDKEGIPPDQQRLIWAGKQLEDGRTLSDYNIQRESTLHLVL
RLRGGSMGGAADEEELIRKAIELSLKESRNSGGY
;
_entity_poly.pdbx_strand_id   A
#
# COMPACT_ATOMS: atom_id res chain seq x y z
N MET A 1 -19.27 -2.41 -9.53
CA MET A 1 -20.19 -3.54 -9.82
C MET A 1 -19.58 -4.85 -9.35
N HIS A 2 -18.87 -4.79 -8.23
CA HIS A 2 -18.22 -5.98 -7.67
C HIS A 2 -19.24 -6.85 -6.93
N HIS A 3 -20.51 -6.72 -7.32
CA HIS A 3 -21.58 -7.50 -6.69
C HIS A 3 -21.72 -7.17 -5.21
N HIS A 4 -22.71 -7.76 -4.57
CA HIS A 4 -22.95 -7.52 -3.14
C HIS A 4 -22.48 -8.72 -2.31
N HIS A 5 -22.02 -9.77 -2.99
CA HIS A 5 -21.53 -10.96 -2.31
C HIS A 5 -20.21 -10.70 -1.61
N HIS A 6 -19.70 -11.70 -0.89
CA HIS A 6 -18.44 -11.55 -0.17
C HIS A 6 -17.66 -12.86 -0.19
N HIS A 7 -16.37 -12.77 -0.53
CA HIS A 7 -15.52 -13.95 -0.58
C HIS A 7 -14.05 -13.54 -0.46
N GLY A 8 -13.72 -12.92 0.67
CA GLY A 8 -12.35 -12.49 0.93
C GLY A 8 -11.49 -13.65 1.40
N GLU A 9 -11.23 -14.60 0.50
CA GLU A 9 -10.42 -15.76 0.83
C GLU A 9 -8.95 -15.43 0.66
N PHE A 10 -8.69 -14.34 -0.06
CA PHE A 10 -7.32 -13.90 -0.29
C PHE A 10 -7.09 -12.55 0.37
N GLN A 11 -6.11 -12.51 1.26
CA GLN A 11 -5.76 -11.29 1.98
C GLN A 11 -4.48 -10.69 1.43
N ILE A 12 -4.09 -9.54 1.95
CA ILE A 12 -2.87 -8.88 1.52
C ILE A 12 -2.19 -8.21 2.69
N PHE A 13 -0.95 -7.77 2.49
CA PHE A 13 -0.20 -7.11 3.54
C PHE A 13 0.25 -5.74 3.06
N ALA A 14 0.02 -4.73 3.90
CA ALA A 14 0.41 -3.38 3.57
C ALA A 14 1.37 -2.84 4.62
N LYS A 15 2.40 -2.15 4.16
CA LYS A 15 3.39 -1.58 5.08
C LYS A 15 3.52 -0.09 4.86
N THR A 16 3.17 0.68 5.90
CA THR A 16 3.26 2.13 5.82
C THR A 16 4.73 2.54 5.63
N LEU A 17 4.93 3.81 5.29
CA LEU A 17 6.28 4.33 5.10
C LEU A 17 7.11 4.13 6.36
N THR A 18 6.48 4.39 7.51
CA THR A 18 7.15 4.24 8.80
C THR A 18 7.52 2.77 9.06
N GLY A 19 6.90 1.86 8.33
CA GLY A 19 7.18 0.44 8.49
C GLY A 19 6.10 -0.27 9.31
N LYS A 20 4.91 0.33 9.37
CA LYS A 20 3.79 -0.28 10.11
C LYS A 20 3.13 -1.36 9.25
N THR A 21 3.05 -2.58 9.78
CA THR A 21 2.44 -3.68 9.04
C THR A 21 0.93 -3.71 9.26
N ILE A 22 0.18 -3.73 8.16
CA ILE A 22 -1.28 -3.76 8.22
C ILE A 22 -1.84 -4.82 7.27
N THR A 23 -2.72 -5.68 7.78
CA THR A 23 -3.33 -6.73 6.97
C THR A 23 -4.80 -6.41 6.70
N LEU A 24 -5.17 -6.42 5.42
CA LEU A 24 -6.55 -6.13 5.03
C LEU A 24 -7.07 -7.18 4.04
N GLU A 25 -8.32 -7.55 4.22
CA GLU A 25 -8.95 -8.57 3.36
C GLU A 25 -9.46 -7.92 2.07
N VAL A 26 -8.78 -8.21 0.96
CA VAL A 26 -9.16 -7.64 -0.33
C VAL A 26 -9.34 -8.73 -1.38
N GLU A 27 -9.54 -8.31 -2.63
CA GLU A 27 -9.71 -9.23 -3.74
C GLU A 27 -8.46 -9.24 -4.61
N SER A 28 -8.27 -10.32 -5.38
CA SER A 28 -7.10 -10.41 -6.24
C SER A 28 -7.08 -9.28 -7.26
N SER A 29 -8.25 -8.69 -7.51
CA SER A 29 -8.39 -7.61 -8.48
C SER A 29 -8.82 -6.31 -7.81
N ASP A 30 -8.91 -6.31 -6.48
CA ASP A 30 -9.31 -5.12 -5.72
C ASP A 30 -8.68 -3.86 -6.32
N THR A 31 -9.39 -2.74 -6.21
CA THR A 31 -8.88 -1.48 -6.74
C THR A 31 -8.26 -0.65 -5.62
N ILE A 32 -7.47 0.35 -6.00
CA ILE A 32 -6.83 1.22 -5.02
C ILE A 32 -7.87 1.77 -4.04
N ASP A 33 -8.91 2.41 -4.58
CA ASP A 33 -9.97 2.98 -3.75
C ASP A 33 -10.42 1.99 -2.68
N ASN A 34 -10.59 0.73 -3.08
CA ASN A 34 -11.02 -0.32 -2.17
C ASN A 34 -9.91 -0.64 -1.17
N VAL A 35 -8.68 -0.66 -1.66
CA VAL A 35 -7.52 -0.92 -0.80
C VAL A 35 -7.36 0.20 0.22
N LYS A 36 -7.43 1.44 -0.27
CA LYS A 36 -7.29 2.61 0.60
C LYS A 36 -8.39 2.62 1.67
N SER A 37 -9.64 2.74 1.25
CA SER A 37 -10.76 2.76 2.18
C SER A 37 -10.62 1.64 3.21
N LYS A 38 -10.33 0.43 2.71
CA LYS A 38 -10.15 -0.72 3.59
C LYS A 38 -9.18 -0.36 4.71
N ILE A 39 -8.17 0.44 4.38
CA ILE A 39 -7.19 0.87 5.37
C ILE A 39 -7.84 1.78 6.41
N GLN A 40 -8.72 2.67 5.96
CA GLN A 40 -9.40 3.59 6.87
C GLN A 40 -10.13 2.83 7.97
N ASP A 41 -10.63 1.64 7.64
CA ASP A 41 -11.31 0.84 8.65
C ASP A 41 -10.28 0.27 9.62
N LYS A 42 -9.03 0.23 9.17
CA LYS A 42 -7.94 -0.30 9.98
C LYS A 42 -7.21 0.79 10.77
N GLU A 43 -6.89 1.92 10.13
CA GLU A 43 -6.18 3.00 10.80
C GLU A 43 -6.99 4.30 10.83
N GLY A 44 -8.23 4.25 10.37
CA GLY A 44 -9.09 5.43 10.37
C GLY A 44 -8.74 6.36 9.21
N ILE A 45 -7.45 6.49 8.93
CA ILE A 45 -6.97 7.35 7.85
C ILE A 45 -7.88 7.25 6.62
N PRO A 46 -8.37 8.38 6.14
CA PRO A 46 -9.28 8.41 4.95
C PRO A 46 -8.52 8.08 3.66
N PRO A 47 -9.17 7.37 2.76
CA PRO A 47 -8.55 6.96 1.46
C PRO A 47 -7.98 8.16 0.70
N ASP A 48 -8.71 9.27 0.73
CA ASP A 48 -8.26 10.48 0.03
C ASP A 48 -6.94 10.99 0.61
N GLN A 49 -6.67 10.60 1.85
CA GLN A 49 -5.45 11.02 2.54
C GLN A 49 -4.37 9.94 2.43
N GLN A 50 -4.78 8.75 2.00
CA GLN A 50 -3.86 7.63 1.86
C GLN A 50 -3.39 7.47 0.42
N ARG A 51 -2.09 7.26 0.26
CA ARG A 51 -1.49 7.06 -1.05
C ARG A 51 -0.87 5.66 -1.13
N LEU A 52 -0.84 5.06 -2.32
CA LEU A 52 -0.28 3.73 -2.48
C LEU A 52 0.85 3.71 -3.50
N ILE A 53 2.05 3.36 -3.05
CA ILE A 53 3.22 3.28 -3.93
C ILE A 53 3.72 1.85 -3.98
N TRP A 54 3.87 1.30 -5.19
CA TRP A 54 4.34 -0.08 -5.33
C TRP A 54 5.20 -0.22 -6.59
N ALA A 55 6.26 -1.00 -6.46
CA ALA A 55 7.20 -1.25 -7.57
C ALA A 55 7.78 0.06 -8.09
N GLY A 56 8.35 0.86 -7.19
CA GLY A 56 8.98 2.13 -7.57
C GLY A 56 8.01 3.06 -8.31
N LYS A 57 6.76 2.64 -8.47
CA LYS A 57 5.77 3.46 -9.17
C LYS A 57 4.58 3.77 -8.29
N GLN A 58 4.03 4.98 -8.45
CA GLN A 58 2.87 5.39 -7.66
C GLN A 58 1.60 4.79 -8.26
N LEU A 59 0.89 3.99 -7.46
CA LEU A 59 -0.34 3.35 -7.95
C LEU A 59 -1.45 4.38 -8.13
N GLU A 60 -2.03 4.41 -9.32
CA GLU A 60 -3.12 5.34 -9.62
C GLU A 60 -4.44 4.76 -9.12
N ASP A 61 -5.26 5.63 -8.54
CA ASP A 61 -6.56 5.21 -7.99
C ASP A 61 -7.32 4.29 -8.93
N GLY A 62 -7.02 4.38 -10.24
CA GLY A 62 -7.69 3.55 -11.23
C GLY A 62 -6.98 2.20 -11.43
N ARG A 63 -5.95 1.94 -10.62
CA ARG A 63 -5.21 0.69 -10.73
C ARG A 63 -5.91 -0.45 -9.99
N THR A 64 -5.68 -1.67 -10.45
CA THR A 64 -6.29 -2.85 -9.84
C THR A 64 -5.22 -3.77 -9.24
N LEU A 65 -5.66 -4.74 -8.45
CA LEU A 65 -4.74 -5.68 -7.81
C LEU A 65 -4.26 -6.71 -8.84
N SER A 66 -5.17 -7.18 -9.67
CA SER A 66 -4.85 -8.16 -10.70
C SER A 66 -4.05 -7.52 -11.85
N ASP A 67 -3.96 -6.19 -11.84
CA ASP A 67 -3.23 -5.49 -12.88
C ASP A 67 -1.82 -6.06 -13.01
N TYR A 68 -1.05 -5.96 -11.93
CA TYR A 68 0.32 -6.48 -11.92
C TYR A 68 0.33 -7.95 -11.51
N ASN A 69 -0.86 -8.52 -11.31
CA ASN A 69 -0.99 -9.91 -10.90
C ASN A 69 -0.60 -10.06 -9.44
N ILE A 70 -0.80 -8.98 -8.68
CA ILE A 70 -0.48 -8.96 -7.26
C ILE A 70 -1.21 -10.08 -6.53
N GLN A 71 -0.44 -11.06 -6.04
CA GLN A 71 -1.02 -12.19 -5.32
C GLN A 71 -1.54 -11.73 -3.95
N ARG A 72 -1.53 -12.64 -2.98
CA ARG A 72 -2.00 -12.31 -1.63
C ARG A 72 -0.83 -12.01 -0.71
N GLU A 73 0.26 -12.77 -0.87
CA GLU A 73 1.45 -12.57 -0.04
C GLU A 73 2.30 -11.43 -0.62
N SER A 74 1.67 -10.26 -0.79
CA SER A 74 2.36 -9.10 -1.33
C SER A 74 2.46 -7.99 -0.28
N THR A 75 3.55 -7.22 -0.36
CA THR A 75 3.76 -6.11 0.57
C THR A 75 3.36 -4.80 -0.09
N LEU A 76 2.15 -4.35 0.22
CA LEU A 76 1.63 -3.11 -0.33
C LEU A 76 2.22 -1.90 0.40
N HIS A 77 3.26 -1.32 -0.16
CA HIS A 77 3.90 -0.16 0.45
C HIS A 77 2.95 1.04 0.41
N LEU A 78 2.46 1.43 1.57
CA LEU A 78 1.54 2.56 1.67
C LEU A 78 2.25 3.77 2.26
N VAL A 79 1.91 4.95 1.76
CA VAL A 79 2.53 6.18 2.26
C VAL A 79 1.45 7.17 2.72
N LEU A 80 1.50 7.52 3.99
CA LEU A 80 0.54 8.45 4.57
C LEU A 80 0.84 9.89 4.14
N ARG A 81 -0.11 10.50 3.42
CA ARG A 81 0.07 11.87 2.94
C ARG A 81 -0.08 12.87 4.08
N LEU A 82 0.23 14.13 3.78
CA LEU A 82 0.13 15.20 4.78
C LEU A 82 -0.25 16.52 4.11
N ARG A 83 -1.51 16.92 4.26
CA ARG A 83 -1.99 18.16 3.67
C ARG A 83 -1.81 19.33 4.61
N GLY A 84 -1.83 19.04 5.92
CA GLY A 84 -1.66 20.08 6.93
C GLY A 84 -0.21 20.58 6.97
N GLY A 85 0.16 21.21 8.08
CA GLY A 85 1.51 21.74 8.23
C GLY A 85 2.54 20.63 8.04
N SER A 86 3.48 20.85 7.12
CA SER A 86 4.53 19.87 6.84
C SER A 86 5.17 19.39 8.15
N MET A 87 5.23 18.07 8.30
CA MET A 87 5.82 17.46 9.49
C MET A 87 7.31 17.79 9.57
N GLY A 88 7.91 18.04 8.42
CA GLY A 88 9.34 18.36 8.37
C GLY A 88 10.18 17.16 8.80
N GLY A 89 9.79 15.98 8.33
CA GLY A 89 10.51 14.75 8.67
C GLY A 89 10.83 13.94 7.42
N ALA A 90 11.01 12.64 7.60
CA ALA A 90 11.32 11.75 6.48
C ALA A 90 10.15 11.68 5.51
N ALA A 91 8.98 11.31 6.02
CA ALA A 91 7.78 11.20 5.20
C ALA A 91 6.80 12.33 5.54
N ASP A 92 6.26 12.97 4.50
CA ASP A 92 5.31 14.06 4.69
C ASP A 92 4.14 13.90 3.74
N GLU A 93 4.36 14.29 2.48
CA GLU A 93 3.30 14.18 1.47
C GLU A 93 3.89 13.89 0.10
N GLU A 94 4.97 14.57 -0.26
CA GLU A 94 5.62 14.35 -1.55
C GLU A 94 6.92 13.55 -1.38
N GLU A 95 7.69 13.89 -0.35
CA GLU A 95 8.95 13.22 -0.09
C GLU A 95 8.72 11.77 0.33
N LEU A 96 7.47 11.42 0.62
CA LEU A 96 7.15 10.05 1.02
C LEU A 96 7.09 9.13 -0.18
N ILE A 97 7.12 9.71 -1.39
CA ILE A 97 7.08 8.92 -2.61
C ILE A 97 8.49 8.57 -3.07
N ARG A 98 9.32 9.58 -3.26
CA ARG A 98 10.70 9.36 -3.70
C ARG A 98 11.45 8.49 -2.71
N LYS A 99 11.13 8.63 -1.43
CA LYS A 99 11.80 7.84 -0.39
C LYS A 99 11.21 6.44 -0.29
N ALA A 100 9.89 6.33 -0.50
CA ALA A 100 9.22 5.04 -0.45
C ALA A 100 9.70 4.17 -1.61
N ILE A 101 10.27 4.83 -2.62
CA ILE A 101 10.79 4.12 -3.79
C ILE A 101 12.28 3.85 -3.62
N GLU A 102 12.95 4.70 -2.85
CA GLU A 102 14.39 4.56 -2.66
C GLU A 102 14.76 3.75 -1.42
N LEU A 103 13.81 3.47 -0.53
CA LEU A 103 14.14 2.72 0.68
C LEU A 103 13.86 1.21 0.54
N SER A 104 12.59 0.82 0.50
CA SER A 104 12.24 -0.60 0.41
C SER A 104 11.92 -1.03 -1.01
N LEU A 105 11.75 -0.07 -1.91
CA LEU A 105 11.42 -0.39 -3.30
C LEU A 105 12.67 -0.46 -4.18
N LYS A 106 13.64 0.40 -3.92
CA LYS A 106 14.87 0.43 -4.71
C LYS A 106 15.39 -0.98 -5.01
N GLU A 107 15.07 -1.93 -4.14
CA GLU A 107 15.50 -3.31 -4.34
C GLU A 107 15.11 -3.80 -5.73
N SER A 108 13.91 -3.42 -6.16
CA SER A 108 13.41 -3.81 -7.48
C SER A 108 14.22 -3.11 -8.57
N ARG A 109 14.70 -1.90 -8.26
CA ARG A 109 15.49 -1.13 -9.22
C ARG A 109 16.91 -1.67 -9.27
N ASN A 110 17.36 -2.27 -8.17
CA ASN A 110 18.71 -2.83 -8.09
C ASN A 110 18.85 -4.01 -9.07
N SER A 111 17.72 -4.65 -9.37
CA SER A 111 17.71 -5.79 -10.29
C SER A 111 18.18 -5.36 -11.67
N GLY A 112 18.06 -4.05 -11.96
CA GLY A 112 18.48 -3.53 -13.25
C GLY A 112 20.00 -3.51 -13.39
N GLY A 113 20.69 -3.98 -12.33
CA GLY A 113 22.15 -4.02 -12.35
C GLY A 113 22.67 -4.94 -13.45
N TYR A 114 21.77 -5.77 -13.99
CA TYR A 114 22.14 -6.70 -15.07
C TYR A 114 22.96 -7.87 -14.52
N MET A 1 -14.54 -35.32 -5.81
CA MET A 1 -14.05 -34.17 -6.63
C MET A 1 -15.14 -33.11 -6.70
N HIS A 2 -14.71 -31.85 -6.75
CA HIS A 2 -15.65 -30.73 -6.82
C HIS A 2 -15.14 -29.67 -7.78
N HIS A 3 -13.91 -29.85 -8.26
CA HIS A 3 -13.31 -28.91 -9.20
C HIS A 3 -13.33 -27.50 -8.61
N HIS A 4 -12.94 -27.40 -7.35
CA HIS A 4 -12.92 -26.11 -6.65
C HIS A 4 -14.33 -25.61 -6.40
N HIS A 5 -14.81 -25.80 -5.17
CA HIS A 5 -16.15 -25.37 -4.80
C HIS A 5 -16.19 -24.97 -3.33
N HIS A 6 -15.04 -25.09 -2.66
CA HIS A 6 -14.94 -24.74 -1.25
C HIS A 6 -14.83 -23.23 -1.06
N HIS A 7 -14.63 -22.80 0.18
CA HIS A 7 -14.51 -21.38 0.49
C HIS A 7 -13.05 -21.00 0.71
N GLY A 8 -12.78 -19.69 0.69
CA GLY A 8 -11.42 -19.19 0.89
C GLY A 8 -11.25 -17.80 0.29
N GLU A 9 -10.77 -16.86 1.10
CA GLU A 9 -10.57 -15.49 0.63
C GLU A 9 -9.07 -15.18 0.53
N PHE A 10 -8.75 -14.01 -0.02
CA PHE A 10 -7.36 -13.60 -0.17
C PHE A 10 -7.13 -12.25 0.47
N GLN A 11 -6.21 -12.19 1.43
CA GLN A 11 -5.90 -10.95 2.11
C GLN A 11 -4.49 -10.47 1.77
N ILE A 12 -4.40 -9.34 1.08
CA ILE A 12 -3.11 -8.80 0.68
C ILE A 12 -2.37 -8.21 1.87
N PHE A 13 -1.11 -7.80 1.62
CA PHE A 13 -0.30 -7.22 2.68
C PHE A 13 0.24 -5.87 2.22
N ALA A 14 0.26 -4.91 3.14
CA ALA A 14 0.74 -3.57 2.83
C ALA A 14 1.77 -3.12 3.86
N LYS A 15 2.69 -2.26 3.40
CA LYS A 15 3.73 -1.75 4.28
C LYS A 15 3.83 -0.23 4.15
N THR A 16 3.64 0.47 5.26
CA THR A 16 3.72 1.93 5.27
C THR A 16 5.15 2.40 5.05
N LEU A 17 5.32 3.71 4.89
CA LEU A 17 6.65 4.28 4.68
C LEU A 17 7.56 3.95 5.86
N THR A 18 7.04 4.14 7.07
CA THR A 18 7.81 3.84 8.28
C THR A 18 8.16 2.36 8.35
N GLY A 19 7.40 1.53 7.64
CA GLY A 19 7.65 0.10 7.62
C GLY A 19 6.70 -0.67 8.53
N LYS A 20 5.41 -0.30 8.50
CA LYS A 20 4.40 -0.96 9.32
C LYS A 20 3.72 -2.07 8.50
N THR A 21 3.74 -3.29 9.01
CA THR A 21 3.12 -4.42 8.30
C THR A 21 1.64 -4.53 8.65
N ILE A 22 0.79 -4.35 7.64
CA ILE A 22 -0.66 -4.44 7.84
C ILE A 22 -1.30 -5.31 6.76
N THR A 23 -2.21 -6.18 7.17
CA THR A 23 -2.89 -7.08 6.24
C THR A 23 -4.34 -6.63 6.02
N LEU A 24 -4.78 -6.67 4.77
CA LEU A 24 -6.15 -6.26 4.43
C LEU A 24 -6.87 -7.35 3.64
N GLU A 25 -8.09 -7.67 4.07
CA GLU A 25 -8.91 -8.68 3.39
C GLU A 25 -9.58 -8.09 2.16
N VAL A 26 -8.92 -8.23 1.02
CA VAL A 26 -9.43 -7.69 -0.24
C VAL A 26 -9.68 -8.80 -1.25
N GLU A 27 -9.93 -8.40 -2.49
CA GLU A 27 -10.17 -9.34 -3.57
C GLU A 27 -9.00 -9.30 -4.55
N SER A 28 -8.76 -10.39 -5.26
CA SER A 28 -7.65 -10.44 -6.21
C SER A 28 -7.76 -9.33 -7.25
N SER A 29 -8.97 -8.83 -7.45
CA SER A 29 -9.22 -7.79 -8.44
C SER A 29 -9.72 -6.50 -7.80
N ASP A 30 -9.76 -6.47 -6.46
CA ASP A 30 -10.22 -5.26 -5.74
C ASP A 30 -9.58 -4.01 -6.33
N THR A 31 -10.20 -2.85 -6.09
CA THR A 31 -9.66 -1.60 -6.59
C THR A 31 -8.75 -0.95 -5.55
N ILE A 32 -7.74 -0.22 -6.03
CA ILE A 32 -6.81 0.44 -5.13
C ILE A 32 -7.55 1.30 -4.12
N ASP A 33 -8.50 2.09 -4.58
CA ASP A 33 -9.28 2.95 -3.70
C ASP A 33 -9.81 2.15 -2.51
N ASN A 34 -10.34 0.96 -2.79
CA ASN A 34 -10.87 0.10 -1.73
C ASN A 34 -9.74 -0.35 -0.80
N VAL A 35 -8.59 -0.66 -1.40
CA VAL A 35 -7.43 -1.08 -0.62
C VAL A 35 -7.08 0.00 0.40
N LYS A 36 -7.11 1.26 -0.06
CA LYS A 36 -6.82 2.39 0.81
C LYS A 36 -7.84 2.46 1.94
N SER A 37 -9.12 2.59 1.58
CA SER A 37 -10.18 2.66 2.59
C SER A 37 -10.04 1.53 3.59
N LYS A 38 -9.91 0.30 3.08
CA LYS A 38 -9.75 -0.86 3.94
C LYS A 38 -8.66 -0.59 4.97
N ILE A 39 -7.65 0.16 4.57
CA ILE A 39 -6.56 0.51 5.48
C ILE A 39 -7.08 1.45 6.57
N GLN A 40 -7.94 2.41 6.18
CA GLN A 40 -8.49 3.35 7.15
C GLN A 40 -9.18 2.62 8.29
N ASP A 41 -9.70 1.43 7.98
CA ASP A 41 -10.36 0.63 9.00
C ASP A 41 -9.31 0.08 9.98
N LYS A 42 -8.07 -0.02 9.48
CA LYS A 42 -6.98 -0.54 10.27
C LYS A 42 -6.22 0.57 11.01
N GLU A 43 -5.96 1.70 10.32
CA GLU A 43 -5.20 2.79 10.95
C GLU A 43 -6.00 4.09 11.01
N GLY A 44 -7.28 4.04 10.64
CA GLY A 44 -8.12 5.24 10.67
C GLY A 44 -7.80 6.17 9.50
N ILE A 45 -6.52 6.28 9.19
CA ILE A 45 -6.05 7.14 8.10
C ILE A 45 -7.02 7.11 6.91
N PRO A 46 -7.44 8.26 6.43
CA PRO A 46 -8.38 8.35 5.29
C PRO A 46 -7.75 7.82 4.00
N PRO A 47 -8.49 7.06 3.23
CA PRO A 47 -8.00 6.47 1.95
C PRO A 47 -7.31 7.49 1.06
N ASP A 48 -7.90 8.67 0.96
CA ASP A 48 -7.35 9.74 0.12
C ASP A 48 -6.01 10.22 0.67
N GLN A 49 -5.83 10.10 1.99
CA GLN A 49 -4.60 10.53 2.63
C GLN A 49 -3.46 9.55 2.35
N GLN A 50 -3.78 8.37 1.84
CA GLN A 50 -2.77 7.36 1.55
C GLN A 50 -2.54 7.21 0.05
N ARG A 51 -1.30 6.84 -0.30
CA ARG A 51 -0.93 6.63 -1.70
C ARG A 51 -0.28 5.26 -1.83
N LEU A 52 -0.46 4.60 -2.98
CA LEU A 52 0.11 3.28 -3.19
C LEU A 52 1.23 3.33 -4.23
N ILE A 53 2.45 3.07 -3.78
CA ILE A 53 3.60 3.09 -4.67
C ILE A 53 4.20 1.68 -4.78
N TRP A 54 4.28 1.16 -5.99
CA TRP A 54 4.83 -0.18 -6.21
C TRP A 54 5.85 -0.17 -7.36
N ALA A 55 7.01 -0.78 -7.11
CA ALA A 55 8.06 -0.86 -8.11
C ALA A 55 8.44 0.52 -8.64
N GLY A 56 8.91 1.39 -7.74
CA GLY A 56 9.33 2.74 -8.14
C GLY A 56 8.24 3.52 -8.87
N LYS A 57 7.05 2.93 -9.01
CA LYS A 57 5.96 3.60 -9.71
C LYS A 57 4.77 3.81 -8.79
N GLN A 58 4.11 4.95 -8.94
CA GLN A 58 2.95 5.28 -8.12
C GLN A 58 1.69 4.70 -8.73
N LEU A 59 0.94 3.93 -7.94
CA LEU A 59 -0.29 3.30 -8.41
C LEU A 59 -1.46 4.29 -8.31
N GLU A 60 -2.38 4.20 -9.27
CA GLU A 60 -3.54 5.09 -9.29
C GLU A 60 -4.73 4.41 -8.60
N ASP A 61 -5.49 5.20 -7.85
CA ASP A 61 -6.65 4.68 -7.13
C ASP A 61 -7.63 3.99 -8.08
N GLY A 62 -7.58 4.36 -9.36
CA GLY A 62 -8.45 3.78 -10.37
C GLY A 62 -7.99 2.39 -10.80
N ARG A 63 -6.80 2.00 -10.38
CA ARG A 63 -6.24 0.69 -10.74
C ARG A 63 -6.92 -0.42 -9.96
N THR A 64 -6.74 -1.66 -10.43
CA THR A 64 -7.32 -2.82 -9.77
C THR A 64 -6.21 -3.74 -9.26
N LEU A 65 -6.59 -4.72 -8.46
CA LEU A 65 -5.64 -5.67 -7.90
C LEU A 65 -5.19 -6.68 -8.95
N SER A 66 -6.14 -7.16 -9.75
CA SER A 66 -5.84 -8.14 -10.79
C SER A 66 -5.21 -7.46 -12.00
N ASP A 67 -5.23 -6.13 -12.03
CA ASP A 67 -4.65 -5.38 -13.13
C ASP A 67 -3.14 -5.60 -13.21
N TYR A 68 -2.44 -5.23 -12.13
CA TYR A 68 -0.99 -5.39 -12.08
C TYR A 68 -0.61 -6.79 -11.62
N ASN A 69 -1.62 -7.64 -11.38
CA ASN A 69 -1.37 -9.00 -10.93
C ASN A 69 -0.78 -8.99 -9.52
N ILE A 70 -1.22 -8.02 -8.72
CA ILE A 70 -0.74 -7.86 -7.35
C ILE A 70 -0.98 -9.14 -6.54
N GLN A 71 -1.93 -9.97 -6.98
CA GLN A 71 -2.24 -11.22 -6.30
C GLN A 71 -2.52 -10.97 -4.82
N ARG A 72 -2.36 -12.01 -4.00
CA ARG A 72 -2.60 -11.90 -2.57
C ARG A 72 -1.29 -11.76 -1.79
N GLU A 73 -0.36 -12.69 -2.03
CA GLU A 73 0.93 -12.67 -1.34
C GLU A 73 1.83 -11.57 -1.89
N SER A 74 1.40 -10.32 -1.73
CA SER A 74 2.19 -9.19 -2.22
C SER A 74 2.32 -8.11 -1.14
N THR A 75 3.42 -7.36 -1.21
CA THR A 75 3.69 -6.28 -0.27
C THR A 75 3.29 -4.94 -0.88
N LEU A 76 2.15 -4.42 -0.46
CA LEU A 76 1.64 -3.16 -0.96
C LEU A 76 2.26 -1.98 -0.20
N HIS A 77 3.32 -1.41 -0.76
CA HIS A 77 3.98 -0.29 -0.11
C HIS A 77 3.08 0.94 -0.14
N LEU A 78 2.70 1.41 1.04
CA LEU A 78 1.83 2.58 1.16
C LEU A 78 2.57 3.73 1.84
N VAL A 79 2.18 4.95 1.53
CA VAL A 79 2.81 6.13 2.11
C VAL A 79 1.73 7.08 2.65
N LEU A 80 1.88 7.46 3.92
CA LEU A 80 0.92 8.34 4.56
C LEU A 80 1.24 9.81 4.28
N ARG A 81 0.23 10.55 3.79
CA ARG A 81 0.41 11.97 3.49
C ARG A 81 0.48 12.79 4.77
N LEU A 82 0.48 14.12 4.61
CA LEU A 82 0.54 15.01 5.75
C LEU A 82 -0.79 15.00 6.50
N ARG A 83 -0.91 14.07 7.45
CA ARG A 83 -2.12 13.94 8.24
C ARG A 83 -2.44 15.24 8.98
N GLY A 84 -1.48 16.15 9.02
CA GLY A 84 -1.66 17.43 9.71
C GLY A 84 -1.28 17.33 11.18
N GLY A 85 -0.02 17.01 11.43
CA GLY A 85 0.48 16.87 12.79
C GLY A 85 1.94 16.45 12.80
N SER A 86 2.19 15.18 13.12
CA SER A 86 3.56 14.67 13.16
C SER A 86 3.96 14.16 11.79
N MET A 87 4.53 15.06 10.98
CA MET A 87 4.96 14.69 9.63
C MET A 87 6.26 13.88 9.67
N GLY A 88 7.01 14.04 10.77
CA GLY A 88 8.27 13.31 10.93
C GLY A 88 9.39 13.99 10.17
N GLY A 89 9.04 14.90 9.26
CA GLY A 89 10.02 15.62 8.47
C GLY A 89 10.44 14.80 7.25
N ALA A 90 10.35 13.48 7.37
CA ALA A 90 10.70 12.57 6.29
C ALA A 90 9.52 12.44 5.33
N ALA A 91 8.47 11.75 5.77
CA ALA A 91 7.28 11.56 4.95
C ALA A 91 6.28 12.66 5.22
N ASP A 92 6.37 13.75 4.45
CA ASP A 92 5.46 14.88 4.63
C ASP A 92 4.19 14.70 3.81
N GLU A 93 4.23 15.11 2.54
CA GLU A 93 3.05 14.99 1.68
C GLU A 93 3.44 14.58 0.26
N GLU A 94 4.54 15.14 -0.24
CA GLU A 94 4.99 14.83 -1.60
C GLU A 94 6.30 14.04 -1.57
N GLU A 95 7.22 14.47 -0.71
CA GLU A 95 8.51 13.81 -0.58
C GLU A 95 8.34 12.37 -0.07
N LEU A 96 7.13 12.04 0.35
CA LEU A 96 6.82 10.70 0.85
C LEU A 96 6.77 9.68 -0.29
N ILE A 97 6.78 10.17 -1.53
CA ILE A 97 6.73 9.30 -2.70
C ILE A 97 8.13 9.04 -3.24
N ARG A 98 8.89 10.11 -3.47
CA ARG A 98 10.24 9.98 -4.00
C ARG A 98 11.16 9.29 -2.99
N LYS A 99 10.92 9.51 -1.70
CA LYS A 99 11.73 8.89 -0.66
C LYS A 99 11.38 7.42 -0.51
N ALA A 100 10.08 7.12 -0.62
CA ALA A 100 9.62 5.74 -0.50
C ALA A 100 9.98 4.95 -1.74
N ILE A 101 10.07 5.66 -2.86
CA ILE A 101 10.44 5.04 -4.13
C ILE A 101 11.92 4.64 -4.08
N GLU A 102 12.71 5.52 -3.49
CA GLU A 102 14.15 5.30 -3.38
C GLU A 102 14.54 4.62 -2.06
N LEU A 103 13.60 4.51 -1.13
CA LEU A 103 13.91 3.90 0.16
C LEU A 103 13.68 2.39 0.16
N SER A 104 12.42 1.99 0.19
CA SER A 104 12.07 0.56 0.24
C SER A 104 11.66 0.02 -1.13
N LEU A 105 11.47 0.91 -2.09
CA LEU A 105 11.04 0.48 -3.42
C LEU A 105 12.24 0.13 -4.29
N LYS A 106 13.35 0.82 -4.09
CA LYS A 106 14.55 0.55 -4.86
C LYS A 106 15.46 -0.42 -4.13
N GLU A 107 15.49 -0.31 -2.81
CA GLU A 107 16.33 -1.20 -1.99
C GLU A 107 15.86 -2.64 -2.11
N SER A 108 14.54 -2.82 -2.24
CA SER A 108 13.96 -4.16 -2.36
C SER A 108 14.57 -4.89 -3.56
N ARG A 109 14.73 -4.18 -4.67
CA ARG A 109 15.30 -4.77 -5.88
C ARG A 109 16.74 -5.24 -5.62
N ASN A 110 17.50 -4.43 -4.90
CA ASN A 110 18.89 -4.76 -4.59
C ASN A 110 18.94 -5.98 -3.66
N SER A 111 18.00 -6.02 -2.72
CA SER A 111 17.94 -7.14 -1.77
C SER A 111 17.60 -8.44 -2.51
N GLY A 112 16.67 -8.35 -3.45
CA GLY A 112 16.26 -9.53 -4.22
C GLY A 112 17.08 -9.66 -5.49
N GLY A 113 18.10 -8.82 -5.62
CA GLY A 113 18.96 -8.86 -6.81
C GLY A 113 19.72 -10.18 -6.88
N TYR A 114 20.25 -10.62 -5.74
CA TYR A 114 20.98 -11.87 -5.68
C TYR A 114 20.03 -13.06 -5.73
N MET A 1 -27.18 -20.01 -6.30
CA MET A 1 -28.07 -19.63 -5.16
C MET A 1 -27.37 -18.58 -4.31
N HIS A 2 -26.24 -18.95 -3.72
CA HIS A 2 -25.47 -18.03 -2.88
C HIS A 2 -24.03 -18.49 -2.74
N HIS A 3 -23.21 -17.66 -2.11
CA HIS A 3 -21.80 -17.98 -1.91
C HIS A 3 -21.43 -17.85 -0.43
N HIS A 4 -22.42 -17.46 0.38
CA HIS A 4 -22.21 -17.30 1.83
C HIS A 4 -21.26 -16.15 2.12
N HIS A 5 -19.95 -16.42 2.04
CA HIS A 5 -18.94 -15.41 2.30
C HIS A 5 -18.96 -14.97 3.76
N HIS A 6 -17.84 -14.44 4.23
CA HIS A 6 -17.74 -13.98 5.61
C HIS A 6 -16.76 -12.80 5.70
N HIS A 7 -15.61 -12.94 5.05
CA HIS A 7 -14.59 -11.90 5.05
C HIS A 7 -13.53 -12.18 3.99
N GLY A 8 -13.74 -13.25 3.24
CA GLY A 8 -12.79 -13.62 2.18
C GLY A 8 -11.80 -14.66 2.70
N GLU A 9 -10.76 -14.93 1.92
CA GLU A 9 -9.75 -15.89 2.31
C GLU A 9 -8.35 -15.41 1.92
N PHE A 10 -8.29 -14.39 1.08
CA PHE A 10 -7.02 -13.83 0.64
C PHE A 10 -6.83 -12.42 1.21
N GLN A 11 -5.79 -12.25 2.00
CA GLN A 11 -5.51 -10.96 2.60
C GLN A 11 -4.07 -10.53 2.30
N ILE A 12 -3.93 -9.39 1.62
CA ILE A 12 -2.60 -8.88 1.28
C ILE A 12 -1.99 -8.17 2.49
N PHE A 13 -0.80 -7.62 2.31
CA PHE A 13 -0.13 -6.90 3.39
C PHE A 13 0.24 -5.50 2.94
N ALA A 14 0.01 -4.53 3.81
CA ALA A 14 0.32 -3.13 3.51
C ALA A 14 1.33 -2.60 4.50
N LYS A 15 2.31 -1.85 4.00
CA LYS A 15 3.34 -1.29 4.87
C LYS A 15 3.47 0.20 4.65
N THR A 16 3.15 0.97 5.69
CA THR A 16 3.24 2.42 5.61
C THR A 16 4.71 2.86 5.50
N LEU A 17 4.93 4.12 5.17
CA LEU A 17 6.30 4.63 5.04
C LEU A 17 6.98 4.64 6.41
N THR A 18 6.18 4.54 7.47
CA THR A 18 6.72 4.52 8.82
C THR A 18 7.12 3.10 9.22
N GLY A 19 6.57 2.12 8.51
CA GLY A 19 6.89 0.72 8.79
C GLY A 19 5.79 0.02 9.59
N LYS A 20 4.54 0.25 9.20
CA LYS A 20 3.40 -0.37 9.88
C LYS A 20 2.84 -1.50 9.03
N THR A 21 2.94 -2.73 9.51
CA THR A 21 2.42 -3.88 8.78
C THR A 21 0.92 -4.03 9.02
N ILE A 22 0.15 -4.03 7.95
CA ILE A 22 -1.30 -4.14 8.05
C ILE A 22 -1.83 -5.20 7.09
N THR A 23 -2.62 -6.13 7.62
CA THR A 23 -3.20 -7.20 6.81
C THR A 23 -4.67 -6.91 6.51
N LEU A 24 -5.04 -6.94 5.24
CA LEU A 24 -6.42 -6.66 4.85
C LEU A 24 -6.94 -7.72 3.87
N GLU A 25 -8.18 -8.17 4.09
CA GLU A 25 -8.80 -9.17 3.23
C GLU A 25 -9.29 -8.52 1.95
N VAL A 26 -8.49 -8.62 0.89
CA VAL A 26 -8.84 -8.03 -0.40
C VAL A 26 -8.67 -9.03 -1.54
N GLU A 27 -8.83 -8.53 -2.77
CA GLU A 27 -8.69 -9.36 -3.96
C GLU A 27 -7.38 -9.04 -4.66
N SER A 28 -6.88 -10.00 -5.45
CA SER A 28 -5.62 -9.80 -6.17
C SER A 28 -5.78 -8.72 -7.24
N SER A 29 -7.02 -8.32 -7.52
CA SER A 29 -7.29 -7.31 -8.54
C SER A 29 -8.03 -6.10 -7.98
N ASP A 30 -8.32 -6.12 -6.68
CA ASP A 30 -9.03 -5.00 -6.06
C ASP A 30 -8.36 -3.68 -6.41
N THR A 31 -9.13 -2.75 -6.98
CA THR A 31 -8.57 -1.45 -7.36
C THR A 31 -7.87 -0.78 -6.20
N ILE A 32 -6.95 0.14 -6.49
CA ILE A 32 -6.22 0.84 -5.44
C ILE A 32 -7.20 1.50 -4.48
N ASP A 33 -8.26 2.10 -5.02
CA ASP A 33 -9.27 2.74 -4.17
C ASP A 33 -9.68 1.81 -3.04
N ASN A 34 -9.99 0.55 -3.39
CA ASN A 34 -10.38 -0.44 -2.39
C ASN A 34 -9.22 -0.70 -1.43
N VAL A 35 -8.00 -0.70 -1.99
CA VAL A 35 -6.81 -0.92 -1.18
C VAL A 35 -6.68 0.19 -0.14
N LYS A 36 -6.81 1.43 -0.61
CA LYS A 36 -6.73 2.59 0.28
C LYS A 36 -7.85 2.54 1.32
N SER A 37 -9.09 2.59 0.85
CA SER A 37 -10.24 2.55 1.77
C SER A 37 -10.07 1.42 2.77
N LYS A 38 -9.80 0.21 2.26
CA LYS A 38 -9.61 -0.94 3.13
C LYS A 38 -8.63 -0.58 4.25
N ILE A 39 -7.66 0.27 3.93
CA ILE A 39 -6.68 0.70 4.92
C ILE A 39 -7.34 1.56 5.99
N GLN A 40 -8.22 2.48 5.58
CA GLN A 40 -8.90 3.34 6.53
C GLN A 40 -9.69 2.52 7.54
N ASP A 41 -10.12 1.33 7.14
CA ASP A 41 -10.85 0.46 8.05
C ASP A 41 -9.89 -0.07 9.11
N LYS A 42 -8.62 -0.15 8.73
CA LYS A 42 -7.57 -0.66 9.62
C LYS A 42 -6.89 0.48 10.41
N GLU A 43 -6.67 1.63 9.77
CA GLU A 43 -5.99 2.75 10.43
C GLU A 43 -6.89 3.99 10.57
N GLY A 44 -8.15 3.85 10.18
CA GLY A 44 -9.10 4.98 10.29
C GLY A 44 -8.81 6.07 9.26
N ILE A 45 -7.52 6.41 9.11
CA ILE A 45 -7.11 7.47 8.18
C ILE A 45 -7.83 7.35 6.84
N PRO A 46 -8.43 8.43 6.38
CA PRO A 46 -9.18 8.45 5.09
C PRO A 46 -8.35 7.92 3.92
N PRO A 47 -8.96 7.16 3.04
CA PRO A 47 -8.28 6.58 1.84
C PRO A 47 -7.60 7.66 0.99
N ASP A 48 -8.20 8.85 0.96
CA ASP A 48 -7.67 9.95 0.16
C ASP A 48 -6.38 10.50 0.77
N GLN A 49 -6.06 10.09 1.99
CA GLN A 49 -4.85 10.55 2.67
C GLN A 49 -3.69 9.60 2.42
N GLN A 50 -3.98 8.42 1.88
CA GLN A 50 -2.94 7.43 1.61
C GLN A 50 -2.73 7.23 0.11
N ARG A 51 -1.53 6.80 -0.24
CA ARG A 51 -1.18 6.54 -1.64
C ARG A 51 -0.52 5.17 -1.74
N LEU A 52 -0.56 4.57 -2.92
CA LEU A 52 0.05 3.25 -3.12
C LEU A 52 1.24 3.37 -4.08
N ILE A 53 2.45 3.17 -3.54
CA ILE A 53 3.66 3.25 -4.36
C ILE A 53 4.30 1.88 -4.45
N TRP A 54 4.43 1.36 -5.68
CA TRP A 54 5.04 0.05 -5.89
C TRP A 54 5.91 0.05 -7.13
N ALA A 55 7.06 -0.62 -7.03
CA ALA A 55 8.01 -0.72 -8.15
C ALA A 55 8.39 0.67 -8.67
N GLY A 56 8.86 1.53 -7.76
CA GLY A 56 9.28 2.88 -8.12
C GLY A 56 8.19 3.68 -8.83
N LYS A 57 7.00 3.08 -8.99
CA LYS A 57 5.90 3.77 -9.66
C LYS A 57 4.74 4.02 -8.70
N GLN A 58 4.17 5.22 -8.80
CA GLN A 58 3.05 5.59 -7.95
C GLN A 58 1.75 5.05 -8.55
N LEU A 59 1.01 4.30 -7.73
CA LEU A 59 -0.25 3.72 -8.18
C LEU A 59 -1.41 4.65 -7.86
N GLU A 60 -2.51 4.52 -8.61
CA GLU A 60 -3.67 5.36 -8.40
C GLU A 60 -4.96 4.52 -8.38
N ASP A 61 -6.07 5.16 -8.02
CA ASP A 61 -7.36 4.49 -7.95
C ASP A 61 -7.66 3.77 -9.27
N GLY A 62 -7.25 4.38 -10.37
CA GLY A 62 -7.47 3.79 -11.70
C GLY A 62 -6.69 2.50 -11.87
N ARG A 63 -5.64 2.33 -11.06
CA ARG A 63 -4.81 1.13 -11.11
C ARG A 63 -5.43 0.02 -10.26
N THR A 64 -5.15 -1.22 -10.63
CA THR A 64 -5.68 -2.37 -9.91
C THR A 64 -4.56 -3.22 -9.31
N LEU A 65 -4.92 -4.04 -8.33
CA LEU A 65 -3.95 -4.92 -7.68
C LEU A 65 -3.35 -5.87 -8.70
N SER A 66 -4.20 -6.39 -9.58
CA SER A 66 -3.79 -7.32 -10.62
C SER A 66 -2.87 -6.64 -11.65
N ASP A 67 -2.77 -5.31 -11.55
CA ASP A 67 -1.92 -4.56 -12.46
C ASP A 67 -0.48 -5.05 -12.36
N TYR A 68 -0.03 -5.22 -11.12
CA TYR A 68 1.33 -5.69 -10.86
C TYR A 68 1.33 -7.16 -10.48
N ASN A 69 0.14 -7.75 -10.37
CA ASN A 69 0.00 -9.16 -10.01
C ASN A 69 0.27 -9.34 -8.53
N ILE A 70 -0.59 -8.73 -7.71
CA ILE A 70 -0.46 -8.80 -6.25
C ILE A 70 -1.30 -9.95 -5.69
N GLN A 71 -0.72 -10.69 -4.74
CA GLN A 71 -1.41 -11.81 -4.12
C GLN A 71 -1.53 -11.62 -2.61
N ARG A 72 -2.18 -12.56 -1.94
CA ARG A 72 -2.36 -12.49 -0.49
C ARG A 72 -1.00 -12.43 0.21
N GLU A 73 -0.12 -13.37 -0.14
CA GLU A 73 1.21 -13.42 0.45
C GLU A 73 2.14 -12.39 -0.18
N SER A 74 1.63 -11.17 -0.35
CA SER A 74 2.42 -10.09 -0.94
C SER A 74 2.53 -8.91 0.02
N THR A 75 3.61 -8.14 -0.13
CA THR A 75 3.85 -6.98 0.71
C THR A 75 3.72 -5.69 -0.10
N LEU A 76 2.64 -4.95 0.14
CA LEU A 76 2.40 -3.70 -0.57
C LEU A 76 2.94 -2.52 0.22
N HIS A 77 3.58 -1.59 -0.48
CA HIS A 77 4.13 -0.41 0.18
C HIS A 77 3.14 0.75 0.08
N LEU A 78 2.53 1.11 1.21
CA LEU A 78 1.56 2.19 1.25
C LEU A 78 2.20 3.47 1.77
N VAL A 79 1.79 4.59 1.19
CA VAL A 79 2.31 5.90 1.59
C VAL A 79 1.24 6.67 2.37
N LEU A 80 1.68 7.45 3.36
CA LEU A 80 0.75 8.23 4.18
C LEU A 80 1.09 9.72 4.11
N ARG A 81 0.27 10.46 3.36
CA ARG A 81 0.48 11.91 3.21
C ARG A 81 0.31 12.63 4.55
N LEU A 82 0.57 13.94 4.55
CA LEU A 82 0.45 14.73 5.77
C LEU A 82 -0.71 15.72 5.64
N ARG A 83 -1.77 15.47 6.39
CA ARG A 83 -2.93 16.36 6.37
C ARG A 83 -2.63 17.65 7.13
N GLY A 84 -1.74 17.56 8.11
CA GLY A 84 -1.36 18.72 8.91
C GLY A 84 -1.24 18.35 10.38
N GLY A 85 -0.04 17.96 10.79
CA GLY A 85 0.21 17.57 12.18
C GLY A 85 1.58 16.95 12.33
N SER A 86 2.50 17.68 12.97
CA SER A 86 3.86 17.20 13.19
C SER A 86 4.45 16.62 11.90
N MET A 87 4.23 17.33 10.79
CA MET A 87 4.73 16.89 9.49
C MET A 87 6.25 16.77 9.51
N GLY A 88 6.90 17.57 10.35
CA GLY A 88 8.35 17.55 10.45
C GLY A 88 8.86 16.14 10.73
N GLY A 89 9.59 15.58 9.77
CA GLY A 89 10.13 14.22 9.91
C GLY A 89 10.68 13.72 8.58
N ALA A 90 10.85 12.40 8.49
CA ALA A 90 11.37 11.79 7.27
C ALA A 90 10.28 11.74 6.20
N ALA A 91 9.09 11.31 6.59
CA ALA A 91 7.97 11.21 5.67
C ALA A 91 6.96 12.33 5.93
N ASP A 92 7.04 13.39 5.14
CA ASP A 92 6.12 14.50 5.28
C ASP A 92 4.87 14.27 4.45
N GLU A 93 4.76 14.95 3.31
CA GLU A 93 3.61 14.80 2.44
C GLU A 93 4.02 14.44 1.02
N GLU A 94 5.15 14.99 0.56
CA GLU A 94 5.62 14.72 -0.80
C GLU A 94 6.92 13.92 -0.78
N GLU A 95 7.85 14.30 0.08
CA GLU A 95 9.13 13.61 0.19
C GLU A 95 8.94 12.17 0.62
N LEU A 96 7.71 11.84 1.01
CA LEU A 96 7.37 10.50 1.44
C LEU A 96 7.23 9.55 0.25
N ILE A 97 7.22 10.12 -0.96
CA ILE A 97 7.09 9.33 -2.18
C ILE A 97 8.48 9.04 -2.78
N ARG A 98 9.26 10.10 -2.97
CA ARG A 98 10.60 9.96 -3.54
C ARG A 98 11.47 9.06 -2.65
N LYS A 99 11.27 9.16 -1.34
CA LYS A 99 12.05 8.36 -0.41
C LYS A 99 11.49 6.94 -0.32
N ALA A 100 10.19 6.80 -0.53
CA ALA A 100 9.54 5.49 -0.51
C ALA A 100 10.01 4.67 -1.71
N ILE A 101 10.39 5.39 -2.76
CA ILE A 101 10.87 4.75 -3.99
C ILE A 101 12.36 4.44 -3.87
N GLU A 102 13.08 5.27 -3.10
CA GLU A 102 14.52 5.11 -2.95
C GLU A 102 14.93 4.25 -1.74
N LEU A 103 14.02 3.94 -0.83
CA LEU A 103 14.41 3.15 0.34
C LEU A 103 14.11 1.64 0.18
N SER A 104 12.83 1.27 0.19
CA SER A 104 12.46 -0.14 0.08
C SER A 104 12.04 -0.53 -1.33
N LEU A 105 11.87 0.45 -2.19
CA LEU A 105 11.42 0.18 -3.55
C LEU A 105 12.58 0.03 -4.51
N LYS A 106 13.61 0.86 -4.37
CA LYS A 106 14.77 0.79 -5.26
C LYS A 106 15.37 -0.62 -5.23
N GLU A 107 15.13 -1.34 -4.14
CA GLU A 107 15.63 -2.70 -3.99
C GLU A 107 14.60 -3.70 -4.50
N SER A 108 13.33 -3.29 -4.48
CA SER A 108 12.24 -4.14 -4.94
C SER A 108 12.23 -4.22 -6.46
N ARG A 109 13.08 -3.43 -7.10
CA ARG A 109 13.18 -3.42 -8.57
C ARG A 109 13.37 -4.84 -9.10
N ASN A 110 13.96 -5.70 -8.28
CA ASN A 110 14.20 -7.09 -8.69
C ASN A 110 12.89 -7.76 -9.09
N SER A 111 11.84 -7.48 -8.33
CA SER A 111 10.53 -8.06 -8.61
C SER A 111 9.97 -7.51 -9.92
N GLY A 112 10.40 -6.30 -10.29
CA GLY A 112 9.94 -5.67 -11.51
C GLY A 112 10.47 -6.40 -12.74
N GLY A 113 11.37 -7.35 -12.53
CA GLY A 113 11.94 -8.12 -13.63
C GLY A 113 10.97 -9.19 -14.12
N TYR A 114 9.96 -9.49 -13.30
CA TYR A 114 8.95 -10.50 -13.65
C TYR A 114 9.63 -11.79 -14.13
N MET A 1 -28.63 -18.32 6.21
CA MET A 1 -29.27 -17.93 7.50
C MET A 1 -28.40 -16.90 8.20
N HIS A 2 -28.74 -16.59 9.45
CA HIS A 2 -27.98 -15.61 10.23
C HIS A 2 -26.55 -16.09 10.42
N HIS A 3 -26.38 -17.39 10.61
CA HIS A 3 -25.06 -17.98 10.80
C HIS A 3 -24.24 -17.89 9.52
N HIS A 4 -23.46 -16.82 9.39
CA HIS A 4 -22.64 -16.61 8.21
C HIS A 4 -21.34 -17.40 8.31
N HIS A 5 -21.35 -18.61 7.75
CA HIS A 5 -20.16 -19.46 7.77
C HIS A 5 -19.42 -19.39 6.44
N HIS A 6 -18.14 -19.05 6.49
CA HIS A 6 -17.33 -18.94 5.27
C HIS A 6 -15.86 -19.17 5.58
N HIS A 7 -15.05 -19.24 4.52
CA HIS A 7 -13.61 -19.46 4.68
C HIS A 7 -12.87 -19.10 3.39
N GLY A 8 -13.57 -18.42 2.48
CA GLY A 8 -12.98 -18.02 1.21
C GLY A 8 -12.76 -16.51 1.16
N GLU A 9 -11.52 -16.09 1.38
CA GLU A 9 -11.18 -14.67 1.35
C GLU A 9 -9.66 -14.50 1.28
N PHE A 10 -9.23 -13.40 0.66
CA PHE A 10 -7.80 -13.13 0.52
C PHE A 10 -7.49 -11.73 1.05
N GLN A 11 -6.57 -11.66 2.00
CA GLN A 11 -6.17 -10.39 2.58
C GLN A 11 -4.70 -10.11 2.34
N ILE A 12 -4.40 -9.02 1.64
CA ILE A 12 -3.01 -8.66 1.34
C ILE A 12 -2.39 -7.93 2.53
N PHE A 13 -1.16 -7.46 2.34
CA PHE A 13 -0.47 -6.74 3.40
C PHE A 13 -0.01 -5.38 2.91
N ALA A 14 -0.25 -4.36 3.75
CA ALA A 14 0.16 -3.00 3.42
C ALA A 14 1.16 -2.51 4.45
N LYS A 15 2.28 -1.98 3.98
CA LYS A 15 3.31 -1.49 4.89
C LYS A 15 3.61 -0.02 4.64
N THR A 16 3.39 0.80 5.67
CA THR A 16 3.65 2.22 5.57
C THR A 16 5.15 2.49 5.61
N LEU A 17 5.55 3.65 5.10
CA LEU A 17 6.97 4.01 5.08
C LEU A 17 7.51 4.10 6.51
N THR A 18 6.60 4.22 7.48
CA THR A 18 6.98 4.31 8.88
C THR A 18 7.31 2.93 9.44
N GLY A 19 6.85 1.89 8.75
CA GLY A 19 7.10 0.52 9.17
C GLY A 19 5.88 -0.08 9.86
N LYS A 20 4.68 0.32 9.43
CA LYS A 20 3.45 -0.20 10.02
C LYS A 20 2.79 -1.20 9.07
N THR A 21 2.61 -2.44 9.54
CA THR A 21 1.99 -3.48 8.73
C THR A 21 0.47 -3.46 8.89
N ILE A 22 -0.24 -3.50 7.77
CA ILE A 22 -1.70 -3.47 7.78
C ILE A 22 -2.26 -4.56 6.87
N THR A 23 -3.12 -5.41 7.44
CA THR A 23 -3.73 -6.50 6.69
C THR A 23 -5.19 -6.16 6.37
N LEU A 24 -5.53 -6.18 5.07
CA LEU A 24 -6.89 -5.87 4.64
C LEU A 24 -7.39 -6.91 3.64
N GLU A 25 -8.67 -7.28 3.79
CA GLU A 25 -9.29 -8.26 2.90
C GLU A 25 -9.62 -7.62 1.56
N VAL A 26 -8.86 -8.00 0.53
CA VAL A 26 -9.08 -7.46 -0.81
C VAL A 26 -9.08 -8.58 -1.84
N GLU A 27 -9.96 -8.44 -2.84
CA GLU A 27 -10.07 -9.44 -3.89
C GLU A 27 -8.81 -9.41 -4.77
N SER A 28 -8.59 -10.48 -5.52
CA SER A 28 -7.40 -10.55 -6.38
C SER A 28 -7.42 -9.45 -7.43
N SER A 29 -8.60 -8.93 -7.74
CA SER A 29 -8.75 -7.90 -8.76
C SER A 29 -9.24 -6.58 -8.17
N ASP A 30 -9.38 -6.52 -6.85
CA ASP A 30 -9.86 -5.31 -6.19
C ASP A 30 -9.09 -4.09 -6.70
N THR A 31 -9.69 -2.91 -6.53
CA THR A 31 -9.05 -1.68 -6.98
C THR A 31 -8.40 -0.95 -5.80
N ILE A 32 -7.54 0.01 -6.10
CA ILE A 32 -6.87 0.77 -5.05
C ILE A 32 -7.89 1.35 -4.08
N ASP A 33 -8.93 1.98 -4.62
CA ASP A 33 -9.98 2.58 -3.80
C ASP A 33 -10.38 1.63 -2.67
N ASN A 34 -10.55 0.36 -3.01
CA ASN A 34 -10.92 -0.65 -2.02
C ASN A 34 -9.79 -0.83 -1.01
N VAL A 35 -8.56 -0.74 -1.49
CA VAL A 35 -7.39 -0.87 -0.63
C VAL A 35 -7.36 0.28 0.37
N LYS A 36 -7.50 1.50 -0.13
CA LYS A 36 -7.49 2.68 0.74
C LYS A 36 -8.62 2.58 1.75
N SER A 37 -9.85 2.57 1.27
CA SER A 37 -11.02 2.47 2.16
C SER A 37 -10.79 1.39 3.22
N LYS A 38 -10.37 0.21 2.76
CA LYS A 38 -10.10 -0.90 3.68
C LYS A 38 -9.15 -0.46 4.78
N ILE A 39 -8.26 0.47 4.46
CA ILE A 39 -7.29 0.96 5.44
C ILE A 39 -7.99 1.78 6.54
N GLN A 40 -8.87 2.69 6.13
CA GLN A 40 -9.59 3.52 7.10
C GLN A 40 -10.49 2.66 7.99
N ASP A 41 -10.85 1.48 7.50
CA ASP A 41 -11.70 0.59 8.28
C ASP A 41 -10.87 -0.09 9.37
N LYS A 42 -9.63 -0.41 9.03
CA LYS A 42 -8.74 -1.09 9.97
C LYS A 42 -7.92 -0.10 10.82
N GLU A 43 -7.49 1.02 10.22
CA GLU A 43 -6.68 1.99 10.95
C GLU A 43 -7.36 3.36 11.05
N GLY A 44 -8.62 3.46 10.62
CA GLY A 44 -9.35 4.72 10.70
C GLY A 44 -8.80 5.76 9.71
N ILE A 45 -7.48 5.87 9.66
CA ILE A 45 -6.82 6.83 8.78
C ILE A 45 -7.53 6.96 7.42
N PRO A 46 -7.93 8.15 7.06
CA PRO A 46 -8.64 8.42 5.77
C PRO A 46 -7.94 7.76 4.58
N PRO A 47 -8.70 7.23 3.66
CA PRO A 47 -8.15 6.57 2.44
C PRO A 47 -7.38 7.55 1.56
N ASP A 48 -7.91 8.77 1.43
CA ASP A 48 -7.27 9.79 0.61
C ASP A 48 -5.90 10.17 1.18
N GLN A 49 -5.85 10.35 2.49
CA GLN A 49 -4.60 10.72 3.15
C GLN A 49 -3.51 9.69 2.88
N GLN A 50 -3.91 8.56 2.29
CA GLN A 50 -2.96 7.50 1.99
C GLN A 50 -2.81 7.33 0.47
N ARG A 51 -1.66 6.77 0.07
CA ARG A 51 -1.37 6.54 -1.35
C ARG A 51 -0.67 5.20 -1.51
N LEU A 52 -0.55 4.72 -2.75
CA LEU A 52 0.12 3.45 -3.01
C LEU A 52 1.30 3.67 -3.96
N ILE A 53 2.51 3.54 -3.43
CA ILE A 53 3.72 3.72 -4.25
C ILE A 53 4.46 2.39 -4.39
N TRP A 54 4.69 1.97 -5.62
CA TRP A 54 5.40 0.72 -5.87
C TRP A 54 6.06 0.73 -7.25
N ALA A 55 7.31 0.25 -7.27
CA ALA A 55 8.07 0.17 -8.51
C ALA A 55 8.50 1.55 -9.01
N GLY A 56 8.93 2.40 -8.08
CA GLY A 56 9.40 3.74 -8.43
C GLY A 56 8.32 4.60 -9.06
N LYS A 57 7.11 4.05 -9.17
CA LYS A 57 6.00 4.80 -9.78
C LYS A 57 4.81 4.83 -8.84
N GLN A 58 4.17 5.99 -8.76
CA GLN A 58 3.00 6.17 -7.92
C GLN A 58 1.81 5.46 -8.55
N LEU A 59 1.16 4.59 -7.79
CA LEU A 59 0.01 3.86 -8.31
C LEU A 59 -1.23 4.75 -8.35
N GLU A 60 -2.00 4.63 -9.43
CA GLU A 60 -3.21 5.41 -9.60
C GLU A 60 -4.43 4.63 -9.10
N ASP A 61 -5.36 5.33 -8.47
CA ASP A 61 -6.56 4.70 -7.93
C ASP A 61 -7.24 3.80 -8.97
N GLY A 62 -6.98 4.08 -10.25
CA GLY A 62 -7.58 3.28 -11.33
C GLY A 62 -6.88 1.92 -11.49
N ARG A 63 -5.87 1.68 -10.65
CA ARG A 63 -5.13 0.42 -10.71
C ARG A 63 -5.91 -0.70 -10.04
N THR A 64 -5.72 -1.93 -10.54
CA THR A 64 -6.40 -3.09 -9.99
C THR A 64 -5.41 -4.03 -9.32
N LEU A 65 -5.95 -5.03 -8.63
CA LEU A 65 -5.11 -6.02 -7.95
C LEU A 65 -4.70 -7.12 -8.93
N SER A 66 -5.63 -7.45 -9.82
CA SER A 66 -5.39 -8.48 -10.83
C SER A 66 -4.45 -7.98 -11.92
N ASP A 67 -4.17 -6.67 -11.88
CA ASP A 67 -3.27 -6.06 -12.86
C ASP A 67 -1.94 -6.81 -12.89
N TYR A 68 -1.25 -6.82 -11.75
CA TYR A 68 0.03 -7.50 -11.64
C TYR A 68 -0.15 -8.89 -11.03
N ASN A 69 -1.39 -9.23 -10.73
CA ASN A 69 -1.71 -10.53 -10.12
C ASN A 69 -1.25 -10.55 -8.66
N ILE A 70 -1.39 -9.40 -8.00
CA ILE A 70 -1.00 -9.27 -6.60
C ILE A 70 -1.67 -10.35 -5.74
N GLN A 71 -0.85 -11.18 -5.11
CA GLN A 71 -1.37 -12.26 -4.27
C GLN A 71 -1.44 -11.81 -2.81
N ARG A 72 -2.37 -12.41 -2.06
CA ARG A 72 -2.54 -12.08 -0.65
C ARG A 72 -1.19 -12.04 0.08
N GLU A 73 -0.32 -12.99 -0.25
CA GLU A 73 1.00 -13.05 0.38
C GLU A 73 1.94 -12.01 -0.24
N SER A 74 1.48 -10.76 -0.31
CA SER A 74 2.28 -9.69 -0.87
C SER A 74 2.36 -8.49 0.09
N THR A 75 3.47 -7.75 0.01
CA THR A 75 3.66 -6.58 0.85
C THR A 75 3.53 -5.31 0.02
N LEU A 76 2.41 -4.62 0.19
CA LEU A 76 2.15 -3.39 -0.56
C LEU A 76 2.69 -2.17 0.17
N HIS A 77 3.54 -1.42 -0.52
CA HIS A 77 4.13 -0.20 0.05
C HIS A 77 3.10 0.91 0.02
N LEU A 78 2.54 1.23 1.19
CA LEU A 78 1.52 2.29 1.28
C LEU A 78 2.14 3.59 1.77
N VAL A 79 1.79 4.68 1.09
CA VAL A 79 2.30 6.00 1.46
C VAL A 79 1.26 6.74 2.31
N LEU A 80 1.72 7.49 3.30
CA LEU A 80 0.82 8.24 4.16
C LEU A 80 1.17 9.73 4.16
N ARG A 81 0.46 10.50 3.35
CA ARG A 81 0.72 11.94 3.25
C ARG A 81 0.09 12.69 4.43
N LEU A 82 0.41 13.97 4.53
CA LEU A 82 -0.10 14.81 5.61
C LEU A 82 -1.39 15.51 5.19
N ARG A 83 -2.31 15.66 6.14
CA ARG A 83 -3.58 16.32 5.89
C ARG A 83 -3.69 17.59 6.73
N GLY A 84 -3.01 17.59 7.87
CA GLY A 84 -3.03 18.74 8.77
C GLY A 84 -2.00 18.57 9.90
N GLY A 85 -2.39 17.85 10.93
CA GLY A 85 -1.49 17.61 12.07
C GLY A 85 -0.74 16.30 11.90
N SER A 86 0.24 16.08 12.79
CA SER A 86 1.05 14.86 12.75
C SER A 86 1.92 14.83 11.50
N MET A 87 3.21 15.13 11.69
CA MET A 87 4.16 15.14 10.58
C MET A 87 4.96 13.83 10.55
N GLY A 88 5.49 13.44 11.70
CA GLY A 88 6.27 12.21 11.80
C GLY A 88 7.77 12.52 11.75
N GLY A 89 8.40 12.19 10.63
CA GLY A 89 9.83 12.43 10.45
C GLY A 89 10.24 12.19 9.01
N ALA A 90 10.78 11.00 8.74
CA ALA A 90 11.21 10.64 7.39
C ALA A 90 10.06 10.79 6.41
N ALA A 91 8.91 10.23 6.77
CA ALA A 91 7.73 10.30 5.93
C ALA A 91 6.83 11.44 6.39
N ASP A 92 6.45 12.32 5.46
CA ASP A 92 5.59 13.45 5.79
C ASP A 92 4.50 13.62 4.74
N GLU A 93 4.90 13.87 3.50
CA GLU A 93 3.94 14.04 2.41
C GLU A 93 4.62 13.84 1.07
N GLU A 94 5.58 14.70 0.76
CA GLU A 94 6.31 14.60 -0.50
C GLU A 94 7.48 13.64 -0.34
N GLU A 95 8.22 13.80 0.76
CA GLU A 95 9.38 12.97 1.04
C GLU A 95 9.00 11.49 0.97
N LEU A 96 8.05 11.08 1.80
CA LEU A 96 7.60 9.69 1.85
C LEU A 96 7.52 9.04 0.45
N ILE A 97 7.25 9.86 -0.57
CA ILE A 97 7.15 9.33 -1.93
C ILE A 97 8.54 9.25 -2.57
N ARG A 98 9.19 10.39 -2.73
CA ARG A 98 10.53 10.41 -3.33
C ARG A 98 11.46 9.51 -2.53
N LYS A 99 11.23 9.43 -1.22
CA LYS A 99 12.03 8.58 -0.36
C LYS A 99 11.80 7.12 -0.72
N ALA A 100 10.60 6.62 -0.39
CA ALA A 100 10.23 5.24 -0.64
C ALA A 100 10.76 4.75 -2.00
N ILE A 101 10.89 5.68 -2.95
CA ILE A 101 11.38 5.33 -4.28
C ILE A 101 12.90 5.14 -4.26
N GLU A 102 13.60 6.00 -3.53
CA GLU A 102 15.06 5.93 -3.46
C GLU A 102 15.58 4.95 -2.40
N LEU A 103 14.76 4.62 -1.40
CA LEU A 103 15.21 3.71 -0.34
C LEU A 103 14.80 2.24 -0.55
N SER A 104 13.50 1.96 -0.45
CA SER A 104 13.01 0.58 -0.57
C SER A 104 12.79 0.14 -2.01
N LEU A 105 12.81 1.10 -2.93
CA LEU A 105 12.60 0.78 -4.34
C LEU A 105 13.91 0.42 -5.04
N LYS A 106 14.98 1.13 -4.70
CA LYS A 106 16.28 0.87 -5.29
C LYS A 106 16.87 -0.40 -4.69
N GLU A 107 16.26 -0.86 -3.61
CA GLU A 107 16.71 -2.07 -2.93
C GLU A 107 15.98 -3.28 -3.50
N SER A 108 14.84 -3.03 -4.13
CA SER A 108 14.04 -4.10 -4.73
C SER A 108 14.39 -4.26 -6.21
N ARG A 109 14.73 -3.15 -6.85
CA ARG A 109 15.09 -3.17 -8.27
C ARG A 109 16.45 -3.82 -8.47
N ASN A 110 17.13 -4.11 -7.36
CA ASN A 110 18.45 -4.74 -7.42
C ASN A 110 18.38 -6.09 -8.11
N SER A 111 17.21 -6.73 -8.03
CA SER A 111 17.01 -8.04 -8.66
C SER A 111 16.96 -7.90 -10.18
N GLY A 112 16.83 -6.67 -10.66
CA GLY A 112 16.77 -6.40 -12.09
C GLY A 112 18.03 -6.91 -12.79
N GLY A 113 19.12 -7.04 -12.02
CA GLY A 113 20.38 -7.52 -12.58
C GLY A 113 20.21 -8.89 -13.22
N TYR A 114 19.38 -9.73 -12.60
CA TYR A 114 19.12 -11.07 -13.12
C TYR A 114 18.26 -10.99 -14.38
N MET A 1 -13.58 -24.39 -5.44
CA MET A 1 -13.51 -25.86 -5.70
C MET A 1 -14.23 -26.18 -7.00
N HIS A 2 -14.13 -27.43 -7.43
CA HIS A 2 -14.79 -27.87 -8.66
C HIS A 2 -16.30 -27.66 -8.57
N HIS A 3 -16.90 -28.11 -7.47
CA HIS A 3 -18.33 -27.98 -7.27
C HIS A 3 -18.62 -27.01 -6.11
N HIS A 4 -17.82 -27.11 -5.05
CA HIS A 4 -17.99 -26.25 -3.89
C HIS A 4 -17.49 -24.84 -4.18
N HIS A 5 -18.35 -23.86 -3.95
CA HIS A 5 -18.00 -22.46 -4.18
C HIS A 5 -17.14 -21.93 -3.02
N HIS A 6 -17.58 -20.84 -2.40
CA HIS A 6 -16.87 -20.25 -1.27
C HIS A 6 -15.51 -19.70 -1.73
N HIS A 7 -15.42 -18.38 -1.84
CA HIS A 7 -14.19 -17.73 -2.25
C HIS A 7 -14.19 -16.25 -1.81
N GLY A 8 -13.41 -15.95 -0.78
CA GLY A 8 -13.32 -14.60 -0.26
C GLY A 8 -12.61 -14.59 1.08
N GLU A 9 -11.40 -15.15 1.10
CA GLU A 9 -10.61 -15.21 2.33
C GLU A 9 -9.16 -14.87 2.01
N PHE A 10 -8.97 -13.83 1.22
CA PHE A 10 -7.64 -13.39 0.84
C PHE A 10 -7.35 -12.01 1.42
N GLN A 11 -6.29 -11.93 2.23
CA GLN A 11 -5.92 -10.68 2.86
C GLN A 11 -4.51 -10.27 2.45
N ILE A 12 -4.39 -9.18 1.71
CA ILE A 12 -3.08 -8.71 1.26
C ILE A 12 -2.34 -8.05 2.43
N PHE A 13 -1.12 -7.60 2.16
CA PHE A 13 -0.31 -6.96 3.19
C PHE A 13 0.22 -5.63 2.66
N ALA A 14 0.13 -4.60 3.49
CA ALA A 14 0.62 -3.28 3.10
C ALA A 14 1.69 -2.80 4.07
N LYS A 15 2.70 -2.13 3.54
CA LYS A 15 3.78 -1.63 4.38
C LYS A 15 4.09 -0.17 4.06
N THR A 16 3.95 0.68 5.06
CA THR A 16 4.21 2.10 4.89
C THR A 16 5.70 2.39 4.96
N LEU A 17 6.06 3.66 4.73
CA LEU A 17 7.46 4.08 4.76
C LEU A 17 8.09 3.69 6.09
N THR A 18 7.42 4.02 7.18
CA THR A 18 7.91 3.71 8.52
C THR A 18 8.12 2.20 8.69
N GLY A 19 7.46 1.41 7.85
CA GLY A 19 7.58 -0.04 7.92
C GLY A 19 6.46 -0.66 8.75
N LYS A 20 5.26 -0.11 8.64
CA LYS A 20 4.11 -0.63 9.38
C LYS A 20 3.37 -1.67 8.55
N THR A 21 3.29 -2.89 9.07
CA THR A 21 2.60 -3.97 8.37
C THR A 21 1.11 -3.95 8.67
N ILE A 22 0.30 -3.90 7.60
CA ILE A 22 -1.15 -3.87 7.74
C ILE A 22 -1.80 -4.88 6.80
N THR A 23 -2.68 -5.71 7.35
CA THR A 23 -3.37 -6.72 6.57
C THR A 23 -4.83 -6.33 6.33
N LEU A 24 -5.26 -6.37 5.07
CA LEU A 24 -6.64 -6.00 4.73
C LEU A 24 -7.27 -7.04 3.80
N GLU A 25 -8.54 -7.37 4.05
CA GLU A 25 -9.27 -8.35 3.25
C GLU A 25 -9.67 -7.76 1.90
N VAL A 26 -9.09 -8.31 0.82
CA VAL A 26 -9.37 -7.83 -0.52
C VAL A 26 -9.31 -8.97 -1.54
N GLU A 27 -9.35 -8.59 -2.82
CA GLU A 27 -9.28 -9.56 -3.91
C GLU A 27 -8.01 -9.36 -4.73
N SER A 28 -7.66 -10.36 -5.53
CA SER A 28 -6.46 -10.27 -6.36
C SER A 28 -6.59 -9.15 -7.39
N SER A 29 -7.81 -8.72 -7.63
CA SER A 29 -8.09 -7.67 -8.62
C SER A 29 -8.67 -6.43 -7.95
N ASP A 30 -8.73 -6.44 -6.61
CA ASP A 30 -9.28 -5.29 -5.87
C ASP A 30 -8.72 -3.98 -6.44
N THR A 31 -9.48 -2.90 -6.29
CA THR A 31 -9.04 -1.61 -6.80
C THR A 31 -8.35 -0.81 -5.70
N ILE A 32 -7.50 0.13 -6.11
CA ILE A 32 -6.77 0.96 -5.15
C ILE A 32 -7.75 1.63 -4.18
N ASP A 33 -8.76 2.31 -4.72
CA ASP A 33 -9.75 2.98 -3.89
C ASP A 33 -10.26 2.03 -2.80
N ASN A 34 -10.49 0.78 -3.19
CA ASN A 34 -10.95 -0.23 -2.25
C ASN A 34 -9.82 -0.60 -1.29
N VAL A 35 -8.62 -0.71 -1.84
CA VAL A 35 -7.44 -1.03 -1.04
C VAL A 35 -7.26 0.04 0.04
N LYS A 36 -7.36 1.30 -0.37
CA LYS A 36 -7.22 2.42 0.55
C LYS A 36 -8.32 2.37 1.61
N SER A 37 -9.57 2.48 1.18
CA SER A 37 -10.70 2.44 2.11
C SER A 37 -10.54 1.27 3.08
N LYS A 38 -10.29 0.09 2.53
CA LYS A 38 -10.11 -1.10 3.37
C LYS A 38 -9.08 -0.83 4.45
N ILE A 39 -8.07 -0.01 4.11
CA ILE A 39 -7.03 0.33 5.08
C ILE A 39 -7.56 1.28 6.15
N GLN A 40 -8.35 2.27 5.74
CA GLN A 40 -8.89 3.24 6.70
C GLN A 40 -9.66 2.52 7.80
N ASP A 41 -10.21 1.35 7.48
CA ASP A 41 -10.95 0.57 8.46
C ASP A 41 -9.98 0.03 9.50
N LYS A 42 -8.72 -0.14 9.10
CA LYS A 42 -7.69 -0.67 9.98
C LYS A 42 -6.93 0.43 10.70
N GLU A 43 -6.62 1.54 10.00
CA GLU A 43 -5.86 2.63 10.62
C GLU A 43 -6.68 3.91 10.74
N GLY A 44 -7.95 3.84 10.37
CA GLY A 44 -8.84 5.01 10.47
C GLY A 44 -8.54 6.06 9.40
N ILE A 45 -7.25 6.33 9.16
CA ILE A 45 -6.84 7.32 8.19
C ILE A 45 -7.68 7.23 6.90
N PRO A 46 -8.38 8.29 6.55
CA PRO A 46 -9.25 8.34 5.34
C PRO A 46 -8.51 7.88 4.08
N PRO A 47 -9.17 7.11 3.23
CA PRO A 47 -8.59 6.60 1.96
C PRO A 47 -7.91 7.68 1.13
N ASP A 48 -8.60 8.81 0.98
CA ASP A 48 -8.07 9.93 0.21
C ASP A 48 -6.79 10.46 0.84
N GLN A 49 -6.81 10.61 2.17
CA GLN A 49 -5.63 11.10 2.88
C GLN A 49 -4.44 10.18 2.66
N GLN A 50 -4.70 8.99 2.11
CA GLN A 50 -3.64 8.02 1.85
C GLN A 50 -3.47 7.78 0.35
N ARG A 51 -2.30 7.28 -0.01
CA ARG A 51 -1.99 6.97 -1.40
C ARG A 51 -1.04 5.78 -1.44
N LEU A 52 -0.91 5.14 -2.60
CA LEU A 52 -0.04 3.97 -2.72
C LEU A 52 1.03 4.18 -3.77
N ILE A 53 2.29 3.94 -3.37
CA ILE A 53 3.43 4.09 -4.27
C ILE A 53 4.08 2.72 -4.46
N TRP A 54 4.19 2.26 -5.70
CA TRP A 54 4.79 0.96 -5.98
C TRP A 54 5.51 0.95 -7.33
N ALA A 55 6.71 0.38 -7.33
CA ALA A 55 7.52 0.27 -8.54
C ALA A 55 7.98 1.64 -9.04
N GLY A 56 8.49 2.46 -8.13
CA GLY A 56 9.00 3.79 -8.48
C GLY A 56 7.92 4.69 -9.08
N LYS A 57 6.69 4.18 -9.15
CA LYS A 57 5.60 4.96 -9.72
C LYS A 57 4.39 4.99 -8.78
N GLN A 58 3.84 6.17 -8.57
CA GLN A 58 2.68 6.32 -7.70
C GLN A 58 1.50 5.57 -8.31
N LEU A 59 0.95 4.62 -7.55
CA LEU A 59 -0.18 3.84 -8.04
C LEU A 59 -1.43 4.71 -8.20
N GLU A 60 -1.99 4.70 -9.40
CA GLU A 60 -3.20 5.48 -9.66
C GLU A 60 -4.41 4.80 -9.05
N ASP A 61 -5.18 5.57 -8.28
CA ASP A 61 -6.36 5.04 -7.60
C ASP A 61 -7.29 4.28 -8.55
N GLY A 62 -7.15 4.51 -9.85
CA GLY A 62 -8.00 3.86 -10.84
C GLY A 62 -7.47 2.48 -11.24
N ARG A 63 -6.30 2.10 -10.71
CA ARG A 63 -5.71 0.80 -11.05
C ARG A 63 -6.28 -0.30 -10.17
N THR A 64 -5.97 -1.56 -10.52
CA THR A 64 -6.45 -2.71 -9.77
C THR A 64 -5.29 -3.50 -9.19
N LEU A 65 -5.62 -4.56 -8.46
CA LEU A 65 -4.62 -5.42 -7.85
C LEU A 65 -4.05 -6.39 -8.88
N SER A 66 -4.94 -6.87 -9.75
CA SER A 66 -4.55 -7.82 -10.81
C SER A 66 -3.59 -7.16 -11.81
N ASP A 67 -3.41 -5.84 -11.69
CA ASP A 67 -2.50 -5.12 -12.58
C ASP A 67 -1.12 -5.79 -12.58
N TYR A 68 -0.80 -6.42 -11.47
CA TYR A 68 0.49 -7.11 -11.32
C TYR A 68 0.27 -8.56 -10.91
N ASN A 69 -1.00 -8.92 -10.69
CA ASN A 69 -1.35 -10.27 -10.27
C ASN A 69 -1.06 -10.45 -8.78
N ILE A 70 -1.34 -9.39 -8.02
CA ILE A 70 -1.11 -9.40 -6.58
C ILE A 70 -2.05 -10.39 -5.90
N GLN A 71 -1.47 -11.42 -5.30
CA GLN A 71 -2.25 -12.44 -4.61
C GLN A 71 -2.57 -12.00 -3.17
N ARG A 72 -2.40 -12.90 -2.22
CA ARG A 72 -2.67 -12.59 -0.81
C ARG A 72 -1.36 -12.33 -0.07
N GLU A 73 -0.35 -13.12 -0.39
CA GLU A 73 0.96 -12.96 0.25
C GLU A 73 1.78 -11.88 -0.48
N SER A 74 1.12 -10.76 -0.77
CA SER A 74 1.76 -9.66 -1.47
C SER A 74 2.12 -8.53 -0.50
N THR A 75 3.29 -7.94 -0.69
CA THR A 75 3.74 -6.84 0.15
C THR A 75 3.54 -5.51 -0.56
N LEU A 76 2.42 -4.85 -0.25
CA LEU A 76 2.09 -3.57 -0.87
C LEU A 76 2.83 -2.42 -0.19
N HIS A 77 3.00 -1.32 -0.91
CA HIS A 77 3.68 -0.15 -0.36
C HIS A 77 2.71 1.03 -0.33
N LEU A 78 2.30 1.43 0.87
CA LEU A 78 1.35 2.53 1.03
C LEU A 78 2.05 3.76 1.60
N VAL A 79 1.70 4.92 1.07
CA VAL A 79 2.28 6.18 1.53
C VAL A 79 1.26 6.97 2.35
N LEU A 80 1.66 7.35 3.56
CA LEU A 80 0.78 8.11 4.45
C LEU A 80 1.08 9.61 4.37
N ARG A 81 0.24 10.33 3.65
CA ARG A 81 0.42 11.78 3.50
C ARG A 81 0.22 12.48 4.84
N LEU A 82 0.98 13.54 5.08
CA LEU A 82 0.88 14.28 6.32
C LEU A 82 -0.29 15.27 6.25
N ARG A 83 -1.37 14.94 6.96
CA ARG A 83 -2.55 15.79 6.98
C ARG A 83 -2.22 17.17 7.56
N GLY A 84 -1.22 17.21 8.44
CA GLY A 84 -0.81 18.46 9.05
C GLY A 84 0.20 19.20 8.18
N GLY A 85 0.85 20.20 8.75
CA GLY A 85 1.85 20.98 8.02
C GLY A 85 3.04 20.10 7.63
N SER A 86 4.02 20.00 8.52
CA SER A 86 5.20 19.19 8.27
C SER A 86 5.74 18.62 9.58
N MET A 87 5.91 17.29 9.60
CA MET A 87 6.42 16.63 10.80
C MET A 87 7.94 16.75 10.88
N GLY A 88 8.57 17.06 9.75
CA GLY A 88 10.02 17.20 9.70
C GLY A 88 10.70 15.84 9.71
N GLY A 89 9.94 14.79 9.98
CA GLY A 89 10.48 13.44 10.02
C GLY A 89 10.66 12.88 8.62
N ALA A 90 10.30 11.61 8.44
CA ALA A 90 10.42 10.96 7.14
C ALA A 90 9.33 11.46 6.19
N ALA A 91 8.08 11.04 6.45
CA ALA A 91 6.96 11.44 5.62
C ALA A 91 6.42 12.80 6.07
N ASP A 92 6.32 13.73 5.13
CA ASP A 92 5.82 15.07 5.44
C ASP A 92 4.97 15.61 4.30
N GLU A 93 4.22 14.71 3.64
CA GLU A 93 3.36 15.10 2.53
C GLU A 93 4.18 15.74 1.41
N GLU A 94 4.99 14.92 0.74
CA GLU A 94 5.84 15.37 -0.37
C GLU A 94 7.02 14.41 -0.53
N GLU A 95 8.04 14.63 0.29
CA GLU A 95 9.25 13.80 0.26
C GLU A 95 8.93 12.36 0.63
N LEU A 96 7.72 12.12 1.12
CA LEU A 96 7.30 10.78 1.52
C LEU A 96 7.11 9.85 0.31
N ILE A 97 7.10 10.44 -0.89
CA ILE A 97 6.93 9.65 -2.10
C ILE A 97 8.28 9.29 -2.71
N ARG A 98 9.11 10.31 -2.93
CA ARG A 98 10.44 10.09 -3.51
C ARG A 98 11.34 9.31 -2.55
N LYS A 99 11.24 9.63 -1.26
CA LYS A 99 12.06 8.95 -0.26
C LYS A 99 11.65 7.48 -0.18
N ALA A 100 10.38 7.20 -0.45
CA ALA A 100 9.87 5.83 -0.43
C ALA A 100 10.28 5.11 -1.71
N ILE A 101 10.50 5.89 -2.77
CA ILE A 101 10.93 5.32 -4.03
C ILE A 101 12.42 5.03 -3.96
N GLU A 102 13.14 5.80 -3.15
CA GLU A 102 14.57 5.61 -2.98
C GLU A 102 14.88 4.71 -1.78
N LEU A 103 13.87 4.43 -0.95
CA LEU A 103 14.07 3.62 0.25
C LEU A 103 13.87 2.13 0.02
N SER A 104 12.61 1.70 -0.13
CA SER A 104 12.30 0.28 -0.30
C SER A 104 12.10 -0.10 -1.77
N LEU A 105 11.99 0.89 -2.64
CA LEU A 105 11.79 0.63 -4.06
C LEU A 105 13.10 0.18 -4.72
N LYS A 106 14.21 0.79 -4.30
CA LYS A 106 15.52 0.44 -4.84
C LYS A 106 16.05 -0.82 -4.17
N GLU A 107 15.76 -0.93 -2.87
CA GLU A 107 16.19 -2.08 -2.09
C GLU A 107 15.68 -3.36 -2.74
N SER A 108 14.43 -3.34 -3.19
CA SER A 108 13.83 -4.50 -3.84
C SER A 108 14.43 -4.71 -5.23
N ARG A 109 14.88 -3.61 -5.84
CA ARG A 109 15.47 -3.67 -7.17
C ARG A 109 16.88 -4.27 -7.11
N ASN A 110 17.35 -4.55 -5.90
CA ASN A 110 18.68 -5.13 -5.70
C ASN A 110 18.84 -6.40 -6.53
N SER A 111 17.78 -7.21 -6.58
CA SER A 111 17.81 -8.45 -7.35
C SER A 111 17.96 -8.15 -8.84
N GLY A 112 17.37 -7.03 -9.28
CA GLY A 112 17.44 -6.64 -10.67
C GLY A 112 18.87 -6.29 -11.07
N GLY A 113 19.65 -5.82 -10.08
CA GLY A 113 21.04 -5.45 -10.32
C GLY A 113 21.84 -6.64 -10.85
N TYR A 114 21.38 -7.85 -10.53
CA TYR A 114 22.06 -9.06 -10.98
C TYR A 114 22.06 -9.14 -12.50
N MET A 1 -20.25 -26.39 10.02
CA MET A 1 -21.51 -26.87 10.65
C MET A 1 -22.62 -26.89 9.59
N HIS A 2 -22.25 -27.25 8.36
CA HIS A 2 -23.21 -27.31 7.25
C HIS A 2 -23.77 -25.93 6.94
N HIS A 3 -24.54 -25.84 5.86
CA HIS A 3 -25.16 -24.58 5.44
C HIS A 3 -24.10 -23.61 4.89
N HIS A 4 -23.11 -23.29 5.72
CA HIS A 4 -22.04 -22.39 5.31
C HIS A 4 -20.68 -22.93 5.73
N HIS A 5 -19.69 -22.75 4.85
CA HIS A 5 -18.34 -23.23 5.12
C HIS A 5 -17.31 -22.29 4.49
N HIS A 6 -16.14 -22.19 5.12
CA HIS A 6 -15.08 -21.33 4.61
C HIS A 6 -13.71 -21.93 4.93
N HIS A 7 -12.66 -21.31 4.37
CA HIS A 7 -11.29 -21.79 4.59
C HIS A 7 -10.31 -20.62 4.62
N GLY A 8 -10.86 -19.40 4.64
CA GLY A 8 -10.03 -18.20 4.67
C GLY A 8 -9.95 -17.57 3.29
N GLU A 9 -10.28 -16.27 3.22
CA GLU A 9 -10.25 -15.55 1.95
C GLU A 9 -8.81 -15.13 1.61
N PHE A 10 -8.68 -14.07 0.82
CA PHE A 10 -7.36 -13.58 0.44
C PHE A 10 -7.08 -12.25 1.12
N GLN A 11 -6.00 -12.20 1.89
CA GLN A 11 -5.63 -10.98 2.62
C GLN A 11 -4.21 -10.56 2.26
N ILE A 12 -4.10 -9.41 1.59
CA ILE A 12 -2.79 -8.91 1.18
C ILE A 12 -2.04 -8.31 2.36
N PHE A 13 -0.80 -7.90 2.12
CA PHE A 13 0.01 -7.29 3.17
C PHE A 13 0.45 -5.90 2.73
N ALA A 14 0.27 -4.93 3.62
CA ALA A 14 0.65 -3.55 3.34
C ALA A 14 1.66 -3.05 4.38
N LYS A 15 2.59 -2.22 3.93
CA LYS A 15 3.60 -1.68 4.83
C LYS A 15 3.72 -0.17 4.67
N THR A 16 3.44 0.56 5.74
CA THR A 16 3.53 2.02 5.71
C THR A 16 4.99 2.43 5.49
N LEU A 17 5.18 3.69 5.09
CA LEU A 17 6.53 4.20 4.86
C LEU A 17 7.30 4.30 6.18
N THR A 18 6.57 4.12 7.28
CA THR A 18 7.19 4.17 8.61
C THR A 18 7.70 2.79 9.02
N GLY A 19 7.25 1.76 8.31
CA GLY A 19 7.68 0.39 8.59
C GLY A 19 6.62 -0.38 9.39
N LYS A 20 5.36 0.05 9.28
CA LYS A 20 4.27 -0.62 9.98
C LYS A 20 3.58 -1.61 9.06
N THR A 21 3.47 -2.88 9.50
CA THR A 21 2.84 -3.91 8.69
C THR A 21 1.35 -4.01 8.98
N ILE A 22 0.53 -3.95 7.93
CA ILE A 22 -0.92 -4.03 8.06
C ILE A 22 -1.50 -5.02 7.05
N THR A 23 -2.38 -5.90 7.53
CA THR A 23 -3.01 -6.89 6.66
C THR A 23 -4.47 -6.53 6.42
N LEU A 24 -4.89 -6.52 5.15
CA LEU A 24 -6.27 -6.19 4.80
C LEU A 24 -6.85 -7.20 3.83
N GLU A 25 -8.12 -7.54 4.05
CA GLU A 25 -8.82 -8.51 3.20
C GLU A 25 -9.26 -7.85 1.89
N VAL A 26 -8.58 -8.19 0.81
CA VAL A 26 -8.91 -7.62 -0.50
C VAL A 26 -9.02 -8.71 -1.57
N GLU A 27 -9.18 -8.28 -2.81
CA GLU A 27 -9.30 -9.20 -3.94
C GLU A 27 -8.09 -9.07 -4.85
N SER A 28 -7.90 -10.06 -5.72
CA SER A 28 -6.76 -10.05 -6.63
C SER A 28 -6.87 -8.89 -7.63
N SER A 29 -8.08 -8.34 -7.77
CA SER A 29 -8.32 -7.26 -8.72
C SER A 29 -8.79 -5.98 -8.01
N ASP A 30 -8.84 -6.01 -6.68
CA ASP A 30 -9.29 -4.83 -5.92
C ASP A 30 -8.61 -3.56 -6.46
N THR A 31 -9.26 -2.42 -6.28
CA THR A 31 -8.71 -1.15 -6.76
C THR A 31 -8.01 -0.41 -5.63
N ILE A 32 -7.15 0.54 -5.98
CA ILE A 32 -6.43 1.32 -4.99
C ILE A 32 -7.41 1.94 -4.00
N ASP A 33 -8.43 2.61 -4.51
CA ASP A 33 -9.43 3.24 -3.64
C ASP A 33 -9.85 2.28 -2.53
N ASN A 34 -10.12 1.03 -2.92
CA ASN A 34 -10.50 0.01 -1.94
C ASN A 34 -9.35 -0.26 -0.98
N VAL A 35 -8.14 -0.21 -1.51
CA VAL A 35 -6.94 -0.42 -0.69
C VAL A 35 -6.85 0.69 0.35
N LYS A 36 -7.06 1.93 -0.10
CA LYS A 36 -7.02 3.09 0.80
C LYS A 36 -8.06 2.92 1.90
N SER A 37 -9.33 2.90 1.49
CA SER A 37 -10.43 2.75 2.45
C SER A 37 -10.18 1.57 3.38
N LYS A 38 -9.84 0.42 2.80
CA LYS A 38 -9.57 -0.79 3.58
C LYS A 38 -8.60 -0.46 4.71
N ILE A 39 -7.69 0.47 4.44
CA ILE A 39 -6.70 0.87 5.45
C ILE A 39 -7.37 1.67 6.56
N GLN A 40 -8.28 2.58 6.19
CA GLN A 40 -8.99 3.40 7.18
C GLN A 40 -9.71 2.51 8.19
N ASP A 41 -10.09 1.31 7.76
CA ASP A 41 -10.77 0.39 8.66
C ASP A 41 -9.77 -0.17 9.67
N LYS A 42 -8.51 -0.23 9.25
CA LYS A 42 -7.44 -0.76 10.08
C LYS A 42 -6.77 0.31 10.93
N GLU A 43 -6.54 1.50 10.36
CA GLU A 43 -5.86 2.58 11.08
C GLU A 43 -6.69 3.86 11.14
N GLY A 44 -7.94 3.80 10.69
CA GLY A 44 -8.80 4.98 10.70
C GLY A 44 -8.39 5.98 9.62
N ILE A 45 -7.08 6.06 9.36
CA ILE A 45 -6.54 6.97 8.36
C ILE A 45 -7.46 7.09 7.14
N PRO A 46 -7.92 8.28 6.84
CA PRO A 46 -8.82 8.50 5.67
C PRO A 46 -8.13 8.14 4.36
N PRO A 47 -8.82 7.43 3.49
CA PRO A 47 -8.27 6.99 2.18
C PRO A 47 -7.60 8.12 1.42
N ASP A 48 -8.13 9.34 1.57
CA ASP A 48 -7.58 10.49 0.87
C ASP A 48 -6.31 11.01 1.57
N GLN A 49 -6.34 11.04 2.90
CA GLN A 49 -5.19 11.52 3.67
C GLN A 49 -3.97 10.62 3.46
N GLN A 50 -4.20 9.42 2.94
CA GLN A 50 -3.11 8.48 2.70
C GLN A 50 -2.94 8.21 1.20
N ARG A 51 -1.77 7.73 0.83
CA ARG A 51 -1.46 7.42 -0.57
C ARG A 51 -0.71 6.09 -0.66
N LEU A 52 -0.65 5.51 -1.85
CA LEU A 52 0.04 4.23 -2.05
C LEU A 52 0.94 4.26 -3.27
N ILE A 53 2.20 3.85 -3.07
CA ILE A 53 3.19 3.81 -4.15
C ILE A 53 3.70 2.39 -4.32
N TRP A 54 3.78 1.92 -5.56
CA TRP A 54 4.26 0.56 -5.83
C TRP A 54 4.92 0.45 -7.20
N ALA A 55 6.03 -0.27 -7.25
CA ALA A 55 6.77 -0.47 -8.50
C ALA A 55 7.23 0.85 -9.12
N GLY A 56 7.80 1.72 -8.28
CA GLY A 56 8.30 3.01 -8.74
C GLY A 56 7.19 3.90 -9.29
N LYS A 57 5.97 3.36 -9.39
CA LYS A 57 4.84 4.13 -9.89
C LYS A 57 3.75 4.26 -8.83
N GLN A 58 3.35 5.50 -8.57
CA GLN A 58 2.31 5.75 -7.59
C GLN A 58 1.01 5.08 -8.02
N LEU A 59 0.42 4.30 -7.13
CA LEU A 59 -0.83 3.61 -7.44
C LEU A 59 -1.96 4.60 -7.67
N GLU A 60 -2.45 4.65 -8.90
CA GLU A 60 -3.54 5.56 -9.24
C GLU A 60 -4.89 4.93 -8.92
N ASP A 61 -5.83 5.77 -8.47
CA ASP A 61 -7.17 5.32 -8.12
C ASP A 61 -7.74 4.37 -9.18
N GLY A 62 -7.46 4.67 -10.45
CA GLY A 62 -7.96 3.86 -11.56
C GLY A 62 -7.17 2.56 -11.72
N ARG A 63 -6.17 2.36 -10.87
CA ARG A 63 -5.35 1.14 -10.93
C ARG A 63 -6.01 0.00 -10.17
N THR A 64 -5.79 -1.22 -10.65
CA THR A 64 -6.36 -2.41 -10.01
C THR A 64 -5.25 -3.30 -9.46
N LEU A 65 -5.64 -4.44 -8.90
CA LEU A 65 -4.68 -5.39 -8.34
C LEU A 65 -4.29 -6.44 -9.39
N SER A 66 -5.27 -6.85 -10.18
CA SER A 66 -5.07 -7.86 -11.21
C SER A 66 -4.22 -7.31 -12.36
N ASP A 67 -3.97 -6.00 -12.34
CA ASP A 67 -3.17 -5.37 -13.39
C ASP A 67 -1.83 -6.11 -13.53
N TYR A 68 -1.09 -6.16 -12.43
CA TYR A 68 0.21 -6.83 -12.41
C TYR A 68 0.08 -8.27 -11.93
N ASN A 69 -1.15 -8.68 -11.62
CA ASN A 69 -1.42 -10.03 -11.13
C ASN A 69 -0.92 -10.18 -9.69
N ILE A 70 -1.06 -9.10 -8.92
CA ILE A 70 -0.63 -9.08 -7.54
C ILE A 70 -1.38 -10.16 -6.73
N GLN A 71 -0.61 -11.08 -6.16
CA GLN A 71 -1.18 -12.18 -5.37
C GLN A 71 -1.63 -11.68 -3.99
N ARG A 72 -1.70 -12.60 -3.03
CA ARG A 72 -2.10 -12.24 -1.67
C ARG A 72 -0.87 -12.08 -0.78
N GLU A 73 0.12 -12.94 -0.98
CA GLU A 73 1.36 -12.86 -0.20
C GLU A 73 2.24 -11.73 -0.71
N SER A 74 1.60 -10.71 -1.28
CA SER A 74 2.31 -9.56 -1.81
C SER A 74 2.50 -8.49 -0.74
N THR A 75 3.63 -7.78 -0.80
CA THR A 75 3.93 -6.73 0.15
C THR A 75 3.68 -5.35 -0.47
N LEU A 76 2.58 -4.73 -0.08
CA LEU A 76 2.22 -3.42 -0.61
C LEU A 76 2.95 -2.32 0.16
N HIS A 77 3.37 -1.28 -0.55
CA HIS A 77 4.06 -0.16 0.07
C HIS A 77 3.13 1.04 0.13
N LEU A 78 2.68 1.38 1.34
CA LEU A 78 1.78 2.51 1.52
C LEU A 78 2.53 3.69 2.13
N VAL A 79 2.20 4.89 1.68
CA VAL A 79 2.85 6.10 2.19
C VAL A 79 1.82 7.04 2.82
N LEU A 80 2.22 7.74 3.87
CA LEU A 80 1.33 8.67 4.56
C LEU A 80 1.80 10.11 4.40
N ARG A 81 0.86 11.02 4.18
CA ARG A 81 1.20 12.44 4.02
C ARG A 81 1.46 13.08 5.38
N LEU A 82 1.75 14.38 5.36
CA LEU A 82 2.03 15.12 6.60
C LEU A 82 1.41 16.51 6.55
N ARG A 83 0.16 16.61 6.99
CA ARG A 83 -0.55 17.89 7.01
C ARG A 83 -0.11 18.73 8.21
N GLY A 84 0.71 18.14 9.07
CA GLY A 84 1.19 18.84 10.26
C GLY A 84 2.23 19.89 9.89
N GLY A 85 2.66 20.68 10.88
CA GLY A 85 3.66 21.71 10.64
C GLY A 85 5.07 21.17 10.83
N SER A 86 5.20 20.15 11.67
CA SER A 86 6.51 19.55 11.93
C SER A 86 6.82 18.47 10.91
N MET A 87 7.95 18.62 10.22
CA MET A 87 8.37 17.65 9.21
C MET A 87 9.36 16.66 9.81
N GLY A 88 9.60 16.79 11.12
CA GLY A 88 10.53 15.90 11.81
C GLY A 88 10.21 14.45 11.53
N GLY A 89 10.97 13.85 10.60
CA GLY A 89 10.77 12.46 10.22
C GLY A 89 11.14 12.23 8.77
N ALA A 90 11.66 11.04 8.47
CA ALA A 90 12.07 10.69 7.11
C ALA A 90 10.97 11.07 6.11
N ALA A 91 9.87 10.32 6.13
CA ALA A 91 8.76 10.58 5.23
C ALA A 91 7.92 11.74 5.75
N ASP A 92 7.30 12.48 4.84
CA ASP A 92 6.48 13.61 5.23
C ASP A 92 5.23 13.69 4.36
N GLU A 93 5.04 14.81 3.65
CA GLU A 93 3.87 14.97 2.80
C GLU A 93 4.21 14.69 1.34
N GLU A 94 5.28 15.30 0.85
CA GLU A 94 5.68 15.11 -0.55
C GLU A 94 6.76 14.05 -0.67
N GLU A 95 7.80 14.14 0.17
CA GLU A 95 8.91 13.18 0.14
C GLU A 95 8.38 11.75 0.13
N LEU A 96 7.39 11.48 0.99
CA LEU A 96 6.81 10.15 1.12
C LEU A 96 6.75 9.37 -0.20
N ILE A 97 6.65 10.08 -1.32
CA ILE A 97 6.59 9.41 -2.62
C ILE A 97 7.99 9.04 -3.10
N ARG A 98 8.86 10.04 -3.25
CA ARG A 98 10.23 9.79 -3.68
C ARG A 98 10.96 8.96 -2.64
N LYS A 99 10.52 9.11 -1.39
CA LYS A 99 11.11 8.37 -0.27
C LYS A 99 10.77 6.90 -0.38
N ALA A 100 9.51 6.62 -0.68
CA ALA A 100 9.04 5.25 -0.83
C ALA A 100 9.57 4.63 -2.11
N ILE A 101 9.92 5.49 -3.07
CA ILE A 101 10.47 5.02 -4.33
C ILE A 101 11.94 4.66 -4.13
N GLU A 102 12.61 5.41 -3.26
CA GLU A 102 14.02 5.17 -2.96
C GLU A 102 14.19 4.27 -1.74
N LEU A 103 13.10 4.04 -1.00
CA LEU A 103 13.18 3.22 0.21
C LEU A 103 12.84 1.75 -0.04
N SER A 104 11.55 1.46 -0.24
CA SER A 104 11.09 0.08 -0.43
C SER A 104 11.08 -0.35 -1.89
N LEU A 105 11.24 0.60 -2.80
CA LEU A 105 11.23 0.27 -4.23
C LEU A 105 12.60 -0.18 -4.72
N LYS A 106 13.66 0.37 -4.14
CA LYS A 106 15.01 -0.01 -4.52
C LYS A 106 15.47 -1.23 -3.73
N GLU A 107 14.84 -1.44 -2.60
CA GLU A 107 15.17 -2.57 -1.73
C GLU A 107 14.90 -3.89 -2.46
N SER A 108 13.93 -3.87 -3.37
CA SER A 108 13.58 -5.07 -4.13
C SER A 108 14.37 -5.12 -5.43
N ARG A 109 14.92 -3.98 -5.84
CA ARG A 109 15.69 -3.90 -7.08
C ARG A 109 17.08 -4.50 -6.89
N ASN A 110 17.83 -3.97 -5.92
CA ASN A 110 19.18 -4.48 -5.64
C ASN A 110 19.14 -5.94 -5.24
N SER A 111 18.15 -6.29 -4.40
CA SER A 111 18.01 -7.67 -3.95
C SER A 111 17.52 -8.56 -5.08
N GLY A 112 16.75 -7.97 -6.00
CA GLY A 112 16.21 -8.72 -7.13
C GLY A 112 17.27 -8.87 -8.23
N GLY A 113 18.44 -8.26 -8.01
CA GLY A 113 19.52 -8.33 -8.99
C GLY A 113 19.91 -9.78 -9.26
N TYR A 114 19.68 -10.65 -8.28
CA TYR A 114 20.00 -12.06 -8.42
C TYR A 114 19.18 -12.69 -9.54
N MET A 1 -25.74 -11.98 9.52
CA MET A 1 -26.69 -10.83 9.61
C MET A 1 -26.02 -9.58 9.06
N HIS A 2 -24.80 -9.31 9.52
CA HIS A 2 -24.06 -8.15 9.07
C HIS A 2 -23.48 -8.38 7.68
N HIS A 3 -22.27 -8.94 7.62
CA HIS A 3 -21.62 -9.22 6.35
C HIS A 3 -21.46 -10.74 6.17
N HIS A 4 -20.28 -11.16 5.72
CA HIS A 4 -20.02 -12.58 5.51
C HIS A 4 -18.51 -12.86 5.58
N HIS A 5 -18.12 -13.63 6.59
CA HIS A 5 -16.71 -13.97 6.77
C HIS A 5 -16.37 -15.22 5.95
N HIS A 6 -17.36 -16.09 5.77
CA HIS A 6 -17.17 -17.32 5.01
C HIS A 6 -16.01 -18.13 5.59
N HIS A 7 -15.48 -19.07 4.79
CA HIS A 7 -14.36 -19.89 5.23
C HIS A 7 -13.05 -19.12 5.07
N GLY A 8 -12.08 -19.73 4.36
CA GLY A 8 -10.80 -19.09 4.14
C GLY A 8 -10.98 -17.79 3.35
N GLU A 9 -10.02 -16.88 3.50
CA GLU A 9 -10.08 -15.60 2.80
C GLU A 9 -8.67 -15.13 2.43
N PHE A 10 -8.59 -14.23 1.45
CA PHE A 10 -7.30 -13.70 1.02
C PHE A 10 -7.11 -12.29 1.56
N GLN A 11 -6.05 -12.11 2.35
CA GLN A 11 -5.75 -10.81 2.92
C GLN A 11 -4.33 -10.38 2.57
N ILE A 12 -4.22 -9.32 1.78
CA ILE A 12 -2.90 -8.82 1.38
C ILE A 12 -2.23 -8.10 2.56
N PHE A 13 -1.02 -7.61 2.32
CA PHE A 13 -0.29 -6.90 3.37
C PHE A 13 0.17 -5.55 2.85
N ALA A 14 0.02 -4.52 3.68
CA ALA A 14 0.42 -3.16 3.32
C ALA A 14 1.38 -2.60 4.36
N LYS A 15 2.36 -1.83 3.89
CA LYS A 15 3.34 -1.23 4.79
C LYS A 15 3.37 0.27 4.63
N THR A 16 3.03 0.98 5.70
CA THR A 16 3.02 2.44 5.69
C THR A 16 4.44 2.97 5.53
N LEU A 17 4.57 4.26 5.26
CA LEU A 17 5.89 4.87 5.10
C LEU A 17 6.64 4.85 6.42
N THR A 18 5.92 4.61 7.51
CA THR A 18 6.53 4.55 8.84
C THR A 18 7.07 3.14 9.12
N GLY A 19 6.56 2.17 8.37
CA GLY A 19 7.01 0.78 8.53
C GLY A 19 6.02 -0.02 9.38
N LYS A 20 4.73 0.22 9.15
CA LYS A 20 3.68 -0.48 9.90
C LYS A 20 3.04 -1.56 9.03
N THR A 21 2.99 -2.79 9.54
CA THR A 21 2.41 -3.91 8.80
C THR A 21 0.91 -3.98 9.04
N ILE A 22 0.14 -3.91 7.95
CA ILE A 22 -1.32 -3.98 8.04
C ILE A 22 -1.88 -4.96 7.02
N THR A 23 -2.78 -5.83 7.47
CA THR A 23 -3.39 -6.81 6.59
C THR A 23 -4.78 -6.35 6.17
N LEU A 24 -5.07 -6.43 4.86
CA LEU A 24 -6.37 -5.99 4.34
C LEU A 24 -7.04 -7.12 3.56
N GLU A 25 -8.29 -7.42 3.94
CA GLU A 25 -9.05 -8.47 3.26
C GLU A 25 -9.55 -7.97 1.90
N VAL A 26 -8.81 -8.31 0.85
CA VAL A 26 -9.18 -7.87 -0.50
C VAL A 26 -9.13 -9.02 -1.50
N GLU A 27 -9.25 -8.66 -2.78
CA GLU A 27 -9.21 -9.64 -3.86
C GLU A 27 -7.89 -9.52 -4.61
N SER A 28 -7.49 -10.60 -5.28
CA SER A 28 -6.23 -10.60 -6.04
C SER A 28 -6.30 -9.60 -7.19
N SER A 29 -7.50 -9.15 -7.53
CA SER A 29 -7.69 -8.21 -8.62
C SER A 29 -8.37 -6.92 -8.15
N ASP A 30 -8.61 -6.82 -6.84
CA ASP A 30 -9.27 -5.64 -6.28
C ASP A 30 -8.61 -4.36 -6.80
N THR A 31 -9.30 -3.23 -6.63
CA THR A 31 -8.76 -1.95 -7.09
C THR A 31 -8.09 -1.22 -5.92
N ILE A 32 -7.25 -0.25 -6.26
CA ILE A 32 -6.54 0.53 -5.24
C ILE A 32 -7.53 1.09 -4.22
N ASP A 33 -8.62 1.67 -4.71
CA ASP A 33 -9.63 2.25 -3.83
C ASP A 33 -9.99 1.28 -2.69
N ASN A 34 -10.09 -0.01 -3.03
CA ASN A 34 -10.43 -1.02 -2.04
C ASN A 34 -9.29 -1.21 -1.04
N VAL A 35 -8.07 -1.25 -1.54
CA VAL A 35 -6.91 -1.42 -0.67
C VAL A 35 -6.77 -0.19 0.24
N LYS A 36 -7.02 1.00 -0.32
CA LYS A 36 -6.93 2.23 0.46
C LYS A 36 -8.02 2.25 1.53
N SER A 37 -9.28 2.26 1.09
CA SER A 37 -10.39 2.27 2.04
C SER A 37 -10.17 1.23 3.13
N LYS A 38 -9.83 0.00 2.71
CA LYS A 38 -9.59 -1.07 3.66
C LYS A 38 -8.57 -0.63 4.70
N ILE A 39 -7.60 0.18 4.27
CA ILE A 39 -6.56 0.69 5.17
C ILE A 39 -7.17 1.64 6.21
N GLN A 40 -8.00 2.59 5.75
CA GLN A 40 -8.61 3.56 6.66
C GLN A 40 -9.43 2.85 7.74
N ASP A 41 -9.91 1.66 7.44
CA ASP A 41 -10.69 0.90 8.41
C ASP A 41 -9.75 0.35 9.48
N LYS A 42 -8.49 0.15 9.09
CA LYS A 42 -7.48 -0.40 9.99
C LYS A 42 -6.71 0.70 10.73
N GLU A 43 -6.40 1.80 10.06
CA GLU A 43 -5.63 2.88 10.69
C GLU A 43 -6.41 4.20 10.71
N GLY A 44 -7.67 4.18 10.27
CA GLY A 44 -8.48 5.40 10.27
C GLY A 44 -8.09 6.32 9.13
N ILE A 45 -6.78 6.44 8.90
CA ILE A 45 -6.24 7.31 7.84
C ILE A 45 -7.09 7.22 6.58
N PRO A 46 -7.82 8.27 6.24
CA PRO A 46 -8.69 8.29 5.04
C PRO A 46 -7.94 7.84 3.78
N PRO A 47 -8.62 7.16 2.89
CA PRO A 47 -8.01 6.65 1.62
C PRO A 47 -7.25 7.72 0.87
N ASP A 48 -7.73 8.96 0.97
CA ASP A 48 -7.07 10.08 0.28
C ASP A 48 -5.81 10.52 1.02
N GLN A 49 -5.88 10.57 2.35
CA GLN A 49 -4.73 11.00 3.15
C GLN A 49 -3.51 10.09 2.90
N GLN A 50 -3.75 8.91 2.35
CA GLN A 50 -2.66 7.98 2.08
C GLN A 50 -2.58 7.66 0.58
N ARG A 51 -1.45 7.07 0.18
CA ARG A 51 -1.23 6.70 -1.21
C ARG A 51 -0.49 5.37 -1.29
N LEU A 52 -0.38 4.81 -2.49
CA LEU A 52 0.32 3.53 -2.66
C LEU A 52 1.35 3.64 -3.78
N ILE A 53 2.62 3.44 -3.41
CA ILE A 53 3.71 3.50 -4.39
C ILE A 53 4.33 2.12 -4.56
N TRP A 54 4.35 1.61 -5.80
CA TRP A 54 4.92 0.29 -6.05
C TRP A 54 5.90 0.32 -7.22
N ALA A 55 7.07 -0.27 -7.01
CA ALA A 55 8.12 -0.33 -8.03
C ALA A 55 8.48 1.06 -8.55
N GLY A 56 8.94 1.92 -7.65
CA GLY A 56 9.35 3.28 -8.02
C GLY A 56 8.26 4.06 -8.76
N LYS A 57 7.06 3.47 -8.89
CA LYS A 57 5.97 4.15 -9.57
C LYS A 57 4.75 4.27 -8.66
N GLN A 58 4.15 5.46 -8.68
CA GLN A 58 2.96 5.71 -7.87
C GLN A 58 1.77 4.97 -8.46
N LEU A 59 1.06 4.23 -7.62
CA LEU A 59 -0.11 3.47 -8.09
C LEU A 59 -1.33 4.39 -8.23
N GLU A 60 -2.03 4.25 -9.36
CA GLU A 60 -3.21 5.07 -9.64
C GLU A 60 -4.47 4.37 -9.11
N ASP A 61 -5.37 5.15 -8.54
CA ASP A 61 -6.61 4.61 -8.00
C ASP A 61 -7.30 3.68 -8.98
N GLY A 62 -7.12 3.94 -10.27
CA GLY A 62 -7.74 3.11 -11.32
C GLY A 62 -6.98 1.81 -11.54
N ARG A 63 -5.88 1.63 -10.81
CA ARG A 63 -5.06 0.42 -10.94
C ARG A 63 -5.71 -0.74 -10.21
N THR A 64 -5.43 -1.96 -10.70
CA THR A 64 -5.98 -3.17 -10.10
C THR A 64 -4.88 -4.01 -9.46
N LEU A 65 -5.27 -4.93 -8.58
CA LEU A 65 -4.30 -5.79 -7.91
C LEU A 65 -3.71 -6.82 -8.89
N SER A 66 -4.59 -7.40 -9.69
CA SER A 66 -4.17 -8.40 -10.68
C SER A 66 -3.28 -7.78 -11.75
N ASP A 67 -3.19 -6.45 -11.75
CA ASP A 67 -2.36 -5.75 -12.73
C ASP A 67 -0.94 -6.28 -12.68
N TYR A 68 -0.30 -6.13 -11.52
CA TYR A 68 1.06 -6.61 -11.32
C TYR A 68 1.05 -8.10 -10.98
N ASN A 69 -0.15 -8.68 -10.91
CA ASN A 69 -0.31 -10.09 -10.57
C ASN A 69 -0.13 -10.30 -9.06
N ILE A 70 -0.84 -9.47 -8.30
CA ILE A 70 -0.78 -9.54 -6.84
C ILE A 70 -1.63 -10.70 -6.32
N GLN A 71 -0.97 -11.68 -5.71
CA GLN A 71 -1.68 -12.84 -5.17
C GLN A 71 -2.30 -12.50 -3.81
N ARG A 72 -2.07 -13.38 -2.82
CA ARG A 72 -2.63 -13.17 -1.49
C ARG A 72 -1.57 -12.61 -0.54
N GLU A 73 -0.36 -13.15 -0.61
CA GLU A 73 0.72 -12.71 0.26
C GLU A 73 1.66 -11.75 -0.48
N SER A 74 1.31 -10.47 -0.50
CA SER A 74 2.11 -9.46 -1.18
C SER A 74 2.35 -8.25 -0.26
N THR A 75 3.48 -7.58 -0.46
CA THR A 75 3.82 -6.41 0.34
C THR A 75 3.46 -5.13 -0.39
N LEU A 76 2.29 -4.58 -0.07
CA LEU A 76 1.82 -3.36 -0.71
C LEU A 76 2.41 -2.13 -0.02
N HIS A 77 3.47 -1.58 -0.60
CA HIS A 77 4.11 -0.39 -0.04
C HIS A 77 3.13 0.79 -0.05
N LEU A 78 2.69 1.18 1.14
CA LEU A 78 1.75 2.29 1.28
C LEU A 78 2.43 3.53 1.83
N VAL A 79 2.07 4.69 1.27
CA VAL A 79 2.65 5.96 1.70
C VAL A 79 1.74 6.61 2.74
N LEU A 80 2.34 7.24 3.75
CA LEU A 80 1.58 7.90 4.81
C LEU A 80 1.88 9.39 4.83
N ARG A 81 0.87 10.20 4.57
CA ARG A 81 1.03 11.65 4.57
C ARG A 81 0.94 12.21 5.99
N LEU A 82 0.58 13.49 6.11
CA LEU A 82 0.47 14.12 7.42
C LEU A 82 -0.56 13.38 8.27
N ARG A 83 -0.08 12.66 9.29
CA ARG A 83 -0.97 11.91 10.18
C ARG A 83 -1.57 12.83 11.23
N GLY A 84 -0.85 13.90 11.57
CA GLY A 84 -1.33 14.85 12.57
C GLY A 84 -0.16 15.45 13.36
N GLY A 85 0.38 16.56 12.85
CA GLY A 85 1.49 17.25 13.50
C GLY A 85 2.66 16.30 13.76
N SER A 86 2.99 15.49 12.76
CA SER A 86 4.09 14.54 12.88
C SER A 86 4.76 14.32 11.53
N MET A 87 5.12 15.41 10.86
CA MET A 87 5.78 15.32 9.57
C MET A 87 7.24 14.90 9.73
N GLY A 88 7.90 15.46 10.76
CA GLY A 88 9.29 15.14 11.04
C GLY A 88 10.13 15.12 9.77
N GLY A 89 10.54 13.92 9.34
CA GLY A 89 11.35 13.77 8.14
C GLY A 89 11.02 12.47 7.42
N ALA A 90 10.20 11.64 8.05
CA ALA A 90 9.80 10.36 7.46
C ALA A 90 8.63 10.56 6.50
N ALA A 91 8.04 11.75 6.54
CA ALA A 91 6.90 12.08 5.69
C ALA A 91 6.46 13.51 5.93
N ASP A 92 6.74 14.39 4.96
CA ASP A 92 6.39 15.80 5.10
C ASP A 92 5.49 16.25 3.95
N GLU A 93 4.50 15.42 3.63
CA GLU A 93 3.57 15.74 2.55
C GLU A 93 4.31 16.18 1.30
N GLU A 94 5.00 15.23 0.66
CA GLU A 94 5.78 15.49 -0.56
C GLU A 94 6.94 14.50 -0.62
N GLU A 95 7.93 14.73 0.22
CA GLU A 95 9.11 13.88 0.29
C GLU A 95 8.74 12.45 0.69
N LEU A 96 7.48 12.26 1.09
CA LEU A 96 7.01 10.93 1.50
C LEU A 96 6.93 9.97 0.30
N ILE A 97 6.96 10.51 -0.91
CA ILE A 97 6.89 9.69 -2.12
C ILE A 97 8.29 9.38 -2.66
N ARG A 98 9.09 10.43 -2.85
CA ARG A 98 10.45 10.24 -3.36
C ARG A 98 11.27 9.38 -2.41
N LYS A 99 11.02 9.56 -1.11
CA LYS A 99 11.73 8.79 -0.10
C LYS A 99 11.18 7.36 -0.03
N ALA A 100 9.90 7.21 -0.32
CA ALA A 100 9.25 5.90 -0.32
C ALA A 100 9.80 5.07 -1.47
N ILE A 101 10.18 5.75 -2.54
CA ILE A 101 10.73 5.10 -3.71
C ILE A 101 12.21 4.77 -3.49
N GLU A 102 12.86 5.59 -2.66
CA GLU A 102 14.29 5.42 -2.40
C GLU A 102 14.61 4.56 -1.16
N LEU A 103 13.62 4.25 -0.33
CA LEU A 103 13.92 3.46 0.86
C LEU A 103 13.62 1.96 0.69
N SER A 104 12.34 1.59 0.61
CA SER A 104 11.95 0.19 0.48
C SER A 104 11.62 -0.20 -0.95
N LEU A 105 11.53 0.79 -1.83
CA LEU A 105 11.18 0.53 -3.21
C LEU A 105 12.40 0.32 -4.09
N LYS A 106 13.39 1.20 -3.95
CA LYS A 106 14.61 1.11 -4.75
C LYS A 106 15.26 -0.27 -4.59
N GLU A 107 15.12 -0.84 -3.39
CA GLU A 107 15.70 -2.16 -3.12
C GLU A 107 14.86 -3.23 -3.80
N SER A 108 13.55 -3.06 -3.77
CA SER A 108 12.64 -4.02 -4.39
C SER A 108 12.63 -3.85 -5.91
N ARG A 109 13.19 -2.72 -6.37
CA ARG A 109 13.25 -2.44 -7.80
C ARG A 109 14.02 -3.54 -8.52
N ASN A 110 15.16 -3.93 -7.95
CA ASN A 110 15.98 -4.98 -8.54
C ASN A 110 15.21 -6.30 -8.56
N SER A 111 14.40 -6.51 -7.52
CA SER A 111 13.60 -7.72 -7.42
C SER A 111 12.24 -7.52 -8.10
N GLY A 112 12.14 -6.44 -8.88
CA GLY A 112 10.89 -6.12 -9.58
C GLY A 112 10.54 -7.22 -10.58
N GLY A 113 11.49 -8.13 -10.84
CA GLY A 113 11.25 -9.22 -11.77
C GLY A 113 10.09 -10.09 -11.31
N TYR A 114 9.72 -9.96 -10.03
CA TYR A 114 8.63 -10.72 -9.47
C TYR A 114 7.86 -9.88 -8.45
N MET A 1 -21.61 -12.33 14.78
CA MET A 1 -20.22 -11.81 14.68
C MET A 1 -19.22 -12.96 14.85
N HIS A 2 -18.01 -12.77 14.32
CA HIS A 2 -16.97 -13.79 14.41
C HIS A 2 -17.41 -15.09 13.76
N HIS A 3 -16.99 -15.29 12.51
CA HIS A 3 -17.35 -16.49 11.76
C HIS A 3 -18.86 -16.68 11.74
N HIS A 4 -19.54 -15.85 10.94
CA HIS A 4 -20.99 -15.92 10.83
C HIS A 4 -21.41 -16.06 9.37
N HIS A 5 -20.48 -15.76 8.46
CA HIS A 5 -20.76 -15.86 7.03
C HIS A 5 -19.47 -15.75 6.22
N HIS A 6 -19.61 -15.60 4.90
CA HIS A 6 -18.46 -15.49 4.02
C HIS A 6 -18.07 -14.03 3.82
N HIS A 7 -17.20 -13.53 4.70
CA HIS A 7 -16.75 -12.14 4.61
C HIS A 7 -15.52 -12.04 3.70
N GLY A 8 -14.83 -13.16 3.53
CA GLY A 8 -13.64 -13.20 2.69
C GLY A 8 -12.62 -14.19 3.26
N GLU A 9 -11.65 -14.59 2.44
CA GLU A 9 -10.63 -15.53 2.87
C GLU A 9 -9.23 -15.05 2.48
N PHE A 10 -9.18 -14.13 1.53
CA PHE A 10 -7.90 -13.59 1.06
C PHE A 10 -7.70 -12.16 1.54
N GLN A 11 -6.61 -11.95 2.29
CA GLN A 11 -6.29 -10.63 2.81
C GLN A 11 -4.87 -10.25 2.39
N ILE A 12 -4.75 -9.18 1.59
CA ILE A 12 -3.43 -8.75 1.14
C ILE A 12 -2.67 -8.10 2.28
N PHE A 13 -1.41 -7.75 2.02
CA PHE A 13 -0.59 -7.11 3.05
C PHE A 13 -0.13 -5.74 2.57
N ALA A 14 -0.32 -4.74 3.43
CA ALA A 14 0.07 -3.38 3.10
C ALA A 14 1.11 -2.88 4.10
N LYS A 15 2.19 -2.32 3.57
CA LYS A 15 3.26 -1.80 4.41
C LYS A 15 3.25 -0.28 4.37
N THR A 16 3.82 0.34 5.40
CA THR A 16 3.90 1.79 5.46
C THR A 16 5.34 2.26 5.35
N LEU A 17 5.52 3.55 5.07
CA LEU A 17 6.86 4.12 4.94
C LEU A 17 7.66 3.81 6.21
N THR A 18 7.05 4.03 7.36
CA THR A 18 7.71 3.78 8.63
C THR A 18 7.99 2.29 8.82
N GLY A 19 7.25 1.45 8.09
CA GLY A 19 7.43 0.01 8.16
C GLY A 19 6.36 -0.66 9.03
N LYS A 20 5.11 -0.31 8.79
CA LYS A 20 3.99 -0.88 9.55
C LYS A 20 3.23 -1.88 8.69
N THR A 21 2.98 -3.07 9.24
CA THR A 21 2.27 -4.11 8.50
C THR A 21 0.76 -4.02 8.74
N ILE A 22 -0.01 -4.03 7.65
CA ILE A 22 -1.47 -3.94 7.74
C ILE A 22 -2.12 -5.01 6.84
N THR A 23 -3.02 -5.79 7.42
CA THR A 23 -3.71 -6.84 6.66
C THR A 23 -5.17 -6.45 6.41
N LEU A 24 -5.59 -6.52 5.15
CA LEU A 24 -6.97 -6.18 4.80
C LEU A 24 -7.57 -7.24 3.88
N GLU A 25 -8.84 -7.55 4.10
CA GLU A 25 -9.54 -8.54 3.30
C GLU A 25 -10.05 -7.92 2.00
N VAL A 26 -9.27 -8.08 0.93
CA VAL A 26 -9.63 -7.52 -0.37
C VAL A 26 -9.81 -8.64 -1.40
N GLU A 27 -10.12 -8.23 -2.63
CA GLU A 27 -10.31 -9.17 -3.72
C GLU A 27 -9.09 -9.17 -4.64
N SER A 28 -8.87 -10.26 -5.35
CA SER A 28 -7.72 -10.37 -6.25
C SER A 28 -7.78 -9.30 -7.34
N SER A 29 -8.97 -8.80 -7.62
CA SER A 29 -9.18 -7.79 -8.66
C SER A 29 -9.65 -6.47 -8.08
N ASP A 30 -9.73 -6.38 -6.75
CA ASP A 30 -10.18 -5.15 -6.09
C ASP A 30 -9.44 -3.94 -6.64
N THR A 31 -10.01 -2.76 -6.43
CA THR A 31 -9.38 -1.53 -6.91
C THR A 31 -8.61 -0.84 -5.78
N ILE A 32 -7.66 0.01 -6.15
CA ILE A 32 -6.86 0.73 -5.17
C ILE A 32 -7.75 1.44 -4.15
N ASP A 33 -8.76 2.16 -4.66
CA ASP A 33 -9.68 2.89 -3.78
C ASP A 33 -10.18 1.98 -2.67
N ASN A 34 -10.62 0.78 -3.03
CA ASN A 34 -11.11 -0.17 -2.03
C ASN A 34 -10.00 -0.55 -1.07
N VAL A 35 -8.82 -0.81 -1.63
CA VAL A 35 -7.66 -1.18 -0.81
C VAL A 35 -7.38 -0.07 0.21
N LYS A 36 -7.38 1.17 -0.27
CA LYS A 36 -7.15 2.32 0.60
C LYS A 36 -8.21 2.37 1.70
N SER A 37 -9.46 2.52 1.31
CA SER A 37 -10.55 2.57 2.28
C SER A 37 -10.40 1.45 3.29
N LYS A 38 -10.12 0.25 2.80
CA LYS A 38 -9.93 -0.91 3.66
C LYS A 38 -8.94 -0.56 4.77
N ILE A 39 -7.91 0.22 4.41
CA ILE A 39 -6.90 0.63 5.38
C ILE A 39 -7.52 1.54 6.45
N GLN A 40 -8.37 2.47 6.02
CA GLN A 40 -9.01 3.40 6.96
C GLN A 40 -9.79 2.64 8.02
N ASP A 41 -10.25 1.44 7.68
CA ASP A 41 -10.99 0.64 8.64
C ASP A 41 -10.03 0.07 9.69
N LYS A 42 -8.77 -0.11 9.28
CA LYS A 42 -7.75 -0.66 10.16
C LYS A 42 -6.98 0.44 10.90
N GLU A 43 -6.65 1.53 10.22
CA GLU A 43 -5.88 2.61 10.85
C GLU A 43 -6.65 3.94 10.88
N GLY A 44 -7.91 3.92 10.45
CA GLY A 44 -8.72 5.14 10.47
C GLY A 44 -8.34 6.07 9.31
N ILE A 45 -7.04 6.21 9.08
CA ILE A 45 -6.53 7.08 8.01
C ILE A 45 -7.42 7.01 6.77
N PRO A 46 -7.99 8.12 6.37
CA PRO A 46 -8.87 8.16 5.17
C PRO A 46 -8.07 8.00 3.88
N PRO A 47 -8.64 7.33 2.90
CA PRO A 47 -7.97 7.09 1.59
C PRO A 47 -7.35 8.36 1.01
N ASP A 48 -8.03 9.49 1.22
CA ASP A 48 -7.55 10.78 0.73
C ASP A 48 -6.13 11.07 1.21
N GLN A 49 -5.81 10.59 2.42
CA GLN A 49 -4.49 10.80 2.99
C GLN A 49 -3.58 9.60 2.72
N GLN A 50 -4.19 8.49 2.31
CA GLN A 50 -3.43 7.28 2.03
C GLN A 50 -3.02 7.21 0.56
N ARG A 51 -1.71 7.13 0.33
CA ARG A 51 -1.16 7.04 -1.02
C ARG A 51 -0.49 5.69 -1.21
N LEU A 52 -0.54 5.15 -2.43
CA LEU A 52 0.06 3.84 -2.70
C LEU A 52 1.18 3.95 -3.72
N ILE A 53 2.42 3.69 -3.27
CA ILE A 53 3.58 3.76 -4.16
C ILE A 53 4.19 2.36 -4.28
N TRP A 54 4.29 1.88 -5.52
CA TRP A 54 4.86 0.55 -5.75
C TRP A 54 5.71 0.53 -7.02
N ALA A 55 6.85 -0.13 -6.93
CA ALA A 55 7.79 -0.26 -8.05
C ALA A 55 8.30 1.11 -8.53
N GLY A 56 8.86 1.88 -7.61
CA GLY A 56 9.40 3.19 -7.92
C GLY A 56 8.39 4.12 -8.59
N LYS A 57 7.12 3.70 -8.64
CA LYS A 57 6.09 4.51 -9.27
C LYS A 57 4.84 4.60 -8.40
N GLN A 58 4.15 5.74 -8.47
CA GLN A 58 2.93 5.93 -7.70
C GLN A 58 1.79 5.17 -8.33
N LEU A 59 1.16 4.28 -7.56
CA LEU A 59 0.04 3.49 -8.08
C LEU A 59 -1.18 4.36 -8.33
N GLU A 60 -1.75 4.24 -9.52
CA GLU A 60 -2.94 5.01 -9.88
C GLU A 60 -4.18 4.40 -9.24
N ASP A 61 -4.96 5.22 -8.55
CA ASP A 61 -6.17 4.77 -7.87
C ASP A 61 -7.09 4.01 -8.84
N GLY A 62 -6.93 4.23 -10.14
CA GLY A 62 -7.76 3.58 -11.13
C GLY A 62 -7.28 2.15 -11.44
N ARG A 63 -6.16 1.77 -10.83
CA ARG A 63 -5.60 0.44 -11.04
C ARG A 63 -6.37 -0.62 -10.25
N THR A 64 -6.24 -1.88 -10.67
CA THR A 64 -6.92 -2.98 -10.00
C THR A 64 -5.89 -3.96 -9.43
N LEU A 65 -6.37 -4.86 -8.58
CA LEU A 65 -5.51 -5.86 -7.96
C LEU A 65 -5.15 -6.95 -8.97
N SER A 66 -6.10 -7.30 -9.82
CA SER A 66 -5.90 -8.32 -10.84
C SER A 66 -5.09 -7.78 -12.01
N ASP A 67 -4.90 -6.46 -12.05
CA ASP A 67 -4.15 -5.84 -13.13
C ASP A 67 -2.76 -6.49 -13.21
N TYR A 68 -1.99 -6.34 -12.14
CA TYR A 68 -0.66 -6.91 -12.08
C TYR A 68 -0.70 -8.34 -11.55
N ASN A 69 -1.91 -8.84 -11.30
CA ASN A 69 -2.11 -10.19 -10.78
C ASN A 69 -1.80 -10.24 -9.28
N ILE A 70 -1.67 -9.06 -8.68
CA ILE A 70 -1.39 -8.95 -7.25
C ILE A 70 -2.23 -9.96 -6.46
N GLN A 71 -1.56 -10.97 -5.90
CA GLN A 71 -2.25 -12.00 -5.12
C GLN A 71 -2.52 -11.51 -3.70
N ARG A 72 -2.45 -12.44 -2.74
CA ARG A 72 -2.68 -12.09 -1.34
C ARG A 72 -1.36 -11.91 -0.61
N GLU A 73 -0.41 -12.80 -0.92
CA GLU A 73 0.92 -12.73 -0.30
C GLU A 73 1.76 -11.63 -0.93
N SER A 74 1.14 -10.46 -1.12
CA SER A 74 1.82 -9.32 -1.73
C SER A 74 1.99 -8.20 -0.71
N THR A 75 3.13 -7.50 -0.80
CA THR A 75 3.41 -6.39 0.11
C THR A 75 3.10 -5.06 -0.57
N LEU A 76 1.95 -4.49 -0.20
CA LEU A 76 1.51 -3.22 -0.77
C LEU A 76 2.19 -2.04 -0.08
N HIS A 77 3.21 -1.50 -0.73
CA HIS A 77 3.94 -0.36 -0.16
C HIS A 77 3.03 0.88 -0.13
N LEU A 78 2.62 1.27 1.08
CA LEU A 78 1.75 2.42 1.25
C LEU A 78 2.52 3.56 1.91
N VAL A 79 2.19 4.80 1.51
CA VAL A 79 2.84 5.97 2.08
C VAL A 79 1.81 6.97 2.58
N LEU A 80 1.85 7.26 3.88
CA LEU A 80 0.90 8.19 4.49
C LEU A 80 1.23 9.63 4.14
N ARG A 81 0.21 10.37 3.71
CA ARG A 81 0.39 11.77 3.35
C ARG A 81 0.25 12.66 4.60
N LEU A 82 0.49 13.95 4.43
CA LEU A 82 0.41 14.89 5.56
C LEU A 82 -0.52 16.06 5.24
N ARG A 83 -1.72 16.03 5.80
CA ARG A 83 -2.70 17.08 5.59
C ARG A 83 -2.91 17.88 6.87
N GLY A 84 -1.88 17.96 7.69
CA GLY A 84 -1.95 18.69 8.95
C GLY A 84 -0.65 19.44 9.23
N GLY A 85 -0.53 19.98 10.45
CA GLY A 85 0.66 20.72 10.83
C GLY A 85 1.80 19.77 11.23
N SER A 86 2.77 20.30 11.97
CA SER A 86 3.91 19.50 12.41
C SER A 86 4.52 18.75 11.24
N MET A 87 4.72 19.45 10.12
CA MET A 87 5.28 18.84 8.93
C MET A 87 6.72 18.39 9.17
N GLY A 88 7.32 18.86 10.27
CA GLY A 88 8.69 18.50 10.61
C GLY A 88 8.83 16.99 10.75
N GLY A 89 9.30 16.33 9.69
CA GLY A 89 9.47 14.88 9.71
C GLY A 89 10.04 14.37 8.40
N ALA A 90 10.56 13.14 8.43
CA ALA A 90 11.15 12.52 7.24
C ALA A 90 10.08 12.31 6.16
N ALA A 91 8.84 12.13 6.60
CA ALA A 91 7.74 11.92 5.67
C ALA A 91 6.66 12.98 5.86
N ASP A 92 5.97 13.31 4.77
CA ASP A 92 4.90 14.32 4.83
C ASP A 92 3.79 13.99 3.84
N GLU A 93 3.65 14.82 2.80
CA GLU A 93 2.61 14.61 1.79
C GLU A 93 3.22 14.30 0.42
N GLU A 94 4.30 15.01 0.08
CA GLU A 94 4.94 14.80 -1.22
C GLU A 94 6.27 14.05 -1.06
N GLU A 95 7.07 14.48 -0.08
CA GLU A 95 8.37 13.85 0.18
C GLU A 95 8.21 12.38 0.56
N LEU A 96 6.97 11.96 0.81
CA LEU A 96 6.71 10.58 1.17
C LEU A 96 6.92 9.68 -0.04
N ILE A 97 7.06 10.29 -1.21
CA ILE A 97 7.27 9.56 -2.47
C ILE A 97 8.75 9.50 -2.81
N ARG A 98 9.41 10.67 -2.82
CA ARG A 98 10.83 10.72 -3.16
C ARG A 98 11.64 9.70 -2.37
N LYS A 99 11.35 9.57 -1.08
CA LYS A 99 12.07 8.61 -0.26
C LYS A 99 11.58 7.19 -0.56
N ALA A 100 10.36 6.88 -0.15
CA ALA A 100 9.78 5.55 -0.36
C ALA A 100 10.23 4.92 -1.69
N ILE A 101 10.49 5.75 -2.69
CA ILE A 101 10.93 5.25 -3.99
C ILE A 101 12.43 4.94 -3.97
N GLU A 102 13.22 5.90 -3.51
CA GLU A 102 14.67 5.76 -3.45
C GLU A 102 15.10 5.03 -2.17
N LEU A 103 14.16 4.84 -1.26
CA LEU A 103 14.45 4.22 0.01
C LEU A 103 14.22 2.70 0.00
N SER A 104 12.96 2.29 0.00
CA SER A 104 12.63 0.86 0.03
C SER A 104 12.30 0.30 -1.36
N LEU A 105 12.11 1.17 -2.33
CA LEU A 105 11.77 0.72 -3.67
C LEU A 105 12.99 0.55 -4.57
N LYS A 106 13.97 1.43 -4.42
CA LYS A 106 15.18 1.34 -5.24
C LYS A 106 16.07 0.20 -4.74
N GLU A 107 15.99 -0.09 -3.45
CA GLU A 107 16.78 -1.16 -2.86
C GLU A 107 16.43 -2.49 -3.52
N SER A 108 15.14 -2.78 -3.59
CA SER A 108 14.67 -4.00 -4.21
C SER A 108 14.98 -3.99 -5.70
N ARG A 109 15.13 -2.78 -6.25
CA ARG A 109 15.44 -2.61 -7.67
C ARG A 109 16.90 -3.00 -7.94
N ASN A 110 17.74 -2.81 -6.93
CA ASN A 110 19.17 -3.14 -7.07
C ASN A 110 19.39 -4.64 -6.93
N SER A 111 18.30 -5.37 -6.65
CA SER A 111 18.39 -6.82 -6.50
C SER A 111 19.01 -7.47 -7.74
N GLY A 112 18.65 -6.94 -8.91
CA GLY A 112 19.17 -7.45 -10.17
C GLY A 112 20.68 -7.28 -10.24
N GLY A 113 21.17 -6.15 -9.72
CA GLY A 113 22.60 -5.88 -9.73
C GLY A 113 23.36 -6.93 -8.93
N TYR A 114 22.83 -7.26 -7.74
CA TYR A 114 23.46 -8.26 -6.88
C TYR A 114 23.30 -9.66 -7.49
N MET A 1 -24.57 -5.40 -6.43
CA MET A 1 -24.75 -6.77 -5.86
C MET A 1 -24.10 -7.78 -6.79
N HIS A 2 -23.36 -7.28 -7.79
CA HIS A 2 -22.69 -8.15 -8.75
C HIS A 2 -21.67 -9.05 -8.03
N HIS A 3 -21.05 -9.94 -8.81
CA HIS A 3 -20.04 -10.89 -8.31
C HIS A 3 -20.58 -11.81 -7.21
N HIS A 4 -21.47 -11.28 -6.35
CA HIS A 4 -22.05 -12.07 -5.27
C HIS A 4 -20.95 -12.77 -4.46
N HIS A 5 -21.35 -13.78 -3.68
CA HIS A 5 -20.39 -14.53 -2.87
C HIS A 5 -19.62 -13.59 -1.93
N HIS A 6 -18.43 -13.19 -2.37
CA HIS A 6 -17.60 -12.28 -1.58
C HIS A 6 -17.33 -12.87 -0.20
N HIS A 7 -16.65 -14.02 -0.18
CA HIS A 7 -16.33 -14.69 1.08
C HIS A 7 -15.19 -13.98 1.80
N GLY A 8 -14.29 -13.38 1.04
CA GLY A 8 -13.15 -12.67 1.62
C GLY A 8 -12.19 -13.66 2.29
N GLU A 9 -11.54 -14.49 1.48
CA GLU A 9 -10.61 -15.48 2.00
C GLU A 9 -9.16 -15.07 1.69
N PHE A 10 -9.00 -13.99 0.93
CA PHE A 10 -7.67 -13.52 0.56
C PHE A 10 -7.43 -12.13 1.14
N GLN A 11 -6.38 -12.01 1.95
CA GLN A 11 -6.04 -10.74 2.56
C GLN A 11 -4.60 -10.35 2.25
N ILE A 12 -4.44 -9.23 1.56
CA ILE A 12 -3.10 -8.76 1.18
C ILE A 12 -2.40 -8.14 2.38
N PHE A 13 -1.17 -7.68 2.16
CA PHE A 13 -0.39 -7.05 3.22
C PHE A 13 0.10 -5.69 2.75
N ALA A 14 -0.02 -4.70 3.62
CA ALA A 14 0.41 -3.34 3.29
C ALA A 14 1.44 -2.85 4.32
N LYS A 15 2.40 -2.06 3.85
CA LYS A 15 3.43 -1.53 4.74
C LYS A 15 3.48 -0.02 4.67
N THR A 16 3.16 0.63 5.78
CA THR A 16 3.18 2.09 5.84
C THR A 16 4.61 2.60 5.66
N LEU A 17 4.74 3.89 5.34
CA LEU A 17 6.05 4.48 5.14
C LEU A 17 6.84 4.51 6.46
N THR A 18 6.14 4.21 7.56
CA THR A 18 6.79 4.18 8.87
C THR A 18 7.39 2.80 9.13
N GLY A 19 6.91 1.80 8.40
CA GLY A 19 7.40 0.43 8.56
C GLY A 19 6.45 -0.41 9.39
N LYS A 20 5.15 -0.16 9.22
CA LYS A 20 4.12 -0.90 9.96
C LYS A 20 3.43 -1.91 9.05
N THR A 21 3.29 -3.14 9.54
CA THR A 21 2.64 -4.19 8.75
C THR A 21 1.14 -4.18 9.01
N ILE A 22 0.36 -4.09 7.94
CA ILE A 22 -1.10 -4.07 8.05
C ILE A 22 -1.73 -5.04 7.06
N THR A 23 -2.61 -5.90 7.55
CA THR A 23 -3.28 -6.89 6.70
C THR A 23 -4.75 -6.51 6.47
N LEU A 24 -5.16 -6.50 5.20
CA LEU A 24 -6.54 -6.15 4.84
C LEU A 24 -7.13 -7.17 3.87
N GLU A 25 -8.39 -7.53 4.10
CA GLU A 25 -9.08 -8.50 3.24
C GLU A 25 -9.58 -7.83 1.96
N VAL A 26 -8.93 -8.13 0.85
CA VAL A 26 -9.33 -7.54 -0.44
C VAL A 26 -9.45 -8.60 -1.53
N GLU A 27 -9.99 -8.18 -2.67
CA GLU A 27 -10.16 -9.06 -3.81
C GLU A 27 -8.90 -9.08 -4.66
N SER A 28 -8.73 -10.12 -5.47
CA SER A 28 -7.54 -10.24 -6.31
C SER A 28 -7.52 -9.16 -7.40
N SER A 29 -8.68 -8.54 -7.64
CA SER A 29 -8.78 -7.51 -8.68
C SER A 29 -9.18 -6.16 -8.09
N ASP A 30 -9.30 -6.09 -6.77
CA ASP A 30 -9.67 -4.85 -6.10
C ASP A 30 -8.87 -3.68 -6.63
N THR A 31 -9.37 -2.46 -6.42
CA THR A 31 -8.69 -1.26 -6.88
C THR A 31 -8.05 -0.50 -5.72
N ILE A 32 -7.25 0.51 -6.04
CA ILE A 32 -6.59 1.31 -5.02
C ILE A 32 -7.61 1.86 -4.03
N ASP A 33 -8.65 2.51 -4.56
CA ASP A 33 -9.70 3.07 -3.71
C ASP A 33 -10.12 2.08 -2.62
N ASN A 34 -10.35 0.83 -3.03
CA ASN A 34 -10.73 -0.21 -2.09
C ASN A 34 -9.59 -0.48 -1.11
N VAL A 35 -8.37 -0.46 -1.63
CA VAL A 35 -7.19 -0.69 -0.80
C VAL A 35 -7.06 0.43 0.23
N LYS A 36 -7.20 1.67 -0.23
CA LYS A 36 -7.11 2.83 0.65
C LYS A 36 -8.17 2.73 1.75
N SER A 37 -9.44 2.77 1.34
CA SER A 37 -10.54 2.69 2.29
C SER A 37 -10.34 1.51 3.24
N LYS A 38 -10.03 0.35 2.67
CA LYS A 38 -9.79 -0.85 3.47
C LYS A 38 -8.85 -0.52 4.62
N ILE A 39 -7.89 0.37 4.37
CA ILE A 39 -6.93 0.77 5.38
C ILE A 39 -7.61 1.61 6.46
N GLN A 40 -8.48 2.54 6.05
CA GLN A 40 -9.17 3.40 7.01
C GLN A 40 -9.91 2.57 8.05
N ASP A 41 -10.36 1.40 7.65
CA ASP A 41 -11.07 0.51 8.58
C ASP A 41 -10.07 -0.04 9.59
N LYS A 42 -8.80 -0.06 9.19
CA LYS A 42 -7.73 -0.58 10.04
C LYS A 42 -7.08 0.51 10.88
N GLU A 43 -6.81 1.68 10.29
CA GLU A 43 -6.16 2.76 11.03
C GLU A 43 -6.97 4.05 11.03
N GLY A 44 -8.19 4.00 10.53
CA GLY A 44 -9.05 5.19 10.49
C GLY A 44 -8.62 6.17 9.41
N ILE A 45 -7.31 6.21 9.14
CA ILE A 45 -6.74 7.11 8.15
C ILE A 45 -7.65 7.24 6.92
N PRO A 46 -7.89 8.44 6.45
CA PRO A 46 -8.75 8.67 5.25
C PRO A 46 -8.08 8.18 3.98
N PRO A 47 -8.78 7.41 3.18
CA PRO A 47 -8.24 6.84 1.91
C PRO A 47 -7.53 7.90 1.05
N ASP A 48 -8.05 9.12 1.08
CA ASP A 48 -7.46 10.21 0.29
C ASP A 48 -6.15 10.68 0.90
N GLN A 49 -6.13 10.82 2.22
CA GLN A 49 -4.92 11.26 2.91
C GLN A 49 -3.79 10.24 2.77
N GLN A 50 -4.13 9.05 2.28
CA GLN A 50 -3.13 8.01 2.10
C GLN A 50 -2.48 8.09 0.73
N ARG A 51 -1.62 7.12 0.44
CA ARG A 51 -0.92 7.05 -0.84
C ARG A 51 -0.24 5.69 -0.96
N LEU A 52 -0.16 5.17 -2.18
CA LEU A 52 0.47 3.86 -2.39
C LEU A 52 1.52 3.92 -3.49
N ILE A 53 2.75 3.55 -3.13
CA ILE A 53 3.85 3.54 -4.09
C ILE A 53 4.35 2.13 -4.30
N TRP A 54 4.40 1.69 -5.56
CA TRP A 54 4.87 0.34 -5.86
C TRP A 54 5.79 0.35 -7.08
N ALA A 55 6.92 -0.35 -6.96
CA ALA A 55 7.90 -0.44 -8.04
C ALA A 55 8.42 0.94 -8.46
N GLY A 56 9.00 1.65 -7.51
CA GLY A 56 9.58 2.98 -7.78
C GLY A 56 8.57 3.95 -8.39
N LYS A 57 7.30 3.55 -8.48
CA LYS A 57 6.28 4.41 -9.06
C LYS A 57 5.04 4.47 -8.18
N GLN A 58 4.47 5.66 -8.06
CA GLN A 58 3.27 5.86 -7.25
C GLN A 58 2.07 5.21 -7.95
N LEU A 59 1.40 4.30 -7.25
CA LEU A 59 0.24 3.61 -7.80
C LEU A 59 -0.91 4.57 -8.04
N GLU A 60 -1.40 4.63 -9.27
CA GLU A 60 -2.51 5.50 -9.63
C GLU A 60 -3.83 4.89 -9.17
N ASP A 61 -4.70 5.71 -8.61
CA ASP A 61 -6.00 5.24 -8.12
C ASP A 61 -6.65 4.25 -9.08
N GLY A 62 -6.38 4.40 -10.39
CA GLY A 62 -6.95 3.52 -11.39
C GLY A 62 -6.22 2.18 -11.45
N ARG A 63 -5.34 1.93 -10.48
CA ARG A 63 -4.58 0.68 -10.44
C ARG A 63 -5.42 -0.44 -9.82
N THR A 64 -5.36 -1.62 -10.42
CA THR A 64 -6.10 -2.78 -9.93
C THR A 64 -5.15 -3.84 -9.37
N LEU A 65 -5.72 -4.79 -8.64
CA LEU A 65 -4.93 -5.87 -8.04
C LEU A 65 -4.66 -6.95 -9.10
N SER A 66 -5.68 -7.23 -9.90
CA SER A 66 -5.57 -8.24 -10.96
C SER A 66 -4.66 -7.75 -12.08
N ASP A 67 -4.28 -6.47 -12.04
CA ASP A 67 -3.40 -5.90 -13.04
C ASP A 67 -2.16 -6.78 -13.20
N TYR A 68 -1.40 -6.89 -12.11
CA TYR A 68 -0.19 -7.70 -12.11
C TYR A 68 -0.50 -9.11 -11.59
N ASN A 69 -1.77 -9.34 -11.26
CA ASN A 69 -2.20 -10.64 -10.74
C ASN A 69 -1.71 -10.81 -9.30
N ILE A 70 -1.71 -9.69 -8.57
CA ILE A 70 -1.27 -9.67 -7.19
C ILE A 70 -2.12 -10.61 -6.33
N GLN A 71 -1.48 -11.59 -5.71
CA GLN A 71 -2.19 -12.54 -4.86
C GLN A 71 -2.44 -11.93 -3.48
N ARG A 72 -2.35 -12.75 -2.43
CA ARG A 72 -2.56 -12.27 -1.07
C ARG A 72 -1.21 -12.07 -0.37
N GLU A 73 -0.23 -12.86 -0.76
CA GLU A 73 1.11 -12.78 -0.16
C GLU A 73 1.92 -11.67 -0.81
N SER A 74 1.37 -10.45 -0.83
CA SER A 74 2.06 -9.32 -1.43
C SER A 74 2.24 -8.19 -0.43
N THR A 75 3.35 -7.46 -0.56
CA THR A 75 3.64 -6.34 0.33
C THR A 75 3.33 -5.02 -0.36
N LEU A 76 2.17 -4.47 -0.07
CA LEU A 76 1.74 -3.21 -0.66
C LEU A 76 2.33 -2.03 0.10
N HIS A 77 3.45 -1.50 -0.39
CA HIS A 77 4.09 -0.36 0.25
C HIS A 77 3.14 0.83 0.25
N LEU A 78 2.59 1.14 1.43
CA LEU A 78 1.67 2.26 1.57
C LEU A 78 2.36 3.45 2.20
N VAL A 79 1.99 4.65 1.78
CA VAL A 79 2.59 5.88 2.31
C VAL A 79 1.52 6.78 2.93
N LEU A 80 1.92 7.51 3.97
CA LEU A 80 1.00 8.43 4.65
C LEU A 80 1.55 9.86 4.59
N ARG A 81 0.77 10.76 4.00
CA ARG A 81 1.18 12.15 3.87
C ARG A 81 1.02 12.89 5.19
N LEU A 82 1.45 14.15 5.23
CA LEU A 82 1.34 14.97 6.44
C LEU A 82 0.38 16.13 6.21
N ARG A 83 -0.56 16.29 7.14
CA ARG A 83 -1.54 17.37 7.05
C ARG A 83 -0.85 18.73 7.13
N GLY A 84 0.28 18.77 7.82
CA GLY A 84 1.04 20.01 7.96
C GLY A 84 1.86 20.31 6.71
N GLY A 85 3.09 19.81 6.69
CA GLY A 85 3.98 20.02 5.55
C GLY A 85 5.36 19.42 5.81
N SER A 86 6.09 20.05 6.73
CA SER A 86 7.43 19.57 7.09
C SER A 86 7.50 19.27 8.58
N MET A 87 7.02 18.09 8.96
CA MET A 87 7.03 17.67 10.36
C MET A 87 8.46 17.51 10.87
N GLY A 88 9.41 17.48 9.95
CA GLY A 88 10.82 17.33 10.32
C GLY A 88 11.17 15.85 10.49
N GLY A 89 10.19 14.98 10.24
CA GLY A 89 10.40 13.55 10.37
C GLY A 89 10.83 12.94 9.04
N ALA A 90 10.82 11.62 8.96
CA ALA A 90 11.20 10.93 7.73
C ALA A 90 10.16 11.18 6.64
N ALA A 91 8.93 10.75 6.90
CA ALA A 91 7.84 10.93 5.94
C ALA A 91 6.99 12.13 6.33
N ASP A 92 6.73 13.00 5.35
CA ASP A 92 5.92 14.19 5.60
C ASP A 92 4.98 14.43 4.40
N GLU A 93 5.05 15.63 3.82
CA GLU A 93 4.20 15.96 2.68
C GLU A 93 5.07 16.32 1.48
N GLU A 94 5.56 15.29 0.79
CA GLU A 94 6.41 15.45 -0.41
C GLU A 94 7.47 14.34 -0.42
N GLU A 95 8.35 14.40 0.58
CA GLU A 95 9.43 13.41 0.71
C GLU A 95 8.86 12.01 0.91
N LEU A 96 7.55 11.92 1.13
CA LEU A 96 6.89 10.64 1.35
C LEU A 96 6.91 9.76 0.09
N ILE A 97 7.08 10.38 -1.07
CA ILE A 97 7.09 9.63 -2.33
C ILE A 97 8.51 9.31 -2.78
N ARG A 98 9.35 10.34 -2.85
CA ARG A 98 10.74 10.16 -3.29
C ARG A 98 11.49 9.19 -2.38
N LYS A 99 11.21 9.25 -1.08
CA LYS A 99 11.88 8.37 -0.12
C LYS A 99 11.24 6.98 -0.13
N ALA A 100 9.94 6.93 -0.42
CA ALA A 100 9.24 5.65 -0.49
C ALA A 100 9.70 4.87 -1.70
N ILE A 101 10.24 5.59 -2.67
CA ILE A 101 10.76 5.00 -3.90
C ILE A 101 12.23 4.63 -3.73
N GLU A 102 12.92 5.39 -2.88
CA GLU A 102 14.35 5.18 -2.67
C GLU A 102 14.69 4.26 -1.48
N LEU A 103 13.72 3.94 -0.62
CA LEU A 103 14.05 3.08 0.53
C LEU A 103 13.79 1.60 0.28
N SER A 104 12.52 1.20 0.22
CA SER A 104 12.18 -0.22 0.01
C SER A 104 11.79 -0.51 -1.43
N LEU A 105 11.62 0.54 -2.22
CA LEU A 105 11.21 0.38 -3.61
C LEU A 105 12.40 0.23 -4.54
N LYS A 106 13.43 1.05 -4.34
CA LYS A 106 14.62 1.00 -5.18
C LYS A 106 15.31 -0.36 -5.06
N GLU A 107 15.12 -1.01 -3.92
CA GLU A 107 15.71 -2.33 -3.69
C GLU A 107 15.24 -3.32 -4.75
N SER A 108 14.00 -3.12 -5.20
CA SER A 108 13.42 -3.99 -6.23
C SER A 108 14.05 -3.71 -7.58
N ARG A 109 14.40 -2.45 -7.81
CA ARG A 109 15.01 -2.05 -9.07
C ARG A 109 16.49 -2.45 -9.12
N ASN A 110 17.08 -2.60 -7.94
CA ASN A 110 18.49 -2.99 -7.86
C ASN A 110 18.71 -4.36 -8.49
N SER A 111 17.82 -5.31 -8.17
CA SER A 111 17.92 -6.65 -8.72
C SER A 111 17.62 -6.64 -10.22
N GLY A 112 16.86 -5.65 -10.65
CA GLY A 112 16.51 -5.52 -12.06
C GLY A 112 17.72 -5.15 -12.91
N GLY A 113 18.75 -4.62 -12.25
CA GLY A 113 19.98 -4.22 -12.95
C GLY A 113 20.63 -5.43 -13.62
N TYR A 114 20.48 -6.60 -13.01
CA TYR A 114 21.07 -7.83 -13.55
C TYR A 114 20.34 -9.05 -13.02
N MET A 1 -0.12 -26.15 -0.69
CA MET A 1 0.30 -27.50 -1.17
C MET A 1 1.49 -27.36 -2.11
N HIS A 2 2.13 -26.19 -2.08
CA HIS A 2 3.28 -25.91 -2.93
C HIS A 2 2.89 -26.04 -4.41
N HIS A 3 3.86 -26.39 -5.25
CA HIS A 3 3.62 -26.53 -6.69
C HIS A 3 3.10 -25.23 -7.28
N HIS A 4 2.72 -25.27 -8.57
CA HIS A 4 2.21 -24.09 -9.24
C HIS A 4 0.67 -24.08 -9.23
N HIS A 5 0.11 -24.60 -8.14
CA HIS A 5 -1.35 -24.66 -8.01
C HIS A 5 -1.93 -23.26 -7.80
N HIS A 6 -3.15 -23.05 -8.30
CA HIS A 6 -3.81 -21.76 -8.18
C HIS A 6 -4.39 -21.58 -6.78
N HIS A 7 -4.91 -20.38 -6.51
CA HIS A 7 -5.51 -20.08 -5.21
C HIS A 7 -6.81 -19.31 -5.38
N GLY A 8 -7.52 -19.09 -4.27
CA GLY A 8 -8.79 -18.36 -4.31
C GLY A 8 -8.55 -16.86 -4.23
N GLU A 9 -8.47 -16.34 -3.00
CA GLU A 9 -8.24 -14.93 -2.79
C GLU A 9 -8.04 -14.71 -1.30
N PHE A 10 -6.82 -14.36 -0.93
CA PHE A 10 -6.51 -14.15 0.47
C PHE A 10 -6.11 -12.72 0.76
N GLN A 11 -6.12 -12.41 2.02
CA GLN A 11 -5.80 -11.08 2.51
C GLN A 11 -4.37 -10.70 2.12
N ILE A 12 -4.24 -9.58 1.40
CA ILE A 12 -2.93 -9.12 0.95
C ILE A 12 -2.18 -8.43 2.09
N PHE A 13 -0.97 -7.93 1.79
CA PHE A 13 -0.18 -7.25 2.80
C PHE A 13 0.32 -5.91 2.27
N ALA A 14 0.26 -4.89 3.13
CA ALA A 14 0.71 -3.55 2.76
C ALA A 14 1.77 -3.07 3.74
N LYS A 15 2.68 -2.22 3.27
CA LYS A 15 3.74 -1.70 4.11
C LYS A 15 3.88 -0.19 3.98
N THR A 16 3.75 0.51 5.10
CA THR A 16 3.86 1.96 5.10
C THR A 16 5.32 2.38 4.87
N LEU A 17 5.55 3.67 4.77
CA LEU A 17 6.91 4.18 4.56
C LEU A 17 7.82 3.76 5.70
N THR A 18 7.36 3.97 6.93
CA THR A 18 8.13 3.61 8.12
C THR A 18 8.39 2.11 8.17
N GLY A 19 7.58 1.34 7.44
CA GLY A 19 7.74 -0.11 7.40
C GLY A 19 6.73 -0.81 8.30
N LYS A 20 5.50 -0.31 8.30
CA LYS A 20 4.44 -0.91 9.12
C LYS A 20 3.67 -1.95 8.30
N THR A 21 3.61 -3.18 8.79
CA THR A 21 2.91 -4.26 8.09
C THR A 21 1.42 -4.23 8.40
N ILE A 22 0.61 -4.20 7.35
CA ILE A 22 -0.85 -4.17 7.51
C ILE A 22 -1.50 -5.19 6.58
N THR A 23 -2.37 -6.02 7.15
CA THR A 23 -3.08 -7.04 6.36
C THR A 23 -4.53 -6.62 6.12
N LEU A 24 -4.94 -6.63 4.85
CA LEU A 24 -6.31 -6.24 4.51
C LEU A 24 -6.96 -7.26 3.57
N GLU A 25 -8.25 -7.52 3.82
CA GLU A 25 -9.01 -8.46 3.01
C GLU A 25 -9.49 -7.80 1.72
N VAL A 26 -8.87 -8.18 0.61
CA VAL A 26 -9.24 -7.61 -0.69
C VAL A 26 -9.39 -8.72 -1.73
N GLU A 27 -9.52 -8.31 -2.99
CA GLU A 27 -9.66 -9.26 -4.09
C GLU A 27 -8.48 -9.12 -5.04
N SER A 28 -8.20 -10.17 -5.80
CA SER A 28 -7.08 -10.14 -6.75
C SER A 28 -7.28 -9.05 -7.80
N SER A 29 -8.54 -8.65 -8.00
CA SER A 29 -8.87 -7.64 -9.00
C SER A 29 -9.46 -6.38 -8.36
N ASP A 30 -9.49 -6.35 -7.03
CA ASP A 30 -10.03 -5.19 -6.32
C ASP A 30 -9.39 -3.90 -6.83
N THR A 31 -10.02 -2.76 -6.50
CA THR A 31 -9.50 -1.46 -6.93
C THR A 31 -8.69 -0.82 -5.81
N ILE A 32 -7.79 0.08 -6.18
CA ILE A 32 -6.96 0.77 -5.19
C ILE A 32 -7.84 1.41 -4.12
N ASP A 33 -8.92 2.06 -4.55
CA ASP A 33 -9.84 2.71 -3.62
C ASP A 33 -10.18 1.76 -2.47
N ASN A 34 -10.58 0.53 -2.81
CA ASN A 34 -10.92 -0.46 -1.80
C ASN A 34 -9.69 -0.77 -0.94
N VAL A 35 -8.54 -0.86 -1.60
CA VAL A 35 -7.28 -1.14 -0.89
C VAL A 35 -7.02 -0.04 0.13
N LYS A 36 -7.13 1.21 -0.32
CA LYS A 36 -6.92 2.35 0.55
C LYS A 36 -7.95 2.36 1.68
N SER A 37 -9.23 2.43 1.31
CA SER A 37 -10.30 2.43 2.31
C SER A 37 -10.07 1.31 3.32
N LYS A 38 -9.77 0.12 2.81
CA LYS A 38 -9.51 -1.03 3.66
C LYS A 38 -8.51 -0.65 4.74
N ILE A 39 -7.51 0.14 4.36
CA ILE A 39 -6.49 0.58 5.32
C ILE A 39 -7.11 1.46 6.39
N GLN A 40 -8.03 2.35 6.00
CA GLN A 40 -8.69 3.24 6.95
C GLN A 40 -9.40 2.44 8.04
N ASP A 41 -9.86 1.24 7.68
CA ASP A 41 -10.53 0.40 8.65
C ASP A 41 -9.49 -0.17 9.61
N LYS A 42 -8.26 -0.25 9.11
CA LYS A 42 -7.14 -0.78 9.88
C LYS A 42 -6.42 0.31 10.69
N GLU A 43 -6.18 1.47 10.06
CA GLU A 43 -5.47 2.55 10.74
C GLU A 43 -6.27 3.86 10.78
N GLY A 44 -7.54 3.79 10.42
CA GLY A 44 -8.41 4.99 10.45
C GLY A 44 -8.06 5.97 9.32
N ILE A 45 -6.76 6.09 9.03
CA ILE A 45 -6.29 7.01 7.99
C ILE A 45 -7.18 6.96 6.75
N PRO A 46 -7.74 8.09 6.36
CA PRO A 46 -8.63 8.17 5.17
C PRO A 46 -7.90 7.77 3.88
N PRO A 47 -8.57 7.05 3.02
CA PRO A 47 -7.99 6.59 1.73
C PRO A 47 -7.37 7.74 0.93
N ASP A 48 -7.98 8.92 1.04
CA ASP A 48 -7.49 10.09 0.32
C ASP A 48 -6.21 10.63 0.95
N GLN A 49 -6.16 10.63 2.28
CA GLN A 49 -5.00 11.14 3.01
C GLN A 49 -3.75 10.31 2.70
N GLN A 50 -3.95 9.11 2.17
CA GLN A 50 -2.83 8.23 1.85
C GLN A 50 -2.85 7.83 0.37
N ARG A 51 -1.80 7.15 -0.07
CA ARG A 51 -1.70 6.71 -1.45
C ARG A 51 -0.86 5.44 -1.56
N LEU A 52 -0.86 4.82 -2.74
CA LEU A 52 -0.10 3.60 -2.96
C LEU A 52 1.03 3.85 -3.96
N ILE A 53 2.27 3.76 -3.50
CA ILE A 53 3.42 3.98 -4.37
C ILE A 53 4.17 2.66 -4.57
N TRP A 54 4.26 2.21 -5.83
CA TRP A 54 4.95 0.95 -6.12
C TRP A 54 5.71 1.03 -7.44
N ALA A 55 6.92 0.49 -7.43
CA ALA A 55 7.77 0.45 -8.61
C ALA A 55 8.11 1.86 -9.13
N GLY A 56 8.62 2.70 -8.23
CA GLY A 56 9.01 4.06 -8.58
C GLY A 56 7.86 4.86 -9.22
N LYS A 57 6.67 4.26 -9.27
CA LYS A 57 5.52 4.93 -9.86
C LYS A 57 4.35 4.98 -8.90
N GLN A 58 3.76 6.18 -8.76
CA GLN A 58 2.61 6.36 -7.87
C GLN A 58 1.39 5.70 -8.49
N LEU A 59 0.73 4.84 -7.72
CA LEU A 59 -0.46 4.14 -8.21
C LEU A 59 -1.68 5.05 -8.12
N GLU A 60 -2.58 4.91 -9.11
CA GLU A 60 -3.80 5.71 -9.15
C GLU A 60 -4.94 5.01 -8.43
N ASP A 61 -5.72 5.77 -7.68
CA ASP A 61 -6.84 5.22 -6.93
C ASP A 61 -7.81 4.46 -7.86
N GLY A 62 -7.64 4.64 -9.17
CA GLY A 62 -8.51 3.98 -10.14
C GLY A 62 -7.89 2.66 -10.64
N ARG A 63 -6.65 2.40 -10.27
CA ARG A 63 -5.98 1.17 -10.69
C ARG A 63 -6.64 -0.06 -10.08
N THR A 64 -6.42 -1.21 -10.69
CA THR A 64 -7.00 -2.46 -10.21
C THR A 64 -5.91 -3.41 -9.74
N LEU A 65 -6.29 -4.37 -8.90
CA LEU A 65 -5.35 -5.35 -8.37
C LEU A 65 -4.96 -6.37 -9.46
N SER A 66 -5.94 -6.76 -10.25
CA SER A 66 -5.71 -7.72 -11.33
C SER A 66 -4.90 -7.09 -12.46
N ASP A 67 -4.72 -5.76 -12.40
CA ASP A 67 -3.94 -5.06 -13.42
C ASP A 67 -2.50 -5.57 -13.43
N TYR A 68 -2.08 -6.10 -12.29
CA TYR A 68 -0.72 -6.63 -12.16
C TYR A 68 -0.76 -8.09 -11.67
N ASN A 69 -1.97 -8.56 -11.36
CA ASN A 69 -2.15 -9.92 -10.86
C ASN A 69 -1.77 -9.99 -9.37
N ILE A 70 -1.98 -8.87 -8.69
CA ILE A 70 -1.67 -8.77 -7.27
C ILE A 70 -2.54 -9.74 -6.48
N GLN A 71 -1.88 -10.66 -5.76
CA GLN A 71 -2.60 -11.64 -4.95
C GLN A 71 -2.26 -11.49 -3.48
N ARG A 72 -2.72 -12.43 -2.66
CA ARG A 72 -2.48 -12.40 -1.23
C ARG A 72 -0.99 -12.28 -0.91
N GLU A 73 -0.17 -13.15 -1.53
CA GLU A 73 1.26 -13.15 -1.29
C GLU A 73 1.93 -11.94 -1.96
N SER A 74 1.25 -10.79 -1.92
CA SER A 74 1.79 -9.57 -2.51
C SER A 74 2.09 -8.54 -1.42
N THR A 75 3.27 -7.93 -1.52
CA THR A 75 3.69 -6.91 -0.56
C THR A 75 3.45 -5.53 -1.13
N LEU A 76 2.39 -4.87 -0.65
CA LEU A 76 2.04 -3.54 -1.12
C LEU A 76 2.81 -2.48 -0.34
N HIS A 77 2.98 -1.32 -0.95
CA HIS A 77 3.68 -0.21 -0.31
C HIS A 77 2.76 0.99 -0.24
N LEU A 78 2.37 1.37 0.97
CA LEU A 78 1.48 2.50 1.18
C LEU A 78 2.26 3.73 1.64
N VAL A 79 1.91 4.89 1.09
CA VAL A 79 2.57 6.14 1.45
C VAL A 79 1.73 6.89 2.47
N LEU A 80 2.34 7.22 3.62
CA LEU A 80 1.64 7.93 4.68
C LEU A 80 1.95 9.44 4.62
N ARG A 81 0.90 10.25 4.50
CA ARG A 81 1.05 11.70 4.44
C ARG A 81 1.42 12.25 5.81
N LEU A 82 1.46 13.58 5.90
CA LEU A 82 1.81 14.24 7.17
C LEU A 82 0.85 15.40 7.44
N ARG A 83 -0.12 15.15 8.32
CA ARG A 83 -1.10 16.17 8.68
C ARG A 83 -0.70 16.85 10.00
N GLY A 84 0.01 16.11 10.85
CA GLY A 84 0.44 16.64 12.13
C GLY A 84 0.60 15.54 13.17
N GLY A 85 1.47 15.77 14.15
CA GLY A 85 1.71 14.79 15.20
C GLY A 85 2.41 13.55 14.65
N SER A 86 3.05 13.69 13.50
CA SER A 86 3.75 12.57 12.87
C SER A 86 4.85 13.09 11.95
N MET A 87 5.23 14.36 12.12
CA MET A 87 6.27 14.96 11.29
C MET A 87 7.53 14.10 11.29
N GLY A 88 8.07 13.84 12.48
CA GLY A 88 9.27 13.02 12.60
C GLY A 88 10.40 13.57 11.74
N GLY A 89 10.53 13.04 10.53
CA GLY A 89 11.57 13.49 9.60
C GLY A 89 11.43 12.80 8.25
N ALA A 90 10.94 11.56 8.27
CA ALA A 90 10.76 10.80 7.05
C ALA A 90 9.64 11.40 6.20
N ALA A 91 8.41 11.25 6.66
CA ALA A 91 7.26 11.80 5.95
C ALA A 91 7.02 13.24 6.36
N ASP A 92 6.84 14.12 5.38
CA ASP A 92 6.61 15.53 5.64
C ASP A 92 5.63 16.11 4.63
N GLU A 93 4.75 15.24 4.12
CA GLU A 93 3.75 15.66 3.14
C GLU A 93 4.42 16.23 1.89
N GLU A 94 5.13 15.36 1.17
CA GLU A 94 5.84 15.75 -0.06
C GLU A 94 6.88 14.69 -0.40
N GLU A 95 8.03 14.78 0.27
CA GLU A 95 9.12 13.85 0.06
C GLU A 95 8.72 12.40 0.37
N LEU A 96 7.55 12.23 0.98
CA LEU A 96 7.06 10.90 1.34
C LEU A 96 6.94 9.99 0.12
N ILE A 97 6.94 10.57 -1.08
CA ILE A 97 6.83 9.78 -2.30
C ILE A 97 8.21 9.50 -2.89
N ARG A 98 8.98 10.55 -3.14
CA ARG A 98 10.32 10.39 -3.71
C ARG A 98 11.22 9.61 -2.76
N LYS A 99 11.02 9.79 -1.46
CA LYS A 99 11.83 9.11 -0.47
C LYS A 99 11.43 7.63 -0.38
N ALA A 100 10.14 7.35 -0.56
CA ALA A 100 9.64 5.97 -0.52
C ALA A 100 10.07 5.24 -1.77
N ILE A 101 10.28 6.00 -2.84
CA ILE A 101 10.73 5.42 -4.09
C ILE A 101 12.21 5.09 -3.99
N GLU A 102 12.93 5.89 -3.21
CA GLU A 102 14.36 5.69 -3.01
C GLU A 102 14.66 4.86 -1.77
N LEU A 103 13.65 4.64 -0.91
CA LEU A 103 13.86 3.89 0.34
C LEU A 103 13.56 2.40 0.19
N SER A 104 12.27 2.05 0.11
CA SER A 104 11.86 0.65 0.03
C SER A 104 11.67 0.18 -1.41
N LEU A 105 11.64 1.12 -2.35
CA LEU A 105 11.46 0.77 -3.75
C LEU A 105 12.76 0.26 -4.36
N LYS A 106 13.88 0.83 -3.91
CA LYS A 106 15.19 0.41 -4.42
C LYS A 106 15.66 -0.82 -3.65
N GLU A 107 15.21 -0.92 -2.40
CA GLU A 107 15.57 -2.04 -1.55
C GLU A 107 15.01 -3.34 -2.13
N SER A 108 13.82 -3.25 -2.71
CA SER A 108 13.19 -4.41 -3.31
C SER A 108 14.00 -4.93 -4.49
N ARG A 109 14.53 -4.00 -5.29
CA ARG A 109 15.33 -4.36 -6.45
C ARG A 109 16.68 -4.93 -6.01
N ASN A 110 17.20 -4.38 -4.91
CA ASN A 110 18.48 -4.84 -4.38
C ASN A 110 18.32 -6.15 -3.63
N SER A 111 17.09 -6.45 -3.21
CA SER A 111 16.81 -7.69 -2.49
C SER A 111 16.87 -8.88 -3.43
N GLY A 112 16.90 -8.61 -4.73
CA GLY A 112 16.96 -9.67 -5.74
C GLY A 112 18.22 -10.52 -5.57
N GLY A 113 19.20 -9.99 -4.84
CA GLY A 113 20.46 -10.72 -4.62
C GLY A 113 20.21 -12.00 -3.82
N TYR A 114 19.81 -11.83 -2.57
CA TYR A 114 19.55 -12.98 -1.69
C TYR A 114 18.11 -13.47 -1.87
N MET A 1 10.37 -21.44 -1.57
CA MET A 1 10.31 -22.62 -0.67
C MET A 1 9.09 -23.46 -1.01
N HIS A 2 7.92 -22.84 -0.98
CA HIS A 2 6.67 -23.52 -1.30
C HIS A 2 5.64 -22.53 -1.84
N HIS A 3 5.57 -22.44 -3.17
CA HIS A 3 4.63 -21.52 -3.82
C HIS A 3 3.51 -22.31 -4.50
N HIS A 4 3.03 -21.78 -5.63
CA HIS A 4 1.96 -22.43 -6.40
C HIS A 4 0.65 -22.42 -5.61
N HIS A 5 0.57 -23.27 -4.59
CA HIS A 5 -0.64 -23.35 -3.77
C HIS A 5 -0.90 -22.03 -3.06
N HIS A 6 -2.07 -21.45 -3.34
CA HIS A 6 -2.44 -20.17 -2.72
C HIS A 6 -3.97 -20.05 -2.65
N HIS A 7 -4.51 -18.98 -3.24
CA HIS A 7 -5.96 -18.77 -3.23
C HIS A 7 -6.41 -18.03 -4.48
N GLY A 8 -5.55 -17.14 -4.98
CA GLY A 8 -5.88 -16.36 -6.17
C GLY A 8 -6.83 -15.23 -5.83
N GLU A 9 -7.01 -15.01 -4.52
CA GLU A 9 -7.88 -13.96 -4.01
C GLU A 9 -7.85 -13.96 -2.48
N PHE A 10 -6.67 -13.65 -1.95
CA PHE A 10 -6.48 -13.64 -0.50
C PHE A 10 -6.06 -12.26 0.01
N GLN A 11 -5.79 -12.20 1.31
CA GLN A 11 -5.37 -10.97 1.97
C GLN A 11 -4.05 -10.47 1.39
N ILE A 12 -3.63 -9.29 1.85
CA ILE A 12 -2.37 -8.71 1.38
C ILE A 12 -1.66 -8.01 2.54
N PHE A 13 -0.39 -7.67 2.33
CA PHE A 13 0.40 -7.00 3.36
C PHE A 13 0.73 -5.58 2.92
N ALA A 14 0.37 -4.62 3.77
CA ALA A 14 0.63 -3.22 3.47
C ALA A 14 1.59 -2.65 4.52
N LYS A 15 2.64 -1.99 4.05
CA LYS A 15 3.63 -1.41 4.95
C LYS A 15 3.66 0.12 4.81
N THR A 16 3.31 0.80 5.90
CA THR A 16 3.31 2.26 5.91
C THR A 16 4.73 2.79 5.74
N LEU A 17 4.84 4.08 5.39
CA LEU A 17 6.14 4.70 5.21
C LEU A 17 6.98 4.53 6.48
N THR A 18 6.36 4.79 7.62
CA THR A 18 7.04 4.67 8.91
C THR A 18 7.53 3.25 9.14
N GLY A 19 6.90 2.29 8.44
CA GLY A 19 7.29 0.89 8.56
C GLY A 19 6.34 0.12 9.48
N LYS A 20 5.04 0.30 9.27
CA LYS A 20 4.03 -0.39 10.07
C LYS A 20 3.41 -1.52 9.26
N THR A 21 3.27 -2.69 9.87
CA THR A 21 2.68 -3.84 9.18
C THR A 21 1.16 -3.84 9.32
N ILE A 22 0.47 -3.75 8.19
CA ILE A 22 -0.99 -3.73 8.18
C ILE A 22 -1.53 -4.70 7.13
N THR A 23 -2.51 -5.52 7.52
CA THR A 23 -3.11 -6.49 6.61
C THR A 23 -4.54 -6.09 6.28
N LEU A 24 -4.89 -6.18 5.00
CA LEU A 24 -6.24 -5.83 4.55
C LEU A 24 -6.80 -6.90 3.62
N GLU A 25 -8.11 -7.18 3.76
CA GLU A 25 -8.76 -8.20 2.94
C GLU A 25 -9.19 -7.61 1.59
N VAL A 26 -8.38 -7.88 0.57
CA VAL A 26 -8.68 -7.38 -0.77
C VAL A 26 -8.65 -8.49 -1.80
N GLU A 27 -9.38 -8.29 -2.90
CA GLU A 27 -9.42 -9.28 -3.97
C GLU A 27 -8.14 -9.20 -4.80
N SER A 28 -7.84 -10.27 -5.53
CA SER A 28 -6.62 -10.29 -6.36
C SER A 28 -6.73 -9.25 -7.47
N SER A 29 -7.96 -8.87 -7.80
CA SER A 29 -8.19 -7.90 -8.87
C SER A 29 -8.80 -6.61 -8.34
N ASP A 30 -8.93 -6.52 -7.01
CA ASP A 30 -9.49 -5.32 -6.40
C ASP A 30 -8.81 -4.06 -6.92
N THR A 31 -9.49 -2.92 -6.77
CA THR A 31 -8.94 -1.65 -7.24
C THR A 31 -8.20 -0.96 -6.10
N ILE A 32 -7.24 -0.11 -6.45
CA ILE A 32 -6.47 0.63 -5.45
C ILE A 32 -7.40 1.30 -4.45
N ASP A 33 -8.44 1.96 -4.96
CA ASP A 33 -9.40 2.65 -4.11
C ASP A 33 -9.87 1.73 -2.99
N ASN A 34 -10.14 0.47 -3.33
CA ASN A 34 -10.58 -0.51 -2.33
C ASN A 34 -9.46 -0.79 -1.33
N VAL A 35 -8.24 -0.86 -1.85
CA VAL A 35 -7.07 -1.10 -1.01
C VAL A 35 -6.91 0.03 -0.01
N LYS A 36 -6.94 1.26 -0.51
CA LYS A 36 -6.80 2.44 0.35
C LYS A 36 -7.93 2.46 1.38
N SER A 37 -9.17 2.50 0.90
CA SER A 37 -10.33 2.52 1.79
C SER A 37 -10.19 1.44 2.85
N LYS A 38 -9.83 0.23 2.42
CA LYS A 38 -9.66 -0.88 3.35
C LYS A 38 -8.76 -0.46 4.50
N ILE A 39 -7.75 0.35 4.18
CA ILE A 39 -6.81 0.84 5.20
C ILE A 39 -7.52 1.80 6.16
N GLN A 40 -8.34 2.70 5.62
CA GLN A 40 -9.05 3.66 6.46
C GLN A 40 -9.91 2.95 7.50
N ASP A 41 -10.34 1.74 7.20
CA ASP A 41 -11.15 0.97 8.14
C ASP A 41 -10.25 0.50 9.28
N LYS A 42 -8.97 0.36 8.97
CA LYS A 42 -7.99 -0.11 9.95
C LYS A 42 -7.32 1.06 10.70
N GLU A 43 -6.99 2.14 9.98
CA GLU A 43 -6.32 3.28 10.61
C GLU A 43 -7.19 4.54 10.60
N GLY A 44 -8.42 4.43 10.10
CA GLY A 44 -9.32 5.57 10.05
C GLY A 44 -8.95 6.54 8.94
N ILE A 45 -7.65 6.82 8.81
CA ILE A 45 -7.14 7.74 7.79
C ILE A 45 -7.87 7.54 6.44
N PRO A 46 -8.54 8.56 5.96
CA PRO A 46 -9.28 8.48 4.67
C PRO A 46 -8.40 7.97 3.53
N PRO A 47 -8.95 7.18 2.64
CA PRO A 47 -8.20 6.61 1.48
C PRO A 47 -7.44 7.68 0.69
N ASP A 48 -8.07 8.84 0.51
CA ASP A 48 -7.46 9.93 -0.23
C ASP A 48 -6.24 10.49 0.51
N GLN A 49 -6.36 10.60 1.83
CA GLN A 49 -5.25 11.12 2.63
C GLN A 49 -4.01 10.23 2.50
N GLN A 50 -4.21 9.01 2.01
CA GLN A 50 -3.10 8.07 1.83
C GLN A 50 -2.91 7.74 0.36
N ARG A 51 -1.77 7.10 0.06
CA ARG A 51 -1.46 6.72 -1.32
C ARG A 51 -0.86 5.32 -1.33
N LEU A 52 -0.76 4.71 -2.52
CA LEU A 52 -0.19 3.38 -2.63
C LEU A 52 0.98 3.37 -3.61
N ILE A 53 2.17 3.15 -3.08
CA ILE A 53 3.38 3.11 -3.91
C ILE A 53 3.92 1.69 -3.95
N TRP A 54 4.06 1.13 -5.15
CA TRP A 54 4.56 -0.23 -5.30
C TRP A 54 5.54 -0.33 -6.45
N ALA A 55 6.66 -1.02 -6.22
CA ALA A 55 7.69 -1.20 -7.23
C ALA A 55 8.22 0.14 -7.73
N GLY A 56 8.66 0.99 -6.81
CA GLY A 56 9.21 2.29 -7.16
C GLY A 56 8.25 3.14 -7.99
N LYS A 57 7.01 2.67 -8.15
CA LYS A 57 6.03 3.40 -8.95
C LYS A 57 4.76 3.70 -8.14
N GLN A 58 4.22 4.90 -8.31
CA GLN A 58 3.01 5.30 -7.60
C GLN A 58 1.79 4.65 -8.24
N LEU A 59 1.02 3.93 -7.45
CA LEU A 59 -0.18 3.26 -7.97
C LEU A 59 -1.33 4.25 -8.12
N GLU A 60 -2.04 4.16 -9.24
CA GLU A 60 -3.17 5.05 -9.50
C GLU A 60 -4.46 4.46 -8.97
N ASP A 61 -5.32 5.31 -8.41
CA ASP A 61 -6.59 4.87 -7.85
C ASP A 61 -7.40 4.06 -8.88
N GLY A 62 -7.05 4.22 -10.16
CA GLY A 62 -7.75 3.50 -11.22
C GLY A 62 -7.11 2.15 -11.51
N ARG A 63 -5.95 1.88 -10.91
CA ARG A 63 -5.25 0.63 -11.13
C ARG A 63 -5.96 -0.52 -10.41
N THR A 64 -5.67 -1.75 -10.84
CA THR A 64 -6.27 -2.94 -10.24
C THR A 64 -5.19 -3.84 -9.64
N LEU A 65 -5.61 -4.77 -8.80
CA LEU A 65 -4.70 -5.70 -8.15
C LEU A 65 -4.25 -6.78 -9.12
N SER A 66 -5.17 -7.21 -9.99
CA SER A 66 -4.88 -8.25 -10.97
C SER A 66 -4.09 -7.69 -12.16
N ASP A 67 -3.97 -6.38 -12.24
CA ASP A 67 -3.23 -5.75 -13.33
C ASP A 67 -1.84 -6.35 -13.43
N TYR A 68 -1.04 -6.15 -12.38
CA TYR A 68 0.31 -6.68 -12.34
C TYR A 68 0.32 -8.09 -11.74
N ASN A 69 -0.87 -8.63 -11.48
CA ASN A 69 -1.01 -9.96 -10.90
C ASN A 69 -0.58 -9.94 -9.44
N ILE A 70 -0.88 -8.82 -8.76
CA ILE A 70 -0.54 -8.67 -7.35
C ILE A 70 -1.04 -9.87 -6.56
N GLN A 71 -0.14 -10.79 -6.27
CA GLN A 71 -0.49 -12.00 -5.52
C GLN A 71 -0.86 -11.66 -4.08
N ARG A 72 -1.65 -12.54 -3.46
CA ARG A 72 -2.08 -12.33 -2.09
C ARG A 72 -0.87 -12.05 -1.18
N GLU A 73 0.14 -12.91 -1.30
CA GLU A 73 1.35 -12.75 -0.48
C GLU A 73 2.27 -11.68 -1.07
N SER A 74 1.73 -10.48 -1.25
CA SER A 74 2.50 -9.37 -1.81
C SER A 74 2.75 -8.30 -0.74
N THR A 75 3.97 -7.76 -0.72
CA THR A 75 4.32 -6.73 0.24
C THR A 75 4.05 -5.35 -0.34
N LEU A 76 2.91 -4.78 0.03
CA LEU A 76 2.53 -3.46 -0.46
C LEU A 76 3.12 -2.37 0.44
N HIS A 77 3.37 -1.20 -0.15
CA HIS A 77 3.92 -0.08 0.60
C HIS A 77 2.98 1.11 0.50
N LEU A 78 2.45 1.54 1.64
CA LEU A 78 1.53 2.67 1.69
C LEU A 78 2.21 3.88 2.33
N VAL A 79 1.88 5.08 1.85
CA VAL A 79 2.47 6.29 2.40
C VAL A 79 1.39 7.15 3.08
N LEU A 80 1.71 7.64 4.27
CA LEU A 80 0.78 8.47 5.03
C LEU A 80 1.17 9.94 4.97
N ARG A 81 0.20 10.79 4.66
CA ARG A 81 0.44 12.23 4.57
C ARG A 81 0.29 12.87 5.95
N LEU A 82 1.18 13.81 6.26
CA LEU A 82 1.13 14.50 7.56
C LEU A 82 0.51 15.87 7.39
N ARG A 83 -0.77 15.98 7.72
CA ARG A 83 -1.49 17.25 7.61
C ARG A 83 -1.01 18.23 8.69
N GLY A 84 -0.33 17.69 9.69
CA GLY A 84 0.19 18.52 10.79
C GLY A 84 1.00 19.70 10.25
N GLY A 85 1.84 19.42 9.25
CA GLY A 85 2.67 20.46 8.66
C GLY A 85 3.97 19.88 8.12
N SER A 86 4.86 19.48 9.04
CA SER A 86 6.15 18.92 8.66
C SER A 86 6.67 17.99 9.76
N MET A 87 6.98 16.76 9.37
CA MET A 87 7.49 15.78 10.32
C MET A 87 8.96 16.05 10.65
N GLY A 88 9.75 16.32 9.61
CA GLY A 88 11.17 16.61 9.78
C GLY A 88 11.97 15.32 9.82
N GLY A 89 11.31 14.21 10.18
CA GLY A 89 11.97 12.92 10.26
C GLY A 89 11.92 12.20 8.92
N ALA A 90 11.37 10.99 8.92
CA ALA A 90 11.27 10.19 7.69
C ALA A 90 10.31 10.85 6.70
N ALA A 91 9.02 10.79 7.02
CA ALA A 91 8.01 11.40 6.15
C ALA A 91 7.98 12.90 6.34
N ASP A 92 7.09 13.57 5.62
CA ASP A 92 6.98 15.03 5.72
C ASP A 92 5.83 15.54 4.86
N GLU A 93 4.90 14.65 4.53
CA GLU A 93 3.76 15.02 3.70
C GLU A 93 4.27 15.60 2.38
N GLU A 94 5.03 14.78 1.66
CA GLU A 94 5.61 15.18 0.37
C GLU A 94 6.62 14.12 -0.07
N GLU A 95 7.83 14.20 0.50
CA GLU A 95 8.90 13.27 0.16
C GLU A 95 8.45 11.81 0.38
N LEU A 96 7.47 11.61 1.26
CA LEU A 96 6.98 10.26 1.58
C LEU A 96 6.82 9.37 0.34
N ILE A 97 6.76 9.98 -0.85
CA ILE A 97 6.62 9.21 -2.08
C ILE A 97 7.98 8.86 -2.66
N ARG A 98 8.78 9.90 -2.96
CA ARG A 98 10.11 9.69 -3.53
C ARG A 98 11.01 8.91 -2.57
N LYS A 99 10.79 9.09 -1.27
CA LYS A 99 11.59 8.39 -0.27
C LYS A 99 11.07 6.98 -0.06
N ALA A 100 9.76 6.79 -0.28
CA ALA A 100 9.15 5.46 -0.15
C ALA A 100 9.63 4.58 -1.29
N ILE A 101 10.04 5.25 -2.36
CA ILE A 101 10.53 4.57 -3.54
C ILE A 101 12.04 4.31 -3.43
N GLU A 102 12.73 5.19 -2.71
CA GLU A 102 14.18 5.09 -2.56
C GLU A 102 14.63 4.33 -1.31
N LEU A 103 13.71 4.03 -0.38
CA LEU A 103 14.13 3.32 0.83
C LEU A 103 13.91 1.81 0.75
N SER A 104 12.65 1.36 0.78
CA SER A 104 12.35 -0.07 0.73
C SER A 104 11.94 -0.54 -0.65
N LEU A 105 11.70 0.40 -1.55
CA LEU A 105 11.25 0.06 -2.89
C LEU A 105 12.40 -0.07 -3.87
N LYS A 106 13.35 0.87 -3.83
CA LYS A 106 14.49 0.84 -4.74
C LYS A 106 15.18 -0.52 -4.72
N GLU A 107 15.12 -1.20 -3.58
CA GLU A 107 15.74 -2.52 -3.45
C GLU A 107 14.87 -3.59 -4.10
N SER A 108 13.56 -3.43 -3.98
CA SER A 108 12.62 -4.39 -4.56
C SER A 108 12.24 -3.99 -5.98
N ARG A 109 12.69 -2.81 -6.41
CA ARG A 109 12.39 -2.31 -7.74
C ARG A 109 13.06 -3.19 -8.80
N ASN A 110 14.38 -3.33 -8.67
CA ASN A 110 15.15 -4.15 -9.61
C ASN A 110 14.57 -5.56 -9.71
N SER A 111 14.23 -6.14 -8.56
CA SER A 111 13.66 -7.48 -8.54
C SER A 111 12.22 -7.46 -9.06
N GLY A 112 11.51 -6.38 -8.75
CA GLY A 112 10.12 -6.24 -9.20
C GLY A 112 10.05 -6.19 -10.72
N GLY A 113 11.02 -5.53 -11.33
CA GLY A 113 11.08 -5.42 -12.79
C GLY A 113 11.94 -6.51 -13.39
N TYR A 114 12.60 -7.28 -12.52
CA TYR A 114 13.48 -8.37 -12.95
C TYR A 114 14.25 -7.99 -14.22
N MET A 1 -15.19 -25.97 17.93
CA MET A 1 -14.38 -25.07 18.80
C MET A 1 -14.20 -23.72 18.12
N HIS A 2 -15.16 -23.38 17.25
CA HIS A 2 -15.11 -22.11 16.52
C HIS A 2 -16.50 -21.68 16.10
N HIS A 3 -16.73 -20.37 16.07
CA HIS A 3 -18.02 -19.82 15.68
C HIS A 3 -18.14 -19.75 14.16
N HIS A 4 -19.21 -19.11 13.67
CA HIS A 4 -19.42 -18.97 12.24
C HIS A 4 -18.71 -17.73 11.71
N HIS A 5 -17.41 -17.64 12.00
CA HIS A 5 -16.60 -16.50 11.55
C HIS A 5 -16.15 -16.71 10.10
N HIS A 6 -16.68 -17.75 9.46
CA HIS A 6 -16.33 -18.06 8.07
C HIS A 6 -14.87 -18.46 7.95
N HIS A 7 -14.56 -19.28 6.94
CA HIS A 7 -13.20 -19.74 6.72
C HIS A 7 -12.29 -18.58 6.31
N GLY A 8 -10.99 -18.86 6.24
CA GLY A 8 -10.01 -17.85 5.86
C GLY A 8 -10.21 -17.39 4.42
N GLU A 9 -9.45 -16.36 4.03
CA GLU A 9 -9.54 -15.82 2.67
C GLU A 9 -8.16 -15.39 2.18
N PHE A 10 -8.12 -14.41 1.27
CA PHE A 10 -6.86 -13.90 0.74
C PHE A 10 -6.67 -12.46 1.18
N GLN A 11 -5.59 -12.22 1.91
CA GLN A 11 -5.29 -10.89 2.42
C GLN A 11 -3.88 -10.46 2.02
N ILE A 12 -3.79 -9.35 1.29
CA ILE A 12 -2.48 -8.83 0.87
C ILE A 12 -1.78 -8.15 2.04
N PHE A 13 -0.57 -7.65 1.78
CA PHE A 13 0.20 -6.96 2.81
C PHE A 13 0.55 -5.56 2.34
N ALA A 14 0.31 -4.58 3.21
CA ALA A 14 0.59 -3.19 2.88
C ALA A 14 1.63 -2.62 3.83
N LYS A 15 2.59 -1.89 3.28
CA LYS A 15 3.64 -1.28 4.08
C LYS A 15 3.52 0.23 4.06
N THR A 16 4.05 0.87 5.09
CA THR A 16 4.00 2.32 5.19
C THR A 16 5.41 2.91 5.08
N LEU A 17 5.48 4.22 4.92
CA LEU A 17 6.77 4.90 4.81
C LEU A 17 7.49 4.90 6.15
N THR A 18 6.82 4.37 7.18
CA THR A 18 7.40 4.29 8.52
C THR A 18 7.81 2.85 8.83
N GLY A 19 7.27 1.90 8.07
CA GLY A 19 7.59 0.49 8.26
C GLY A 19 6.48 -0.24 9.01
N LYS A 20 5.23 0.00 8.62
CA LYS A 20 4.09 -0.65 9.25
C LYS A 20 3.53 -1.74 8.34
N THR A 21 3.50 -2.97 8.84
CA THR A 21 2.97 -4.08 8.06
C THR A 21 1.49 -4.30 8.38
N ILE A 22 0.63 -4.00 7.41
CA ILE A 22 -0.81 -4.15 7.58
C ILE A 22 -1.37 -5.20 6.64
N THR A 23 -2.21 -6.09 7.18
CA THR A 23 -2.82 -7.15 6.40
C THR A 23 -4.30 -6.83 6.17
N LEU A 24 -4.73 -6.87 4.91
CA LEU A 24 -6.12 -6.58 4.56
C LEU A 24 -6.67 -7.65 3.62
N GLU A 25 -7.90 -8.10 3.91
CA GLU A 25 -8.55 -9.13 3.08
C GLU A 25 -9.13 -8.50 1.81
N VAL A 26 -8.36 -8.59 0.73
CA VAL A 26 -8.80 -8.03 -0.55
C VAL A 26 -8.80 -9.08 -1.65
N GLU A 27 -9.23 -8.67 -2.84
CA GLU A 27 -9.26 -9.56 -3.99
C GLU A 27 -8.00 -9.39 -4.82
N SER A 28 -7.62 -10.42 -5.57
CA SER A 28 -6.42 -10.34 -6.39
C SER A 28 -6.57 -9.25 -7.45
N SER A 29 -7.81 -8.86 -7.71
CA SER A 29 -8.12 -7.84 -8.71
C SER A 29 -8.74 -6.60 -8.08
N ASP A 30 -8.83 -6.58 -6.75
CA ASP A 30 -9.43 -5.44 -6.05
C ASP A 30 -8.83 -4.13 -6.55
N THR A 31 -9.53 -3.03 -6.28
CA THR A 31 -9.07 -1.72 -6.72
C THR A 31 -8.28 -1.02 -5.61
N ILE A 32 -7.42 -0.08 -5.99
CA ILE A 32 -6.61 0.64 -5.02
C ILE A 32 -7.49 1.23 -3.92
N ASP A 33 -8.58 1.87 -4.33
CA ASP A 33 -9.51 2.47 -3.36
C ASP A 33 -9.83 1.47 -2.26
N ASN A 34 -10.09 0.22 -2.66
CA ASN A 34 -10.39 -0.84 -1.70
C ASN A 34 -9.18 -1.09 -0.80
N VAL A 35 -8.00 -1.11 -1.42
CA VAL A 35 -6.76 -1.32 -0.67
C VAL A 35 -6.60 -0.23 0.38
N LYS A 36 -6.77 1.02 -0.04
CA LYS A 36 -6.66 2.15 0.86
C LYS A 36 -7.74 2.07 1.94
N SER A 37 -9.00 2.09 1.52
CA SER A 37 -10.12 2.02 2.46
C SER A 37 -9.90 0.88 3.46
N LYS A 38 -9.63 -0.32 2.95
CA LYS A 38 -9.40 -1.47 3.81
C LYS A 38 -8.35 -1.14 4.87
N ILE A 39 -7.40 -0.29 4.49
CA ILE A 39 -6.33 0.11 5.41
C ILE A 39 -6.85 1.10 6.46
N GLN A 40 -7.66 2.07 6.02
CA GLN A 40 -8.21 3.06 6.96
C GLN A 40 -9.03 2.41 8.06
N ASP A 41 -9.64 1.28 7.77
CA ASP A 41 -10.45 0.59 8.77
C ASP A 41 -9.52 -0.01 9.82
N LYS A 42 -8.31 -0.34 9.39
CA LYS A 42 -7.31 -0.94 10.26
C LYS A 42 -6.41 0.11 10.92
N GLU A 43 -6.07 1.17 10.18
CA GLU A 43 -5.18 2.21 10.72
C GLU A 43 -5.88 3.56 10.87
N GLY A 44 -7.17 3.60 10.55
CA GLY A 44 -7.95 4.83 10.68
C GLY A 44 -7.62 5.81 9.55
N ILE A 45 -6.33 5.99 9.29
CA ILE A 45 -5.86 6.91 8.25
C ILE A 45 -6.80 6.89 7.03
N PRO A 46 -7.51 7.97 6.79
CA PRO A 46 -8.45 8.06 5.63
C PRO A 46 -7.78 7.66 4.31
N PRO A 47 -8.47 6.90 3.50
CA PRO A 47 -7.94 6.43 2.19
C PRO A 47 -7.37 7.57 1.33
N ASP A 48 -8.11 8.67 1.28
CA ASP A 48 -7.69 9.84 0.48
C ASP A 48 -6.43 10.47 1.06
N GLN A 49 -6.13 10.17 2.33
CA GLN A 49 -4.95 10.73 2.98
C GLN A 49 -3.72 9.91 2.66
N GLN A 50 -3.91 8.79 1.97
CA GLN A 50 -2.79 7.90 1.63
C GLN A 50 -2.70 7.69 0.11
N ARG A 51 -1.56 7.16 -0.33
CA ARG A 51 -1.32 6.90 -1.75
C ARG A 51 -0.63 5.54 -1.92
N LEU A 52 -0.67 5.01 -3.14
CA LEU A 52 -0.04 3.72 -3.41
C LEU A 52 1.06 3.88 -4.45
N ILE A 53 2.31 3.74 -4.01
CA ILE A 53 3.45 3.86 -4.92
C ILE A 53 4.12 2.50 -5.10
N TRP A 54 4.12 2.00 -6.33
CA TRP A 54 4.74 0.70 -6.60
C TRP A 54 5.69 0.77 -7.80
N ALA A 55 6.85 0.16 -7.64
CA ALA A 55 7.87 0.15 -8.69
C ALA A 55 8.28 1.57 -9.09
N GLY A 56 8.75 2.33 -8.12
CA GLY A 56 9.21 3.70 -8.36
C GLY A 56 8.17 4.55 -9.10
N LYS A 57 6.94 4.05 -9.21
CA LYS A 57 5.90 4.78 -9.92
C LYS A 57 4.65 4.91 -9.06
N GLN A 58 4.01 6.08 -9.13
CA GLN A 58 2.80 6.34 -8.37
C GLN A 58 1.61 5.65 -9.03
N LEU A 59 0.88 4.84 -8.26
CA LEU A 59 -0.27 4.12 -8.79
C LEU A 59 -1.54 4.97 -8.75
N GLU A 60 -2.41 4.79 -9.74
CA GLU A 60 -3.66 5.55 -9.79
C GLU A 60 -4.75 4.81 -9.02
N ASP A 61 -5.47 5.54 -8.19
CA ASP A 61 -6.55 4.95 -7.38
C ASP A 61 -7.50 4.10 -8.22
N GLY A 62 -7.52 4.35 -9.54
CA GLY A 62 -8.41 3.60 -10.43
C GLY A 62 -7.78 2.29 -10.89
N ARG A 63 -6.56 2.01 -10.43
CA ARG A 63 -5.87 0.78 -10.81
C ARG A 63 -6.45 -0.43 -10.08
N THR A 64 -6.13 -1.62 -10.58
CA THR A 64 -6.62 -2.86 -9.97
C THR A 64 -5.46 -3.68 -9.42
N LEU A 65 -5.77 -4.62 -8.55
CA LEU A 65 -4.76 -5.48 -7.95
C LEU A 65 -4.22 -6.46 -8.99
N SER A 66 -5.11 -6.93 -9.85
CA SER A 66 -4.75 -7.88 -10.91
C SER A 66 -3.96 -7.18 -12.00
N ASP A 67 -3.91 -5.84 -11.95
CA ASP A 67 -3.17 -5.07 -12.95
C ASP A 67 -1.72 -5.52 -12.99
N TYR A 68 -1.03 -5.37 -11.87
CA TYR A 68 0.36 -5.78 -11.76
C TYR A 68 0.46 -7.26 -11.39
N ASN A 69 -0.70 -7.90 -11.22
CA ASN A 69 -0.76 -9.31 -10.84
C ASN A 69 -0.41 -9.48 -9.36
N ILE A 70 -1.01 -8.62 -8.55
CA ILE A 70 -0.78 -8.63 -7.11
C ILE A 70 -1.66 -9.68 -6.43
N GLN A 71 -1.12 -10.33 -5.41
CA GLN A 71 -1.86 -11.35 -4.67
C GLN A 71 -1.62 -11.19 -3.16
N ARG A 72 -2.24 -12.06 -2.38
CA ARG A 72 -2.10 -12.00 -0.92
C ARG A 72 -0.62 -11.98 -0.52
N GLU A 73 0.16 -12.90 -1.09
CA GLU A 73 1.58 -12.98 -0.77
C GLU A 73 2.37 -11.86 -1.44
N SER A 74 1.78 -10.66 -1.49
CA SER A 74 2.44 -9.51 -2.10
C SER A 74 2.65 -8.41 -1.07
N THR A 75 3.78 -7.71 -1.19
CA THR A 75 4.11 -6.62 -0.27
C THR A 75 3.86 -5.27 -0.95
N LEU A 76 2.77 -4.62 -0.58
CA LEU A 76 2.42 -3.33 -1.15
C LEU A 76 3.13 -2.19 -0.41
N HIS A 77 3.27 -1.07 -1.10
CA HIS A 77 3.91 0.10 -0.52
C HIS A 77 2.92 1.26 -0.45
N LEU A 78 2.47 1.58 0.77
CA LEU A 78 1.51 2.65 0.98
C LEU A 78 2.23 3.91 1.49
N VAL A 79 1.88 5.05 0.91
CA VAL A 79 2.49 6.32 1.32
C VAL A 79 1.48 7.17 2.09
N LEU A 80 1.71 7.31 3.39
CA LEU A 80 0.81 8.10 4.23
C LEU A 80 1.00 9.59 3.95
N ARG A 81 0.08 10.16 3.19
CA ARG A 81 0.14 11.58 2.85
C ARG A 81 -0.19 12.44 4.06
N LEU A 82 0.56 13.53 4.24
CA LEU A 82 0.34 14.42 5.36
C LEU A 82 -0.78 15.41 5.04
N ARG A 83 -1.76 15.49 5.94
CA ARG A 83 -2.88 16.41 5.76
C ARG A 83 -2.39 17.85 5.64
N GLY A 84 -1.17 18.08 6.13
CA GLY A 84 -0.57 19.40 6.09
C GLY A 84 0.93 19.32 6.30
N GLY A 85 1.71 19.75 5.30
CA GLY A 85 3.16 19.72 5.39
C GLY A 85 3.65 20.56 6.56
N SER A 86 3.88 19.91 7.70
CA SER A 86 4.36 20.61 8.89
C SER A 86 5.04 19.63 9.85
N MET A 87 4.89 18.34 9.57
CA MET A 87 5.50 17.30 10.41
C MET A 87 7.02 17.46 10.43
N GLY A 88 7.58 17.85 9.29
CA GLY A 88 9.03 18.04 9.19
C GLY A 88 9.77 16.71 9.36
N GLY A 89 9.02 15.62 9.37
CA GLY A 89 9.62 14.29 9.53
C GLY A 89 10.03 13.71 8.19
N ALA A 90 9.94 12.39 8.07
CA ALA A 90 10.30 11.70 6.83
C ALA A 90 9.23 11.95 5.75
N ALA A 91 7.97 11.82 6.15
CA ALA A 91 6.86 12.03 5.23
C ALA A 91 6.21 13.39 5.47
N ASP A 92 5.96 14.14 4.40
CA ASP A 92 5.35 15.46 4.53
C ASP A 92 4.57 15.85 3.27
N GLU A 93 3.68 14.96 2.82
CA GLU A 93 2.88 15.22 1.63
C GLU A 93 3.76 15.81 0.52
N GLU A 94 4.62 14.98 -0.05
CA GLU A 94 5.53 15.37 -1.12
C GLU A 94 6.82 14.55 -1.05
N GLU A 95 7.65 14.87 -0.07
CA GLU A 95 8.92 14.18 0.12
C GLU A 95 8.70 12.70 0.48
N LEU A 96 7.46 12.34 0.76
CA LEU A 96 7.13 10.96 1.12
C LEU A 96 7.04 10.06 -0.12
N ILE A 97 6.99 10.67 -1.30
CA ILE A 97 6.91 9.89 -2.54
C ILE A 97 8.31 9.68 -3.12
N ARG A 98 9.08 10.75 -3.22
CA ARG A 98 10.44 10.67 -3.76
C ARG A 98 11.32 9.82 -2.85
N LYS A 99 11.09 9.92 -1.55
CA LYS A 99 11.88 9.16 -0.58
C LYS A 99 11.41 7.71 -0.54
N ALA A 100 10.13 7.48 -0.86
CA ALA A 100 9.59 6.13 -0.88
C ALA A 100 10.00 5.44 -2.17
N ILE A 101 10.07 6.22 -3.24
CA ILE A 101 10.45 5.70 -4.55
C ILE A 101 11.91 5.26 -4.54
N GLU A 102 12.75 6.02 -3.84
CA GLU A 102 14.17 5.73 -3.79
C GLU A 102 14.58 4.86 -2.59
N LEU A 103 13.83 4.91 -1.50
CA LEU A 103 14.20 4.13 -0.30
C LEU A 103 13.46 2.79 -0.19
N SER A 104 12.13 2.81 -0.26
CA SER A 104 11.35 1.57 -0.09
C SER A 104 10.97 0.94 -1.41
N LEU A 105 11.11 1.69 -2.49
CA LEU A 105 10.74 1.18 -3.81
C LEU A 105 11.94 0.53 -4.50
N LYS A 106 13.14 0.98 -4.17
CA LYS A 106 14.34 0.41 -4.76
C LYS A 106 14.76 -0.82 -3.97
N GLU A 107 14.36 -0.84 -2.71
CA GLU A 107 14.66 -1.95 -1.82
C GLU A 107 13.76 -3.13 -2.13
N SER A 108 12.55 -2.83 -2.59
CA SER A 108 11.58 -3.87 -2.93
C SER A 108 12.15 -4.80 -3.99
N ARG A 109 13.03 -4.26 -4.83
CA ARG A 109 13.66 -5.05 -5.89
C ARG A 109 14.39 -6.25 -5.28
N ASN A 110 15.03 -6.02 -4.14
CA ASN A 110 15.75 -7.08 -3.43
C ASN A 110 14.76 -8.08 -2.85
N SER A 111 13.56 -7.59 -2.51
CA SER A 111 12.52 -8.44 -1.94
C SER A 111 11.68 -9.07 -3.06
N GLY A 112 12.16 -8.95 -4.29
CA GLY A 112 11.45 -9.50 -5.43
C GLY A 112 11.48 -11.02 -5.42
N GLY A 113 12.10 -11.59 -4.38
CA GLY A 113 12.18 -13.05 -4.24
C GLY A 113 10.79 -13.69 -4.25
N TYR A 114 9.79 -12.92 -3.81
CA TYR A 114 8.42 -13.42 -3.77
C TYR A 114 7.96 -13.81 -5.17
N MET A 1 -23.83 -6.34 16.69
CA MET A 1 -24.04 -7.82 16.63
C MET A 1 -23.06 -8.44 15.65
N HIS A 2 -22.72 -7.70 14.60
CA HIS A 2 -21.77 -8.18 13.60
C HIS A 2 -20.38 -8.34 14.22
N HIS A 3 -19.48 -8.96 13.46
CA HIS A 3 -18.11 -9.18 13.94
C HIS A 3 -17.11 -8.93 12.82
N HIS A 4 -17.23 -9.70 11.74
CA HIS A 4 -16.33 -9.57 10.60
C HIS A 4 -17.06 -9.91 9.30
N HIS A 5 -18.09 -10.74 9.42
CA HIS A 5 -18.88 -11.16 8.25
C HIS A 5 -18.05 -12.07 7.34
N HIS A 6 -18.50 -13.30 7.17
CA HIS A 6 -17.80 -14.25 6.31
C HIS A 6 -17.71 -13.72 4.88
N HIS A 7 -16.58 -13.11 4.56
CA HIS A 7 -16.39 -12.55 3.23
C HIS A 7 -14.89 -12.40 2.92
N GLY A 8 -14.53 -12.59 1.65
CA GLY A 8 -13.14 -12.47 1.24
C GLY A 8 -12.32 -13.69 1.67
N GLU A 9 -11.47 -14.17 0.77
CA GLU A 9 -10.63 -15.33 1.07
C GLU A 9 -9.15 -14.99 0.85
N PHE A 10 -8.90 -13.88 0.17
CA PHE A 10 -7.54 -13.43 -0.11
C PHE A 10 -7.31 -12.06 0.49
N GLN A 11 -6.30 -11.96 1.35
CA GLN A 11 -5.99 -10.68 2.00
C GLN A 11 -4.54 -10.28 1.74
N ILE A 12 -4.35 -9.11 1.13
CA ILE A 12 -3.01 -8.63 0.83
C ILE A 12 -2.31 -8.13 2.09
N PHE A 13 -1.04 -7.78 1.95
CA PHE A 13 -0.27 -7.26 3.07
C PHE A 13 0.26 -5.88 2.70
N ALA A 14 0.18 -4.96 3.65
CA ALA A 14 0.65 -3.60 3.40
C ALA A 14 1.51 -3.12 4.56
N LYS A 15 2.54 -2.34 4.23
CA LYS A 15 3.43 -1.80 5.24
C LYS A 15 3.65 -0.32 5.02
N THR A 16 3.41 0.48 6.05
CA THR A 16 3.61 1.91 5.95
C THR A 16 5.09 2.23 5.91
N LEU A 17 5.42 3.43 5.46
CA LEU A 17 6.81 3.86 5.39
C LEU A 17 7.49 3.68 6.75
N THR A 18 6.82 4.13 7.80
CA THR A 18 7.36 4.03 9.15
C THR A 18 7.53 2.57 9.57
N GLY A 19 6.88 1.65 8.86
CA GLY A 19 6.99 0.22 9.16
C GLY A 19 5.80 -0.33 9.95
N LYS A 20 4.59 -0.07 9.46
CA LYS A 20 3.38 -0.57 10.12
C LYS A 20 2.78 -1.72 9.30
N THR A 21 2.78 -2.92 9.87
CA THR A 21 2.24 -4.09 9.17
C THR A 21 0.72 -4.16 9.32
N ILE A 22 0.01 -4.04 8.21
CA ILE A 22 -1.46 -4.10 8.22
C ILE A 22 -1.97 -5.03 7.13
N THR A 23 -2.82 -5.98 7.51
CA THR A 23 -3.40 -6.94 6.56
C THR A 23 -4.84 -6.57 6.24
N LEU A 24 -5.19 -6.58 4.96
CA LEU A 24 -6.56 -6.23 4.54
C LEU A 24 -7.11 -7.25 3.55
N GLU A 25 -8.38 -7.62 3.76
CA GLU A 25 -9.05 -8.58 2.89
C GLU A 25 -9.55 -7.90 1.62
N VAL A 26 -8.78 -8.02 0.54
CA VAL A 26 -9.16 -7.40 -0.73
C VAL A 26 -9.26 -8.45 -1.84
N GLU A 27 -10.07 -8.15 -2.84
CA GLU A 27 -10.26 -9.06 -3.97
C GLU A 27 -8.98 -9.14 -4.80
N SER A 28 -8.78 -10.27 -5.49
CA SER A 28 -7.59 -10.45 -6.30
C SER A 28 -7.53 -9.40 -7.41
N SER A 29 -8.68 -8.79 -7.71
CA SER A 29 -8.76 -7.78 -8.77
C SER A 29 -9.19 -6.43 -8.20
N ASP A 30 -9.32 -6.35 -6.87
CA ASP A 30 -9.72 -5.12 -6.20
C ASP A 30 -8.98 -3.90 -6.77
N THR A 31 -9.53 -2.71 -6.54
CA THR A 31 -8.91 -1.48 -7.02
C THR A 31 -8.18 -0.78 -5.89
N ILE A 32 -7.29 0.14 -6.24
CA ILE A 32 -6.53 0.88 -5.24
C ILE A 32 -7.47 1.61 -4.28
N ASP A 33 -8.44 2.33 -4.83
CA ASP A 33 -9.39 3.06 -3.99
C ASP A 33 -9.92 2.18 -2.87
N ASN A 34 -10.31 0.95 -3.22
CA ASN A 34 -10.81 0.00 -2.24
C ASN A 34 -9.70 -0.34 -1.24
N VAL A 35 -8.47 -0.44 -1.76
CA VAL A 35 -7.32 -0.75 -0.92
C VAL A 35 -7.14 0.37 0.10
N LYS A 36 -7.25 1.61 -0.37
CA LYS A 36 -7.11 2.77 0.50
C LYS A 36 -8.19 2.75 1.58
N SER A 37 -9.44 2.85 1.16
CA SER A 37 -10.57 2.84 2.10
C SER A 37 -10.43 1.65 3.06
N LYS A 38 -10.23 0.47 2.50
CA LYS A 38 -10.09 -0.74 3.32
C LYS A 38 -9.04 -0.51 4.40
N ILE A 39 -8.06 0.34 4.11
CA ILE A 39 -7.01 0.64 5.07
C ILE A 39 -7.54 1.59 6.16
N GLN A 40 -8.35 2.57 5.76
CA GLN A 40 -8.91 3.52 6.73
C GLN A 40 -9.69 2.76 7.81
N ASP A 41 -10.22 1.60 7.46
CA ASP A 41 -10.94 0.80 8.44
C ASP A 41 -9.97 0.27 9.49
N LYS A 42 -8.71 0.14 9.06
CA LYS A 42 -7.66 -0.38 9.94
C LYS A 42 -6.91 0.73 10.67
N GLU A 43 -6.65 1.86 10.00
CA GLU A 43 -5.90 2.96 10.62
C GLU A 43 -6.73 4.24 10.71
N GLY A 44 -8.00 4.17 10.32
CA GLY A 44 -8.89 5.34 10.38
C GLY A 44 -8.54 6.38 9.31
N ILE A 45 -7.24 6.53 9.06
CA ILE A 45 -6.76 7.51 8.09
C ILE A 45 -7.53 7.43 6.77
N PRO A 46 -8.13 8.53 6.36
CA PRO A 46 -8.94 8.60 5.10
C PRO A 46 -8.17 8.04 3.90
N PRO A 47 -8.84 7.30 3.05
CA PRO A 47 -8.24 6.69 1.83
C PRO A 47 -7.42 7.69 1.01
N ASP A 48 -7.95 8.91 0.88
CA ASP A 48 -7.28 9.94 0.09
C ASP A 48 -6.00 10.44 0.78
N GLN A 49 -5.82 10.11 2.05
CA GLN A 49 -4.65 10.55 2.78
C GLN A 49 -3.49 9.56 2.62
N GLN A 50 -3.80 8.36 2.14
CA GLN A 50 -2.76 7.33 1.97
C GLN A 50 -2.40 7.15 0.49
N ARG A 51 -1.10 7.00 0.23
CA ARG A 51 -0.61 6.80 -1.13
C ARG A 51 0.07 5.44 -1.19
N LEU A 52 -0.05 4.76 -2.32
CA LEU A 52 0.57 3.44 -2.47
C LEU A 52 1.58 3.44 -3.60
N ILE A 53 2.82 3.08 -3.29
CA ILE A 53 3.89 3.05 -4.29
C ILE A 53 4.34 1.61 -4.51
N TRP A 54 4.25 1.16 -5.76
CA TRP A 54 4.65 -0.20 -6.11
C TRP A 54 5.65 -0.19 -7.26
N ALA A 55 6.79 -0.84 -7.05
CA ALA A 55 7.83 -0.91 -8.07
C ALA A 55 8.28 0.48 -8.51
N GLY A 56 8.79 1.25 -7.54
CA GLY A 56 9.29 2.60 -7.82
C GLY A 56 8.25 3.49 -8.50
N LYS A 57 7.01 3.00 -8.60
CA LYS A 57 5.95 3.79 -9.23
C LYS A 57 4.75 3.95 -8.30
N GLN A 58 4.20 5.16 -8.27
CA GLN A 58 3.05 5.44 -7.42
C GLN A 58 1.80 4.82 -8.04
N LEU A 59 1.13 3.97 -7.27
CA LEU A 59 -0.09 3.31 -7.74
C LEU A 59 -1.22 4.31 -7.88
N GLU A 60 -1.82 4.35 -9.07
CA GLU A 60 -2.93 5.26 -9.34
C GLU A 60 -4.25 4.65 -8.87
N ASP A 61 -5.11 5.49 -8.32
CA ASP A 61 -6.41 5.04 -7.80
C ASP A 61 -7.18 4.20 -8.83
N GLY A 62 -6.76 4.26 -10.09
CA GLY A 62 -7.43 3.50 -11.15
C GLY A 62 -6.77 2.14 -11.38
N ARG A 63 -5.71 1.86 -10.63
CA ARG A 63 -5.01 0.59 -10.77
C ARG A 63 -5.79 -0.55 -10.13
N THR A 64 -5.66 -1.75 -10.69
CA THR A 64 -6.35 -2.93 -10.17
C THR A 64 -5.37 -3.91 -9.55
N LEU A 65 -5.90 -4.89 -8.82
CA LEU A 65 -5.05 -5.90 -8.18
C LEU A 65 -4.64 -6.97 -9.18
N SER A 66 -5.61 -7.45 -9.95
CA SER A 66 -5.37 -8.48 -10.95
C SER A 66 -4.52 -7.93 -12.09
N ASP A 67 -4.33 -6.61 -12.09
CA ASP A 67 -3.53 -5.96 -13.12
C ASP A 67 -2.19 -6.67 -13.27
N TYR A 68 -1.41 -6.66 -12.18
CA TYR A 68 -0.10 -7.30 -12.18
C TYR A 68 -0.16 -8.62 -11.42
N ASN A 69 -1.33 -8.93 -10.86
CA ASN A 69 -1.53 -10.16 -10.09
C ASN A 69 -0.73 -10.10 -8.80
N ILE A 70 -0.81 -8.96 -8.12
CA ILE A 70 -0.11 -8.75 -6.86
C ILE A 70 -0.44 -9.87 -5.87
N GLN A 71 -1.52 -10.60 -6.13
CA GLN A 71 -1.94 -11.71 -5.25
C GLN A 71 -2.16 -11.21 -3.83
N ARG A 72 -2.13 -12.14 -2.87
CA ARG A 72 -2.35 -11.78 -1.47
C ARG A 72 -1.01 -11.72 -0.72
N GLU A 73 -0.11 -12.64 -1.04
CA GLU A 73 1.20 -12.67 -0.39
C GLU A 73 2.12 -11.61 -0.97
N SER A 74 1.69 -10.35 -0.89
CA SER A 74 2.48 -9.24 -1.41
C SER A 74 2.58 -8.12 -0.37
N THR A 75 3.67 -7.34 -0.45
CA THR A 75 3.88 -6.23 0.46
C THR A 75 3.53 -4.91 -0.21
N LEU A 76 2.38 -4.37 0.16
CA LEU A 76 1.91 -3.11 -0.41
C LEU A 76 2.57 -1.92 0.29
N HIS A 77 3.52 -1.29 -0.38
CA HIS A 77 4.21 -0.13 0.17
C HIS A 77 3.25 1.06 0.23
N LEU A 78 2.86 1.44 1.44
CA LEU A 78 1.94 2.56 1.61
C LEU A 78 2.60 3.67 2.42
N VAL A 79 2.18 4.90 2.20
CA VAL A 79 2.73 6.05 2.91
C VAL A 79 1.63 6.92 3.50
N LEU A 80 1.78 7.30 4.76
CA LEU A 80 0.77 8.12 5.44
C LEU A 80 1.11 9.61 5.29
N ARG A 81 0.15 10.37 4.77
CA ARG A 81 0.33 11.80 4.59
C ARG A 81 0.08 12.55 5.90
N LEU A 82 0.82 13.65 6.09
CA LEU A 82 0.66 14.45 7.30
C LEU A 82 0.41 15.91 6.93
N ARG A 83 -0.75 16.43 7.32
CA ARG A 83 -1.12 17.80 7.01
C ARG A 83 -0.33 18.78 7.88
N GLY A 84 0.91 18.42 8.21
CA GLY A 84 1.77 19.26 9.03
C GLY A 84 3.23 18.94 8.79
N GLY A 85 3.50 17.72 8.30
CA GLY A 85 4.87 17.30 8.03
C GLY A 85 5.72 17.36 9.30
N SER A 86 5.21 16.77 10.38
CA SER A 86 5.92 16.76 11.65
C SER A 86 6.34 15.34 12.03
N MET A 87 5.97 14.38 11.18
CA MET A 87 6.31 12.98 11.44
C MET A 87 7.83 12.82 11.62
N GLY A 88 8.59 13.46 10.75
CA GLY A 88 10.06 13.38 10.82
C GLY A 88 10.69 13.93 9.56
N GLY A 89 11.98 14.24 9.63
CA GLY A 89 12.71 14.77 8.48
C GLY A 89 12.65 13.80 7.29
N ALA A 90 12.47 12.52 7.59
CA ALA A 90 12.40 11.50 6.54
C ALA A 90 11.05 11.57 5.83
N ALA A 91 10.00 11.15 6.52
CA ALA A 91 8.65 11.17 5.95
C ALA A 91 7.87 12.36 6.48
N ASP A 92 7.15 13.03 5.59
CA ASP A 92 6.36 14.19 5.97
C ASP A 92 4.96 14.10 5.39
N GLU A 93 4.87 14.17 4.06
CA GLU A 93 3.57 14.09 3.38
C GLU A 93 3.77 13.86 1.89
N GLU A 94 4.77 14.52 1.31
CA GLU A 94 5.06 14.38 -0.11
C GLU A 94 6.39 13.67 -0.32
N GLU A 95 7.41 14.11 0.41
CA GLU A 95 8.74 13.54 0.30
C GLU A 95 8.72 12.06 0.71
N LEU A 96 7.61 11.62 1.28
CA LEU A 96 7.47 10.23 1.70
C LEU A 96 7.22 9.33 0.49
N ILE A 97 6.98 9.95 -0.67
CA ILE A 97 6.74 9.21 -1.90
C ILE A 97 8.04 9.00 -2.67
N ARG A 98 8.70 10.10 -3.02
CA ARG A 98 9.95 10.02 -3.77
C ARG A 98 11.00 9.22 -3.00
N LYS A 99 10.97 9.32 -1.67
CA LYS A 99 11.91 8.59 -0.84
C LYS A 99 11.45 7.15 -0.67
N ALA A 100 10.14 6.92 -0.73
CA ALA A 100 9.59 5.57 -0.62
C ALA A 100 9.96 4.79 -1.86
N ILE A 101 10.29 5.52 -2.91
CA ILE A 101 10.68 4.93 -4.18
C ILE A 101 12.18 4.68 -4.20
N GLU A 102 12.93 5.56 -3.54
CA GLU A 102 14.39 5.47 -3.52
C GLU A 102 14.94 4.65 -2.34
N LEU A 103 14.12 4.34 -1.35
CA LEU A 103 14.63 3.59 -0.19
C LEU A 103 14.38 2.08 -0.30
N SER A 104 13.12 1.66 -0.21
CA SER A 104 12.79 0.24 -0.25
C SER A 104 12.30 -0.22 -1.63
N LEU A 105 12.02 0.73 -2.52
CA LEU A 105 11.52 0.38 -3.83
C LEU A 105 12.63 0.25 -4.87
N LYS A 106 13.64 1.11 -4.78
CA LYS A 106 14.74 1.07 -5.73
C LYS A 106 15.78 0.03 -5.30
N GLU A 107 15.72 -0.39 -4.05
CA GLU A 107 16.67 -1.39 -3.54
C GLU A 107 16.45 -2.73 -4.23
N SER A 108 15.21 -2.97 -4.66
CA SER A 108 14.86 -4.23 -5.33
C SER A 108 15.31 -4.20 -6.79
N ARG A 109 15.75 -3.03 -7.26
CA ARG A 109 16.20 -2.89 -8.64
C ARG A 109 17.38 -3.83 -8.92
N ASN A 110 18.27 -3.95 -7.94
CA ASN A 110 19.44 -4.81 -8.09
C ASN A 110 19.01 -6.25 -8.36
N SER A 111 17.97 -6.70 -7.64
CA SER A 111 17.46 -8.05 -7.81
C SER A 111 16.28 -8.05 -8.79
N GLY A 112 16.17 -6.99 -9.58
CA GLY A 112 15.09 -6.86 -10.55
C GLY A 112 15.19 -7.98 -11.59
N GLY A 113 16.40 -8.40 -11.91
CA GLY A 113 16.61 -9.46 -12.89
C GLY A 113 16.06 -10.79 -12.37
N TYR A 114 15.65 -10.80 -11.11
CA TYR A 114 15.09 -12.00 -10.50
C TYR A 114 13.74 -11.71 -9.85
N MET A 1 -10.80 -12.30 9.92
CA MET A 1 -12.11 -12.84 10.35
C MET A 1 -12.32 -14.23 9.74
N HIS A 2 -12.10 -15.25 10.56
CA HIS A 2 -12.25 -16.63 10.10
C HIS A 2 -12.13 -17.61 11.27
N HIS A 3 -12.18 -18.91 10.95
CA HIS A 3 -12.07 -19.95 11.98
C HIS A 3 -11.59 -21.25 11.35
N HIS A 4 -12.21 -21.63 10.24
CA HIS A 4 -11.84 -22.85 9.54
C HIS A 4 -10.76 -22.54 8.51
N HIS A 5 -10.94 -21.43 7.79
CA HIS A 5 -9.98 -21.01 6.77
C HIS A 5 -9.78 -22.10 5.72
N HIS A 6 -10.79 -22.25 4.86
CA HIS A 6 -10.74 -23.26 3.80
C HIS A 6 -11.39 -22.72 2.53
N HIS A 7 -12.15 -21.64 2.67
CA HIS A 7 -12.83 -21.02 1.54
C HIS A 7 -11.80 -20.40 0.58
N GLY A 8 -10.60 -20.13 1.09
CA GLY A 8 -9.54 -19.55 0.28
C GLY A 8 -9.71 -18.04 0.16
N GLU A 9 -9.17 -17.30 1.12
CA GLU A 9 -9.26 -15.83 1.10
C GLU A 9 -7.88 -15.23 0.89
N PHE A 10 -7.84 -14.15 0.11
CA PHE A 10 -6.57 -13.50 -0.18
C PHE A 10 -6.52 -12.13 0.50
N GLN A 11 -5.53 -11.95 1.37
CA GLN A 11 -5.39 -10.69 2.09
C GLN A 11 -3.99 -10.11 1.87
N ILE A 12 -3.93 -8.95 1.21
CA ILE A 12 -2.65 -8.32 0.93
C ILE A 12 -2.09 -7.67 2.18
N PHE A 13 -0.86 -7.15 2.06
CA PHE A 13 -0.19 -6.49 3.16
C PHE A 13 0.19 -5.08 2.78
N ALA A 14 -0.13 -4.12 3.64
CA ALA A 14 0.19 -2.73 3.38
C ALA A 14 1.17 -2.22 4.43
N LYS A 15 2.20 -1.52 3.98
CA LYS A 15 3.20 -0.98 4.89
C LYS A 15 3.46 0.49 4.62
N THR A 16 3.15 1.33 5.61
CA THR A 16 3.36 2.75 5.47
C THR A 16 4.84 3.08 5.56
N LEU A 17 5.19 4.34 5.29
CA LEU A 17 6.57 4.77 5.35
C LEU A 17 7.06 4.83 6.80
N THR A 18 6.12 4.67 7.73
CA THR A 18 6.45 4.70 9.15
C THR A 18 6.92 3.31 9.62
N GLY A 19 6.54 2.29 8.85
CA GLY A 19 6.90 0.92 9.19
C GLY A 19 5.73 0.18 9.85
N LYS A 20 4.52 0.62 9.53
CA LYS A 20 3.32 0.00 10.09
C LYS A 20 2.76 -1.05 9.14
N THR A 21 2.67 -2.29 9.61
CA THR A 21 2.15 -3.37 8.77
C THR A 21 0.64 -3.54 8.97
N ILE A 22 -0.08 -3.61 7.85
CA ILE A 22 -1.54 -3.76 7.89
C ILE A 22 -1.99 -4.87 6.93
N THR A 23 -2.79 -5.80 7.44
CA THR A 23 -3.29 -6.90 6.62
C THR A 23 -4.77 -6.68 6.30
N LEU A 24 -5.09 -6.61 5.01
CA LEU A 24 -6.47 -6.39 4.58
C LEU A 24 -6.90 -7.45 3.57
N GLU A 25 -8.15 -7.91 3.70
CA GLU A 25 -8.69 -8.92 2.80
C GLU A 25 -9.27 -8.28 1.55
N VAL A 26 -8.64 -8.55 0.41
CA VAL A 26 -9.08 -7.98 -0.86
C VAL A 26 -9.01 -9.02 -1.98
N GLU A 27 -9.85 -8.82 -3.00
CA GLU A 27 -9.88 -9.74 -4.14
C GLU A 27 -8.58 -9.65 -4.94
N SER A 28 -8.31 -10.65 -5.75
CA SER A 28 -7.10 -10.67 -6.56
C SER A 28 -7.12 -9.54 -7.59
N SER A 29 -8.30 -8.97 -7.82
CA SER A 29 -8.46 -7.90 -8.81
C SER A 29 -8.93 -6.61 -8.16
N ASP A 30 -9.04 -6.61 -6.82
CA ASP A 30 -9.48 -5.42 -6.08
C ASP A 30 -8.81 -4.16 -6.62
N THR A 31 -9.44 -3.01 -6.40
CA THR A 31 -8.88 -1.74 -6.87
C THR A 31 -8.33 -0.92 -5.70
N ILE A 32 -7.53 0.08 -6.03
CA ILE A 32 -6.92 0.95 -5.01
C ILE A 32 -7.98 1.48 -4.05
N ASP A 33 -9.03 2.08 -4.60
CA ASP A 33 -10.11 2.63 -3.77
C ASP A 33 -10.47 1.67 -2.63
N ASN A 34 -10.70 0.41 -2.98
CA ASN A 34 -11.05 -0.60 -1.99
C ASN A 34 -9.89 -0.81 -1.01
N VAL A 35 -8.68 -0.74 -1.53
CA VAL A 35 -7.48 -0.92 -0.71
C VAL A 35 -7.39 0.21 0.32
N LYS A 36 -7.51 1.45 -0.15
CA LYS A 36 -7.45 2.61 0.73
C LYS A 36 -8.54 2.52 1.79
N SER A 37 -9.80 2.51 1.35
CA SER A 37 -10.94 2.42 2.27
C SER A 37 -10.71 1.31 3.29
N LYS A 38 -10.30 0.13 2.80
CA LYS A 38 -10.05 -1.00 3.69
C LYS A 38 -9.09 -0.59 4.80
N ILE A 39 -8.17 0.32 4.48
CA ILE A 39 -7.20 0.81 5.45
C ILE A 39 -7.85 1.75 6.46
N GLN A 40 -8.64 2.72 5.98
CA GLN A 40 -9.29 3.68 6.87
C GLN A 40 -10.14 2.99 7.93
N ASP A 41 -10.67 1.82 7.60
CA ASP A 41 -11.49 1.08 8.55
C ASP A 41 -10.59 0.44 9.61
N LYS A 42 -9.36 0.16 9.21
CA LYS A 42 -8.38 -0.48 10.09
C LYS A 42 -7.52 0.55 10.84
N GLU A 43 -7.08 1.61 10.16
CA GLU A 43 -6.23 2.61 10.80
C GLU A 43 -6.91 3.98 10.88
N GLY A 44 -8.17 4.08 10.46
CA GLY A 44 -8.90 5.34 10.51
C GLY A 44 -8.51 6.26 9.37
N ILE A 45 -7.20 6.41 9.15
CA ILE A 45 -6.68 7.28 8.08
C ILE A 45 -7.63 7.34 6.89
N PRO A 46 -7.97 8.52 6.43
CA PRO A 46 -8.89 8.69 5.27
C PRO A 46 -8.23 8.31 3.94
N PRO A 47 -8.94 7.60 3.10
CA PRO A 47 -8.42 7.16 1.78
C PRO A 47 -7.89 8.33 0.94
N ASP A 48 -8.64 9.44 0.95
CA ASP A 48 -8.24 10.63 0.19
C ASP A 48 -6.91 11.19 0.68
N GLN A 49 -6.40 10.64 1.77
CA GLN A 49 -5.13 11.11 2.34
C GLN A 49 -4.05 10.04 2.19
N GLN A 50 -4.45 8.87 1.71
CA GLN A 50 -3.52 7.75 1.54
C GLN A 50 -3.00 7.67 0.11
N ARG A 51 -1.69 7.53 -0.02
CA ARG A 51 -1.04 7.42 -1.32
C ARG A 51 -0.45 6.01 -1.46
N LEU A 52 -0.59 5.41 -2.64
CA LEU A 52 -0.07 4.07 -2.88
C LEU A 52 1.10 4.10 -3.85
N ILE A 53 2.29 3.77 -3.37
CA ILE A 53 3.48 3.76 -4.21
C ILE A 53 4.02 2.34 -4.34
N TRP A 54 4.15 1.86 -5.58
CA TRP A 54 4.65 0.51 -5.83
C TRP A 54 5.56 0.48 -7.05
N ALA A 55 6.67 -0.22 -6.91
CA ALA A 55 7.65 -0.36 -7.99
C ALA A 55 8.19 0.99 -8.45
N GLY A 56 8.72 1.76 -7.50
CA GLY A 56 9.30 3.07 -7.80
C GLY A 56 8.31 4.01 -8.48
N LYS A 57 7.05 3.58 -8.60
CA LYS A 57 6.03 4.40 -9.25
C LYS A 57 4.79 4.55 -8.37
N GLN A 58 4.16 5.71 -8.46
CA GLN A 58 2.95 5.97 -7.69
C GLN A 58 1.76 5.29 -8.33
N LEU A 59 1.08 4.44 -7.56
CA LEU A 59 -0.09 3.72 -8.08
C LEU A 59 -1.28 4.65 -8.24
N GLU A 60 -1.97 4.52 -9.38
CA GLU A 60 -3.15 5.35 -9.65
C GLU A 60 -4.41 4.63 -9.15
N ASP A 61 -5.30 5.38 -8.51
CA ASP A 61 -6.53 4.80 -7.96
C ASP A 61 -7.21 3.86 -8.95
N GLY A 62 -7.02 4.11 -10.25
CA GLY A 62 -7.62 3.28 -11.29
C GLY A 62 -6.89 1.95 -11.45
N ARG A 63 -5.87 1.73 -10.62
CA ARG A 63 -5.08 0.50 -10.70
C ARG A 63 -5.83 -0.66 -10.04
N THR A 64 -5.61 -1.87 -10.57
CA THR A 64 -6.26 -3.07 -10.03
C THR A 64 -5.23 -4.06 -9.50
N LEU A 65 -5.68 -4.96 -8.64
CA LEU A 65 -4.78 -5.97 -8.06
C LEU A 65 -4.35 -6.97 -9.12
N SER A 66 -5.29 -7.38 -9.96
CA SER A 66 -5.01 -8.35 -11.02
C SER A 66 -4.12 -7.74 -12.09
N ASP A 67 -3.92 -6.42 -12.04
CA ASP A 67 -3.08 -5.75 -13.03
C ASP A 67 -1.68 -6.34 -12.99
N TYR A 68 -1.02 -6.23 -11.84
CA TYR A 68 0.32 -6.76 -11.67
C TYR A 68 0.28 -8.24 -11.26
N ASN A 69 -0.94 -8.76 -11.10
CA ASN A 69 -1.13 -10.16 -10.70
C ASN A 69 -0.70 -10.34 -9.23
N ILE A 70 -0.72 -9.23 -8.50
CA ILE A 70 -0.33 -9.23 -7.08
C ILE A 70 -1.14 -10.29 -6.32
N GLN A 71 -0.42 -11.09 -5.52
CA GLN A 71 -1.06 -12.15 -4.75
C GLN A 71 -1.52 -11.63 -3.38
N ARG A 72 -1.47 -12.49 -2.37
CA ARG A 72 -1.89 -12.12 -1.02
C ARG A 72 -0.68 -11.80 -0.15
N GLU A 73 0.40 -12.56 -0.33
CA GLU A 73 1.61 -12.34 0.46
C GLU A 73 2.38 -11.12 -0.07
N SER A 74 1.76 -10.40 -0.99
CA SER A 74 2.39 -9.21 -1.56
C SER A 74 2.54 -8.11 -0.52
N THR A 75 3.67 -7.42 -0.55
CA THR A 75 3.94 -6.34 0.38
C THR A 75 3.72 -4.99 -0.29
N LEU A 76 2.58 -4.37 0.01
CA LEU A 76 2.25 -3.07 -0.57
C LEU A 76 2.77 -1.94 0.31
N HIS A 77 2.93 -0.77 -0.29
CA HIS A 77 3.41 0.40 0.44
C HIS A 77 2.39 1.52 0.36
N LEU A 78 1.83 1.89 1.51
CA LEU A 78 0.83 2.95 1.56
C LEU A 78 1.36 4.16 2.32
N VAL A 79 1.99 5.08 1.60
CA VAL A 79 2.54 6.28 2.21
C VAL A 79 1.43 7.31 2.45
N LEU A 80 1.41 7.88 3.66
CA LEU A 80 0.38 8.86 4.01
C LEU A 80 0.88 10.28 3.77
N ARG A 81 0.21 11.00 2.88
CA ARG A 81 0.57 12.37 2.57
C ARG A 81 -0.03 13.31 3.61
N LEU A 82 0.82 14.16 4.20
CA LEU A 82 0.36 15.10 5.22
C LEU A 82 -0.10 16.40 4.56
N ARG A 83 -1.33 16.80 4.88
CA ARG A 83 -1.91 18.01 4.31
C ARG A 83 -1.42 19.25 5.07
N GLY A 84 -0.20 19.18 5.58
CA GLY A 84 0.38 20.29 6.32
C GLY A 84 1.89 20.12 6.48
N GLY A 85 2.34 18.87 6.48
CA GLY A 85 3.76 18.57 6.62
C GLY A 85 4.25 18.93 8.02
N SER A 86 3.32 19.06 8.96
CA SER A 86 3.67 19.39 10.34
C SER A 86 4.38 18.23 11.02
N MET A 87 4.36 17.06 10.36
CA MET A 87 5.01 15.87 10.91
C MET A 87 6.52 16.07 10.98
N GLY A 88 7.13 16.37 9.83
CA GLY A 88 8.57 16.58 9.76
C GLY A 88 9.33 15.37 10.29
N GLY A 89 9.46 14.34 9.44
CA GLY A 89 10.17 13.13 9.83
C GLY A 89 10.39 12.23 8.63
N ALA A 90 10.18 10.92 8.83
CA ALA A 90 10.37 9.94 7.76
C ALA A 90 9.33 10.15 6.65
N ALA A 91 8.34 11.00 6.93
CA ALA A 91 7.29 11.29 5.95
C ALA A 91 6.67 12.64 6.23
N ASP A 92 6.99 13.62 5.39
CA ASP A 92 6.46 14.97 5.55
C ASP A 92 5.21 15.15 4.72
N GLU A 93 5.31 14.89 3.42
CA GLU A 93 4.17 15.01 2.53
C GLU A 93 4.57 14.62 1.11
N GLU A 94 5.73 15.09 0.66
CA GLU A 94 6.22 14.78 -0.68
C GLU A 94 7.39 13.81 -0.61
N GLU A 95 8.33 14.10 0.28
CA GLU A 95 9.52 13.26 0.45
C GLU A 95 9.13 11.82 0.76
N LEU A 96 7.94 11.65 1.33
CA LEU A 96 7.44 10.33 1.68
C LEU A 96 7.38 9.44 0.43
N ILE A 97 7.42 10.07 -0.74
CA ILE A 97 7.36 9.33 -2.01
C ILE A 97 8.77 9.10 -2.55
N ARG A 98 9.56 10.16 -2.63
CA ARG A 98 10.93 10.06 -3.15
C ARG A 98 11.72 9.01 -2.36
N LYS A 99 11.57 9.02 -1.04
CA LYS A 99 12.27 8.05 -0.21
C LYS A 99 11.72 6.66 -0.44
N ALA A 100 10.51 6.41 0.08
CA ALA A 100 9.85 5.11 -0.03
C ALA A 100 10.16 4.41 -1.35
N ILE A 101 10.41 5.18 -2.40
CA ILE A 101 10.70 4.62 -3.71
C ILE A 101 12.14 4.09 -3.74
N GLU A 102 13.09 4.96 -3.41
CA GLU A 102 14.50 4.62 -3.38
C GLU A 102 14.85 3.94 -2.06
N LEU A 103 13.90 3.98 -1.14
CA LEU A 103 14.10 3.42 0.19
C LEU A 103 13.62 1.97 0.29
N SER A 104 12.30 1.78 0.28
CA SER A 104 11.72 0.45 0.42
C SER A 104 11.36 -0.19 -0.93
N LEU A 105 11.21 0.62 -1.97
CA LEU A 105 10.86 0.07 -3.27
C LEU A 105 12.10 -0.21 -4.12
N LYS A 106 13.19 0.48 -3.82
CA LYS A 106 14.44 0.29 -4.56
C LYS A 106 14.74 -1.19 -4.79
N GLU A 107 14.14 -2.05 -3.96
CA GLU A 107 14.36 -3.48 -4.06
C GLU A 107 13.89 -3.99 -5.43
N SER A 108 12.96 -3.27 -6.04
CA SER A 108 12.43 -3.64 -7.36
C SER A 108 13.48 -3.42 -8.45
N ARG A 109 14.53 -2.68 -8.11
CA ARG A 109 15.61 -2.40 -9.06
C ARG A 109 16.42 -3.66 -9.35
N ASN A 110 16.09 -4.75 -8.68
CA ASN A 110 16.78 -6.02 -8.87
C ASN A 110 16.53 -6.57 -10.27
N SER A 111 15.64 -5.92 -11.01
CA SER A 111 15.31 -6.35 -12.36
C SER A 111 16.54 -6.31 -13.27
N GLY A 112 17.56 -5.56 -12.83
CA GLY A 112 18.80 -5.44 -13.61
C GLY A 112 19.51 -6.79 -13.73
N GLY A 113 19.12 -7.74 -12.88
CA GLY A 113 19.73 -9.06 -12.89
C GLY A 113 19.58 -9.72 -14.27
N TYR A 114 18.36 -9.74 -14.78
CA TYR A 114 18.08 -10.33 -16.08
C TYR A 114 17.76 -9.24 -17.12
N MET A 1 -13.25 -20.28 16.48
CA MET A 1 -13.88 -20.68 17.76
C MET A 1 -15.37 -20.36 17.71
N HIS A 2 -15.69 -19.08 17.52
CA HIS A 2 -17.08 -18.65 17.44
C HIS A 2 -17.51 -18.44 15.99
N HIS A 3 -18.69 -17.86 15.81
CA HIS A 3 -19.21 -17.61 14.47
C HIS A 3 -18.67 -16.29 13.92
N HIS A 4 -17.52 -15.85 14.42
CA HIS A 4 -16.90 -14.61 13.97
C HIS A 4 -16.67 -14.65 12.47
N HIS A 5 -17.10 -13.60 11.78
CA HIS A 5 -16.93 -13.51 10.33
C HIS A 5 -15.61 -12.84 9.98
N HIS A 6 -14.69 -13.62 9.41
CA HIS A 6 -13.38 -13.10 9.00
C HIS A 6 -12.64 -14.14 8.18
N HIS A 7 -12.73 -15.40 8.59
CA HIS A 7 -12.06 -16.48 7.87
C HIS A 7 -12.92 -16.96 6.71
N GLY A 8 -12.57 -16.48 5.50
CA GLY A 8 -13.30 -16.85 4.30
C GLY A 8 -13.10 -15.78 3.22
N GLU A 9 -11.87 -15.29 3.09
CA GLU A 9 -11.56 -14.28 2.10
C GLU A 9 -10.05 -14.23 1.85
N PHE A 10 -9.62 -13.27 1.03
CA PHE A 10 -8.19 -13.13 0.72
C PHE A 10 -7.64 -11.83 1.29
N GLN A 11 -6.62 -11.93 2.13
CA GLN A 11 -6.03 -10.75 2.74
C GLN A 11 -4.71 -10.39 2.03
N ILE A 12 -4.12 -9.26 2.44
CA ILE A 12 -2.87 -8.81 1.86
C ILE A 12 -2.02 -8.13 2.92
N PHE A 13 -0.75 -7.88 2.59
CA PHE A 13 0.16 -7.23 3.52
C PHE A 13 0.52 -5.84 3.03
N ALA A 14 0.15 -4.83 3.81
CA ALA A 14 0.45 -3.44 3.46
C ALA A 14 1.45 -2.88 4.47
N LYS A 15 2.51 -2.26 3.96
CA LYS A 15 3.52 -1.68 4.84
C LYS A 15 3.74 -0.21 4.56
N THR A 16 3.44 0.61 5.56
CA THR A 16 3.61 2.06 5.43
C THR A 16 5.10 2.41 5.40
N LEU A 17 5.39 3.65 5.01
CA LEU A 17 6.78 4.11 4.95
C LEU A 17 7.40 4.14 6.35
N THR A 18 6.55 4.18 7.37
CA THR A 18 7.02 4.21 8.76
C THR A 18 7.52 2.83 9.16
N GLY A 19 7.13 1.81 8.41
CA GLY A 19 7.53 0.44 8.69
C GLY A 19 6.46 -0.30 9.48
N LYS A 20 5.21 0.10 9.29
CA LYS A 20 4.09 -0.53 9.99
C LYS A 20 3.39 -1.54 9.08
N THR A 21 3.15 -2.73 9.60
CA THR A 21 2.48 -3.78 8.82
C THR A 21 0.98 -3.74 9.05
N ILE A 22 0.22 -3.79 7.96
CA ILE A 22 -1.25 -3.76 8.05
C ILE A 22 -1.87 -4.83 7.15
N THR A 23 -2.78 -5.62 7.73
CA THR A 23 -3.45 -6.67 6.99
C THR A 23 -4.90 -6.28 6.69
N LEU A 24 -5.29 -6.34 5.42
CA LEU A 24 -6.64 -5.97 5.02
C LEU A 24 -7.24 -7.02 4.09
N GLU A 25 -8.54 -7.27 4.27
CA GLU A 25 -9.25 -8.24 3.44
C GLU A 25 -9.66 -7.63 2.11
N VAL A 26 -9.04 -8.12 1.03
CA VAL A 26 -9.34 -7.61 -0.30
C VAL A 26 -9.42 -8.75 -1.33
N GLU A 27 -9.55 -8.38 -2.60
CA GLU A 27 -9.63 -9.36 -3.67
C GLU A 27 -8.33 -9.35 -4.47
N SER A 28 -8.08 -10.42 -5.22
CA SER A 28 -6.87 -10.52 -6.01
C SER A 28 -6.82 -9.45 -7.10
N SER A 29 -8.00 -8.91 -7.44
CA SER A 29 -8.10 -7.91 -8.49
C SER A 29 -8.63 -6.58 -7.94
N ASP A 30 -8.82 -6.51 -6.63
CA ASP A 30 -9.33 -5.29 -5.99
C ASP A 30 -8.60 -4.06 -6.53
N THR A 31 -9.26 -2.90 -6.44
CA THR A 31 -8.66 -1.66 -6.93
C THR A 31 -8.04 -0.88 -5.77
N ILE A 32 -7.12 0.03 -6.10
CA ILE A 32 -6.46 0.85 -5.08
C ILE A 32 -7.47 1.44 -4.10
N ASP A 33 -8.51 2.08 -4.65
CA ASP A 33 -9.54 2.70 -3.81
C ASP A 33 -9.99 1.73 -2.71
N ASN A 34 -10.18 0.47 -3.07
CA ASN A 34 -10.60 -0.54 -2.10
C ASN A 34 -9.50 -0.78 -1.07
N VAL A 35 -8.26 -0.75 -1.53
CA VAL A 35 -7.11 -0.96 -0.66
C VAL A 35 -7.02 0.17 0.37
N LYS A 36 -7.09 1.42 -0.12
CA LYS A 36 -7.03 2.58 0.77
C LYS A 36 -8.15 2.52 1.80
N SER A 37 -9.39 2.55 1.33
CA SER A 37 -10.54 2.49 2.23
C SER A 37 -10.34 1.40 3.29
N LYS A 38 -9.96 0.21 2.84
CA LYS A 38 -9.74 -0.90 3.75
C LYS A 38 -8.81 -0.47 4.90
N ILE A 39 -7.84 0.38 4.57
CA ILE A 39 -6.90 0.86 5.58
C ILE A 39 -7.61 1.78 6.57
N GLN A 40 -8.46 2.69 6.07
CA GLN A 40 -9.16 3.61 6.95
C GLN A 40 -9.95 2.84 8.00
N ASP A 41 -10.37 1.63 7.67
CA ASP A 41 -11.11 0.80 8.62
C ASP A 41 -10.14 0.27 9.67
N LYS A 42 -8.86 0.22 9.31
CA LYS A 42 -7.82 -0.26 10.20
C LYS A 42 -7.17 0.86 11.00
N GLU A 43 -6.88 2.00 10.36
CA GLU A 43 -6.22 3.11 11.04
C GLU A 43 -7.06 4.40 11.02
N GLY A 44 -8.29 4.31 10.51
CA GLY A 44 -9.16 5.48 10.46
C GLY A 44 -8.79 6.43 9.31
N ILE A 45 -7.48 6.63 9.12
CA ILE A 45 -6.98 7.52 8.07
C ILE A 45 -7.86 7.47 6.82
N PRO A 46 -8.36 8.61 6.38
CA PRO A 46 -9.22 8.67 5.16
C PRO A 46 -8.43 8.43 3.88
N PRO A 47 -8.95 7.62 2.99
CA PRO A 47 -8.29 7.28 1.70
C PRO A 47 -7.85 8.52 0.92
N ASP A 48 -8.69 9.56 0.94
CA ASP A 48 -8.40 10.80 0.22
C ASP A 48 -7.15 11.51 0.76
N GLN A 49 -6.56 10.96 1.82
CA GLN A 49 -5.36 11.55 2.41
C GLN A 49 -4.16 10.63 2.27
N GLN A 50 -4.37 9.49 1.62
CA GLN A 50 -3.30 8.51 1.44
C GLN A 50 -3.14 8.12 -0.03
N ARG A 51 -2.07 7.37 -0.31
CA ARG A 51 -1.79 6.90 -1.66
C ARG A 51 -1.02 5.59 -1.60
N LEU A 52 -0.74 4.99 -2.75
CA LEU A 52 -0.03 3.71 -2.80
C LEU A 52 1.08 3.74 -3.83
N ILE A 53 2.29 3.38 -3.42
CA ILE A 53 3.45 3.33 -4.31
C ILE A 53 3.91 1.90 -4.49
N TRP A 54 4.06 1.46 -5.74
CA TRP A 54 4.49 0.09 -6.00
C TRP A 54 5.53 0.04 -7.13
N ALA A 55 6.61 -0.68 -6.87
CA ALA A 55 7.70 -0.84 -7.84
C ALA A 55 8.30 0.50 -8.24
N GLY A 56 8.84 1.22 -7.26
CA GLY A 56 9.48 2.52 -7.50
C GLY A 56 8.59 3.50 -8.28
N LYS A 57 7.31 3.14 -8.46
CA LYS A 57 6.41 4.01 -9.20
C LYS A 57 5.08 4.17 -8.45
N GLN A 58 4.53 5.38 -8.50
CA GLN A 58 3.26 5.66 -7.84
C GLN A 58 2.13 4.97 -8.57
N LEU A 59 1.31 4.23 -7.84
CA LEU A 59 0.19 3.50 -8.45
C LEU A 59 -0.86 4.47 -8.98
N GLU A 60 -2.12 4.06 -8.95
CA GLU A 60 -3.22 4.90 -9.44
C GLU A 60 -4.56 4.24 -9.16
N ASP A 61 -5.54 5.05 -8.77
CA ASP A 61 -6.88 4.54 -8.46
C ASP A 61 -7.40 3.62 -9.56
N GLY A 62 -6.86 3.77 -10.77
CA GLY A 62 -7.29 2.94 -11.90
C GLY A 62 -6.54 1.61 -11.93
N ARG A 63 -5.64 1.40 -10.97
CA ARG A 63 -4.87 0.17 -10.90
C ARG A 63 -5.63 -0.91 -10.13
N THR A 64 -5.44 -2.16 -10.55
CA THR A 64 -6.09 -3.28 -9.89
C THR A 64 -5.04 -4.19 -9.25
N LEU A 65 -5.50 -5.04 -8.33
CA LEU A 65 -4.59 -5.95 -7.64
C LEU A 65 -4.07 -7.03 -8.59
N SER A 66 -4.94 -7.46 -9.51
CA SER A 66 -4.59 -8.48 -10.48
C SER A 66 -3.76 -7.88 -11.61
N ASP A 67 -3.68 -6.55 -11.65
CA ASP A 67 -2.91 -5.87 -12.69
C ASP A 67 -1.48 -6.38 -12.70
N TYR A 68 -0.78 -6.18 -11.58
CA TYR A 68 0.60 -6.63 -11.46
C TYR A 68 0.64 -8.08 -11.01
N ASN A 69 -0.54 -8.70 -10.90
CA ASN A 69 -0.65 -10.09 -10.46
C ASN A 69 -0.29 -10.21 -8.99
N ILE A 70 -0.62 -9.16 -8.24
CA ILE A 70 -0.35 -9.14 -6.81
C ILE A 70 -1.13 -10.22 -6.08
N GLN A 71 -0.43 -11.26 -5.65
CA GLN A 71 -1.06 -12.38 -4.95
C GLN A 71 -1.48 -11.96 -3.54
N ARG A 72 -2.45 -12.67 -2.98
CA ARG A 72 -2.93 -12.36 -1.63
C ARG A 72 -1.75 -12.23 -0.67
N GLU A 73 -0.78 -13.13 -0.78
CA GLU A 73 0.39 -13.10 0.08
C GLU A 73 1.48 -12.21 -0.54
N SER A 74 1.18 -10.93 -0.69
CA SER A 74 2.13 -9.98 -1.26
C SER A 74 2.41 -8.84 -0.29
N THR A 75 3.61 -8.27 -0.37
CA THR A 75 3.99 -7.16 0.50
C THR A 75 3.80 -5.82 -0.22
N LEU A 76 2.68 -5.17 0.04
CA LEU A 76 2.37 -3.88 -0.57
C LEU A 76 3.00 -2.74 0.23
N HIS A 77 3.22 -1.62 -0.45
CA HIS A 77 3.81 -0.45 0.18
C HIS A 77 2.85 0.73 0.06
N LEU A 78 2.23 1.10 1.18
CA LEU A 78 1.28 2.21 1.20
C LEU A 78 1.91 3.47 1.78
N VAL A 79 1.59 4.62 1.18
CA VAL A 79 2.13 5.89 1.63
C VAL A 79 1.03 6.71 2.31
N LEU A 80 1.38 7.33 3.45
CA LEU A 80 0.42 8.14 4.20
C LEU A 80 0.90 9.58 4.31
N ARG A 81 0.13 10.50 3.74
CA ARG A 81 0.49 11.91 3.78
C ARG A 81 0.27 12.47 5.19
N LEU A 82 1.19 13.32 5.63
CA LEU A 82 1.10 13.91 6.96
C LEU A 82 0.36 15.25 6.90
N ARG A 83 -0.38 15.55 7.97
CA ARG A 83 -1.13 16.81 8.04
C ARG A 83 -0.59 17.68 9.17
N GLY A 84 -0.01 17.03 10.18
CA GLY A 84 0.55 17.76 11.31
C GLY A 84 0.41 16.93 12.60
N GLY A 85 1.44 16.17 12.91
CA GLY A 85 1.44 15.33 14.11
C GLY A 85 2.80 14.68 14.34
N SER A 86 3.27 13.95 13.33
CA SER A 86 4.57 13.29 13.42
C SER A 86 5.38 13.52 12.15
N MET A 87 5.58 14.80 11.82
CA MET A 87 6.34 15.17 10.62
C MET A 87 7.79 14.73 10.75
N GLY A 88 8.30 14.74 11.98
CA GLY A 88 9.68 14.35 12.23
C GLY A 88 9.89 12.87 11.96
N GLY A 89 10.47 12.56 10.79
CA GLY A 89 10.72 11.17 10.40
C GLY A 89 10.98 11.06 8.91
N ALA A 90 11.20 9.84 8.44
CA ALA A 90 11.47 9.60 7.02
C ALA A 90 10.38 10.24 6.16
N ALA A 91 9.13 9.89 6.44
CA ALA A 91 8.00 10.42 5.69
C ALA A 91 7.57 11.77 6.27
N ASP A 92 7.19 12.68 5.39
CA ASP A 92 6.74 14.02 5.82
C ASP A 92 5.42 14.36 5.15
N GLU A 93 5.31 14.07 3.86
CA GLU A 93 4.09 14.34 3.11
C GLU A 93 4.37 14.15 1.62
N GLU A 94 5.42 14.79 1.11
CA GLU A 94 5.77 14.68 -0.29
C GLU A 94 6.94 13.72 -0.47
N GLU A 95 8.00 13.92 0.30
CA GLU A 95 9.19 13.08 0.20
C GLU A 95 8.84 11.61 0.40
N LEU A 96 7.94 11.34 1.35
CA LEU A 96 7.53 9.97 1.65
C LEU A 96 7.35 9.11 0.38
N ILE A 97 7.09 9.76 -0.75
CA ILE A 97 6.92 9.03 -2.01
C ILE A 97 8.28 8.61 -2.56
N ARG A 98 9.12 9.60 -2.88
CA ARG A 98 10.46 9.31 -3.39
C ARG A 98 11.30 8.64 -2.31
N LYS A 99 10.92 8.91 -1.07
CA LYS A 99 11.61 8.34 0.08
C LYS A 99 11.25 6.87 0.22
N ALA A 100 9.97 6.56 0.00
CA ALA A 100 9.50 5.17 0.08
C ALA A 100 9.99 4.39 -1.13
N ILE A 101 10.29 5.11 -2.20
CA ILE A 101 10.79 4.49 -3.42
C ILE A 101 12.26 4.10 -3.23
N GLU A 102 12.98 4.93 -2.49
CA GLU A 102 14.40 4.71 -2.24
C GLU A 102 14.61 3.94 -0.94
N LEU A 103 13.56 3.80 -0.13
CA LEU A 103 13.69 3.10 1.15
C LEU A 103 13.37 1.61 1.02
N SER A 104 12.08 1.29 0.85
CA SER A 104 11.66 -0.11 0.77
C SER A 104 11.44 -0.57 -0.67
N LEU A 105 11.38 0.36 -1.61
CA LEU A 105 11.16 0.00 -3.00
C LEU A 105 12.48 -0.13 -3.78
N LYS A 106 13.46 0.70 -3.42
CA LYS A 106 14.76 0.68 -4.10
C LYS A 106 15.17 -0.73 -4.53
N GLU A 107 14.82 -1.72 -3.71
CA GLU A 107 15.15 -3.11 -4.00
C GLU A 107 14.84 -3.43 -5.47
N SER A 108 13.65 -3.02 -5.91
CA SER A 108 13.23 -3.25 -7.29
C SER A 108 14.25 -2.70 -8.27
N ARG A 109 14.66 -1.45 -8.05
CA ARG A 109 15.65 -0.80 -8.91
C ARG A 109 16.99 -1.49 -8.79
N ASN A 110 17.34 -1.90 -7.56
CA ASN A 110 18.61 -2.58 -7.32
C ASN A 110 18.70 -3.86 -8.13
N SER A 111 17.57 -4.56 -8.24
CA SER A 111 17.51 -5.81 -9.00
C SER A 111 17.29 -5.53 -10.48
N GLY A 112 16.88 -4.29 -10.79
CA GLY A 112 16.63 -3.89 -12.17
C GLY A 112 17.92 -3.45 -12.86
N GLY A 113 19.05 -3.88 -12.31
CA GLY A 113 20.35 -3.52 -12.89
C GLY A 113 20.47 -4.04 -14.31
N TYR A 114 19.92 -5.24 -14.55
CA TYR A 114 19.97 -5.85 -15.88
C TYR A 114 18.68 -6.64 -16.13
N MET A 1 -19.46 -8.67 24.73
CA MET A 1 -19.76 -8.99 23.31
C MET A 1 -18.66 -8.43 22.41
N HIS A 2 -17.77 -9.31 21.96
CA HIS A 2 -16.68 -8.90 21.10
C HIS A 2 -16.51 -9.87 19.93
N HIS A 3 -17.08 -9.53 18.79
CA HIS A 3 -16.98 -10.37 17.61
C HIS A 3 -15.77 -9.96 16.77
N HIS A 4 -14.98 -10.96 16.37
CA HIS A 4 -13.78 -10.70 15.57
C HIS A 4 -13.31 -11.97 14.88
N HIS A 5 -12.93 -11.84 13.61
CA HIS A 5 -12.46 -12.98 12.82
C HIS A 5 -13.53 -14.06 12.72
N HIS A 6 -14.19 -14.12 11.57
CA HIS A 6 -15.24 -15.11 11.34
C HIS A 6 -15.40 -15.37 9.84
N HIS A 7 -14.81 -14.49 9.03
CA HIS A 7 -14.89 -14.62 7.58
C HIS A 7 -13.50 -14.49 6.95
N GLY A 8 -13.26 -15.25 5.88
CA GLY A 8 -11.98 -15.20 5.20
C GLY A 8 -12.10 -15.76 3.78
N GLU A 9 -11.72 -14.95 2.80
CA GLU A 9 -11.79 -15.36 1.40
C GLU A 9 -10.60 -14.81 0.62
N PHE A 10 -10.22 -13.57 0.95
CA PHE A 10 -9.10 -12.92 0.30
C PHE A 10 -8.52 -11.84 1.20
N GLN A 11 -7.23 -11.98 1.53
CA GLN A 11 -6.55 -11.02 2.39
C GLN A 11 -5.27 -10.53 1.74
N ILE A 12 -4.75 -9.40 2.20
CA ILE A 12 -3.51 -8.85 1.66
C ILE A 12 -2.71 -8.17 2.75
N PHE A 13 -1.43 -7.92 2.47
CA PHE A 13 -0.56 -7.26 3.44
C PHE A 13 -0.24 -5.85 2.97
N ALA A 14 -0.57 -4.87 3.80
CA ALA A 14 -0.30 -3.48 3.48
C ALA A 14 0.76 -2.94 4.41
N LYS A 15 1.89 -2.55 3.83
CA LYS A 15 2.99 -2.00 4.61
C LYS A 15 3.05 -0.49 4.46
N THR A 16 3.57 0.17 5.47
CA THR A 16 3.69 1.63 5.44
C THR A 16 5.16 2.04 5.38
N LEU A 17 5.40 3.27 4.95
CA LEU A 17 6.75 3.79 4.85
C LEU A 17 7.47 3.62 6.19
N THR A 18 6.79 4.00 7.27
CA THR A 18 7.35 3.88 8.60
C THR A 18 7.65 2.42 8.95
N GLY A 19 7.00 1.50 8.23
CA GLY A 19 7.21 0.07 8.43
C GLY A 19 6.11 -0.54 9.31
N LYS A 20 4.86 -0.22 8.99
CA LYS A 20 3.72 -0.76 9.75
C LYS A 20 3.01 -1.84 8.93
N THR A 21 2.76 -2.99 9.56
CA THR A 21 2.09 -4.09 8.88
C THR A 21 0.58 -4.02 9.12
N ILE A 22 -0.18 -4.02 8.03
CA ILE A 22 -1.64 -3.95 8.10
C ILE A 22 -2.28 -5.00 7.21
N THR A 23 -3.27 -5.72 7.73
CA THR A 23 -3.96 -6.75 6.96
C THR A 23 -5.39 -6.31 6.65
N LEU A 24 -5.77 -6.39 5.37
CA LEU A 24 -7.12 -6.02 4.95
C LEU A 24 -7.69 -7.06 4.00
N GLU A 25 -9.00 -7.33 4.14
CA GLU A 25 -9.66 -8.32 3.30
C GLU A 25 -10.12 -7.70 1.98
N VAL A 26 -9.28 -7.82 0.96
CA VAL A 26 -9.60 -7.27 -0.35
C VAL A 26 -9.42 -8.32 -1.44
N GLU A 27 -10.07 -8.10 -2.59
CA GLU A 27 -9.98 -9.03 -3.71
C GLU A 27 -8.61 -8.94 -4.37
N SER A 28 -8.15 -10.04 -4.95
CA SER A 28 -6.84 -10.07 -5.61
C SER A 28 -6.84 -9.17 -6.84
N SER A 29 -8.03 -8.74 -7.26
CA SER A 29 -8.18 -7.89 -8.43
C SER A 29 -8.84 -6.56 -8.06
N ASP A 30 -9.09 -6.38 -6.76
CA ASP A 30 -9.73 -5.16 -6.28
C ASP A 30 -8.97 -3.92 -6.77
N THR A 31 -9.54 -2.74 -6.52
CA THR A 31 -8.91 -1.50 -6.91
C THR A 31 -8.19 -0.86 -5.73
N ILE A 32 -7.28 0.06 -6.00
CA ILE A 32 -6.54 0.73 -4.94
C ILE A 32 -7.53 1.41 -3.99
N ASP A 33 -8.60 1.98 -4.56
CA ASP A 33 -9.61 2.65 -3.75
C ASP A 33 -10.08 1.73 -2.61
N ASN A 34 -10.37 0.48 -2.97
CA ASN A 34 -10.81 -0.51 -1.98
C ASN A 34 -9.70 -0.74 -0.96
N VAL A 35 -8.47 -0.86 -1.47
CA VAL A 35 -7.32 -1.07 -0.60
C VAL A 35 -7.18 0.12 0.36
N LYS A 36 -7.31 1.32 -0.19
CA LYS A 36 -7.23 2.53 0.61
C LYS A 36 -8.34 2.55 1.66
N SER A 37 -9.58 2.52 1.19
CA SER A 37 -10.73 2.54 2.10
C SER A 37 -10.53 1.50 3.21
N LYS A 38 -10.10 0.30 2.83
CA LYS A 38 -9.85 -0.75 3.80
C LYS A 38 -8.84 -0.28 4.84
N ILE A 39 -7.93 0.60 4.41
CA ILE A 39 -6.92 1.14 5.31
C ILE A 39 -7.56 1.99 6.40
N GLN A 40 -8.46 2.90 6.01
CA GLN A 40 -9.13 3.76 6.99
C GLN A 40 -10.05 2.96 7.90
N ASP A 41 -10.42 1.76 7.47
CA ASP A 41 -11.29 0.92 8.30
C ASP A 41 -10.46 0.31 9.42
N LYS A 42 -9.24 -0.06 9.08
CA LYS A 42 -8.32 -0.70 10.04
C LYS A 42 -7.51 0.35 10.81
N GLU A 43 -7.12 1.43 10.16
CA GLU A 43 -6.31 2.47 10.83
C GLU A 43 -7.04 3.81 10.95
N GLY A 44 -8.33 3.83 10.62
CA GLY A 44 -9.11 5.06 10.72
C GLY A 44 -8.64 6.14 9.75
N ILE A 45 -7.34 6.40 9.76
CA ILE A 45 -6.74 7.42 8.89
C ILE A 45 -7.39 7.42 7.50
N PRO A 46 -7.85 8.57 7.04
CA PRO A 46 -8.52 8.70 5.72
C PRO A 46 -7.76 7.95 4.61
N PRO A 47 -8.49 7.36 3.70
CA PRO A 47 -7.89 6.60 2.56
C PRO A 47 -7.20 7.52 1.55
N ASP A 48 -7.82 8.68 1.30
CA ASP A 48 -7.27 9.65 0.37
C ASP A 48 -5.97 10.25 0.92
N GLN A 49 -5.91 10.40 2.23
CA GLN A 49 -4.73 10.97 2.88
C GLN A 49 -3.52 10.05 2.69
N GLN A 50 -3.76 8.83 2.20
CA GLN A 50 -2.69 7.88 1.97
C GLN A 50 -2.56 7.56 0.48
N ARG A 51 -1.40 7.00 0.11
CA ARG A 51 -1.15 6.63 -1.28
C ARG A 51 -0.46 5.27 -1.32
N LEU A 52 -0.47 4.63 -2.49
CA LEU A 52 0.15 3.32 -2.62
C LEU A 52 1.22 3.35 -3.72
N ILE A 53 2.48 3.22 -3.30
CA ILE A 53 3.60 3.24 -4.23
C ILE A 53 4.28 1.87 -4.23
N TRP A 54 4.38 1.26 -5.40
CA TRP A 54 5.00 -0.06 -5.49
C TRP A 54 5.63 -0.26 -6.87
N ALA A 55 6.82 -0.86 -6.87
CA ALA A 55 7.55 -1.14 -8.11
C ALA A 55 7.90 0.16 -8.85
N GLY A 56 8.27 1.19 -8.08
CA GLY A 56 8.67 2.48 -8.66
C GLY A 56 7.49 3.18 -9.35
N LYS A 57 6.35 2.53 -9.40
CA LYS A 57 5.17 3.11 -10.03
C LYS A 57 4.10 3.42 -9.01
N GLN A 58 3.65 4.68 -8.99
CA GLN A 58 2.61 5.09 -8.05
C GLN A 58 1.27 4.49 -8.47
N LEU A 59 0.58 3.88 -7.52
CA LEU A 59 -0.71 3.26 -7.80
C LEU A 59 -1.84 4.27 -7.63
N GLU A 60 -2.91 4.08 -8.39
CA GLU A 60 -4.07 4.99 -8.32
C GLU A 60 -5.37 4.21 -8.16
N ASP A 61 -6.44 4.93 -7.85
CA ASP A 61 -7.76 4.31 -7.67
C ASP A 61 -8.15 3.52 -8.91
N GLY A 62 -7.73 3.99 -10.08
CA GLY A 62 -8.06 3.32 -11.33
C GLY A 62 -7.27 2.01 -11.48
N ARG A 63 -6.16 1.91 -10.76
CA ARG A 63 -5.32 0.72 -10.82
C ARG A 63 -6.00 -0.45 -10.10
N THR A 64 -5.72 -1.66 -10.57
CA THR A 64 -6.30 -2.86 -9.98
C THR A 64 -5.22 -3.70 -9.30
N LEU A 65 -5.64 -4.61 -8.43
CA LEU A 65 -4.72 -5.49 -7.72
C LEU A 65 -4.15 -6.53 -8.67
N SER A 66 -5.02 -7.14 -9.45
CA SER A 66 -4.61 -8.17 -10.41
C SER A 66 -3.76 -7.57 -11.53
N ASP A 67 -3.71 -6.24 -11.59
CA ASP A 67 -2.92 -5.55 -12.61
C ASP A 67 -1.46 -5.98 -12.53
N TYR A 68 -1.08 -6.52 -11.39
CA TYR A 68 0.28 -6.99 -11.17
C TYR A 68 0.28 -8.44 -10.69
N ASN A 69 -0.92 -9.02 -10.59
CA ASN A 69 -1.08 -10.39 -10.12
C ASN A 69 -0.93 -10.45 -8.61
N ILE A 70 -1.43 -9.41 -7.95
CA ILE A 70 -1.37 -9.32 -6.50
C ILE A 70 -2.41 -10.22 -5.86
N GLN A 71 -1.98 -11.43 -5.49
CA GLN A 71 -2.88 -12.40 -4.86
C GLN A 71 -3.18 -11.97 -3.42
N ARG A 72 -3.01 -12.90 -2.49
CA ARG A 72 -3.26 -12.60 -1.08
C ARG A 72 -1.93 -12.37 -0.35
N GLU A 73 -0.98 -13.28 -0.58
CA GLU A 73 0.33 -13.17 0.05
C GLU A 73 1.20 -12.12 -0.65
N SER A 74 0.62 -10.95 -0.88
CA SER A 74 1.33 -9.86 -1.54
C SER A 74 1.64 -8.73 -0.56
N THR A 75 2.84 -8.17 -0.67
CA THR A 75 3.26 -7.08 0.21
C THR A 75 2.99 -5.73 -0.44
N LEU A 76 1.89 -5.10 -0.05
CA LEU A 76 1.51 -3.80 -0.59
C LEU A 76 2.28 -2.68 0.09
N HIS A 77 3.01 -1.90 -0.71
CA HIS A 77 3.78 -0.79 -0.16
C HIS A 77 2.94 0.49 -0.18
N LEU A 78 2.58 0.98 1.00
CA LEU A 78 1.78 2.20 1.12
C LEU A 78 2.58 3.30 1.81
N VAL A 79 2.31 4.55 1.44
CA VAL A 79 3.01 5.69 2.04
C VAL A 79 2.00 6.63 2.68
N LEU A 80 2.23 6.97 3.95
CA LEU A 80 1.33 7.86 4.68
C LEU A 80 1.80 9.30 4.58
N ARG A 81 0.85 10.21 4.37
CA ARG A 81 1.18 11.63 4.27
C ARG A 81 1.19 12.29 5.64
N LEU A 82 1.01 13.61 5.68
CA LEU A 82 1.00 14.35 6.93
C LEU A 82 -0.27 15.18 7.05
N ARG A 83 -1.20 14.73 7.88
CA ARG A 83 -2.45 15.44 8.09
C ARG A 83 -2.47 16.13 9.45
N GLY A 84 -1.28 16.33 10.03
CA GLY A 84 -1.17 16.98 11.33
C GLY A 84 -1.12 15.96 12.46
N GLY A 85 -1.61 14.75 12.20
CA GLY A 85 -1.61 13.70 13.20
C GLY A 85 -0.18 13.34 13.63
N SER A 86 0.66 13.02 12.64
CA SER A 86 2.04 12.67 12.91
C SER A 86 2.89 12.88 11.66
N MET A 87 4.17 13.20 11.86
CA MET A 87 5.08 13.43 10.75
C MET A 87 5.54 12.11 10.13
N GLY A 88 5.59 11.06 10.95
CA GLY A 88 6.01 9.75 10.47
C GLY A 88 7.51 9.72 10.22
N GLY A 89 8.17 10.86 10.42
CA GLY A 89 9.61 10.97 10.21
C GLY A 89 9.95 11.00 8.73
N ALA A 90 10.16 9.82 8.15
CA ALA A 90 10.49 9.71 6.73
C ALA A 90 9.52 10.52 5.88
N ALA A 91 8.29 10.04 5.79
CA ALA A 91 7.26 10.72 5.01
C ALA A 91 6.98 12.11 5.57
N ASP A 92 6.56 13.02 4.71
CA ASP A 92 6.25 14.39 5.13
C ASP A 92 5.23 15.03 4.17
N GLU A 93 4.28 14.22 3.70
CA GLU A 93 3.26 14.69 2.77
C GLU A 93 3.90 15.28 1.52
N GLU A 94 4.70 14.46 0.85
CA GLU A 94 5.38 14.88 -0.38
C GLU A 94 6.48 13.86 -0.71
N GLU A 95 7.66 14.08 -0.14
CA GLU A 95 8.80 13.19 -0.37
C GLU A 95 8.40 11.73 -0.20
N LEU A 96 7.42 11.49 0.68
CA LEU A 96 6.95 10.13 0.97
C LEU A 96 6.84 9.28 -0.30
N ILE A 97 6.67 9.93 -1.45
CA ILE A 97 6.56 9.21 -2.72
C ILE A 97 7.94 8.95 -3.33
N ARG A 98 8.64 10.03 -3.67
CA ARG A 98 9.97 9.90 -4.27
C ARG A 98 10.96 9.24 -3.32
N LYS A 99 10.78 9.48 -2.02
CA LYS A 99 11.67 8.89 -1.03
C LYS A 99 11.36 7.41 -0.84
N ALA A 100 10.10 7.04 -1.07
CA ALA A 100 9.68 5.64 -0.95
C ALA A 100 10.21 4.85 -2.14
N ILE A 101 10.44 5.58 -3.24
CA ILE A 101 10.99 4.96 -4.44
C ILE A 101 12.49 4.81 -4.26
N GLU A 102 13.07 5.74 -3.50
CA GLU A 102 14.50 5.75 -3.22
C GLU A 102 14.83 4.97 -1.94
N LEU A 103 13.80 4.60 -1.19
CA LEU A 103 14.01 3.89 0.07
C LEU A 103 13.93 2.37 -0.11
N SER A 104 12.72 1.86 -0.30
CA SER A 104 12.50 0.42 -0.43
C SER A 104 12.36 -0.04 -1.88
N LEU A 105 12.26 0.90 -2.82
CA LEU A 105 12.09 0.54 -4.22
C LEU A 105 13.43 0.44 -4.96
N LYS A 106 14.27 1.44 -4.78
CA LYS A 106 15.57 1.44 -5.45
C LYS A 106 16.41 0.27 -4.99
N GLU A 107 16.12 -0.24 -3.80
CA GLU A 107 16.85 -1.38 -3.26
C GLU A 107 16.70 -2.59 -4.18
N SER A 108 15.52 -2.70 -4.80
CA SER A 108 15.24 -3.80 -5.71
C SER A 108 15.97 -3.58 -7.04
N ARG A 109 15.96 -2.33 -7.51
CA ARG A 109 16.61 -2.00 -8.77
C ARG A 109 18.12 -2.12 -8.63
N ASN A 110 18.64 -1.71 -7.47
CA ASN A 110 20.08 -1.77 -7.21
C ASN A 110 20.58 -3.20 -7.41
N SER A 111 19.90 -4.15 -6.79
CA SER A 111 20.27 -5.56 -6.91
C SER A 111 19.78 -6.12 -8.23
N GLY A 112 18.88 -5.39 -8.88
CA GLY A 112 18.33 -5.81 -10.16
C GLY A 112 19.40 -5.81 -11.24
N GLY A 113 20.40 -4.94 -11.07
CA GLY A 113 21.50 -4.85 -12.04
C GLY A 113 22.07 -6.23 -12.33
N TYR A 114 22.43 -6.96 -11.27
CA TYR A 114 22.98 -8.30 -11.42
C TYR A 114 21.85 -9.31 -11.67
N MET A 1 -2.93 -21.14 -19.41
CA MET A 1 -3.55 -21.57 -18.12
C MET A 1 -5.06 -21.38 -18.19
N HIS A 2 -5.81 -22.42 -17.83
CA HIS A 2 -7.26 -22.36 -17.86
C HIS A 2 -7.78 -21.43 -16.75
N HIS A 3 -9.05 -21.04 -16.86
CA HIS A 3 -9.66 -20.16 -15.87
C HIS A 3 -11.12 -20.52 -15.66
N HIS A 4 -11.64 -20.18 -14.49
CA HIS A 4 -13.03 -20.47 -14.15
C HIS A 4 -13.43 -19.72 -12.89
N HIS A 5 -13.60 -18.40 -13.02
CA HIS A 5 -13.99 -17.56 -11.89
C HIS A 5 -12.96 -17.66 -10.76
N HIS A 6 -13.18 -16.90 -9.70
CA HIS A 6 -12.28 -16.91 -8.56
C HIS A 6 -12.90 -16.19 -7.37
N HIS A 7 -12.72 -16.76 -6.18
CA HIS A 7 -13.27 -16.16 -4.96
C HIS A 7 -12.28 -15.17 -4.36
N GLY A 8 -11.73 -14.30 -5.21
CA GLY A 8 -10.76 -13.31 -4.75
C GLY A 8 -9.38 -13.93 -4.57
N GLU A 9 -8.92 -13.97 -3.33
CA GLU A 9 -7.61 -14.55 -3.02
C GLU A 9 -7.39 -14.61 -1.51
N PHE A 10 -6.63 -13.66 -0.98
CA PHE A 10 -6.36 -13.62 0.45
C PHE A 10 -5.94 -12.21 0.89
N GLN A 11 -5.96 -12.00 2.20
CA GLN A 11 -5.59 -10.71 2.77
C GLN A 11 -4.15 -10.36 2.42
N ILE A 12 -3.98 -9.31 1.62
CA ILE A 12 -2.64 -8.87 1.23
C ILE A 12 -1.92 -8.18 2.39
N PHE A 13 -0.70 -7.76 2.14
CA PHE A 13 0.09 -7.09 3.18
C PHE A 13 0.47 -5.68 2.74
N ALA A 14 0.17 -4.71 3.60
CA ALA A 14 0.49 -3.31 3.33
C ALA A 14 1.50 -2.80 4.34
N LYS A 15 2.54 -2.14 3.84
CA LYS A 15 3.59 -1.61 4.72
C LYS A 15 3.74 -0.11 4.54
N THR A 16 3.49 0.63 5.61
CA THR A 16 3.60 2.08 5.57
C THR A 16 5.06 2.49 5.42
N LEU A 17 5.28 3.78 5.14
CA LEU A 17 6.64 4.30 4.97
C LEU A 17 7.41 4.22 6.29
N THR A 18 6.66 4.18 7.40
CA THR A 18 7.29 4.11 8.71
C THR A 18 7.73 2.68 9.03
N GLY A 19 7.14 1.71 8.32
CA GLY A 19 7.48 0.30 8.53
C GLY A 19 6.43 -0.40 9.38
N LYS A 20 5.17 -0.11 9.09
CA LYS A 20 4.06 -0.73 9.83
C LYS A 20 3.42 -1.84 9.00
N THR A 21 3.35 -3.03 9.57
CA THR A 21 2.75 -4.16 8.86
C THR A 21 1.23 -4.16 9.06
N ILE A 22 0.51 -4.10 7.95
CA ILE A 22 -0.96 -4.08 8.01
C ILE A 22 -1.55 -5.08 7.02
N THR A 23 -2.48 -5.90 7.50
CA THR A 23 -3.13 -6.90 6.66
C THR A 23 -4.57 -6.47 6.34
N LEU A 24 -4.91 -6.48 5.05
CA LEU A 24 -6.25 -6.08 4.63
C LEU A 24 -6.83 -7.10 3.63
N GLU A 25 -8.12 -7.39 3.77
CA GLU A 25 -8.81 -8.35 2.90
C GLU A 25 -9.25 -7.67 1.60
N VAL A 26 -8.50 -7.97 0.53
CA VAL A 26 -8.82 -7.40 -0.78
C VAL A 26 -8.84 -8.47 -1.87
N GLU A 27 -9.67 -8.25 -2.88
CA GLU A 27 -9.78 -9.18 -3.99
C GLU A 27 -8.53 -9.12 -4.86
N SER A 28 -8.33 -10.13 -5.70
CA SER A 28 -7.16 -10.17 -6.58
C SER A 28 -7.25 -9.07 -7.64
N SER A 29 -8.47 -8.61 -7.90
CA SER A 29 -8.70 -7.59 -8.92
C SER A 29 -9.22 -6.28 -8.30
N ASP A 30 -9.28 -6.24 -6.96
CA ASP A 30 -9.76 -5.05 -6.27
C ASP A 30 -9.07 -3.80 -6.81
N THR A 31 -9.69 -2.64 -6.57
CA THR A 31 -9.12 -1.37 -7.03
C THR A 31 -8.37 -0.69 -5.90
N ILE A 32 -7.44 0.19 -6.26
CA ILE A 32 -6.65 0.92 -5.26
C ILE A 32 -7.57 1.60 -4.25
N ASP A 33 -8.59 2.30 -4.76
CA ASP A 33 -9.53 2.99 -3.90
C ASP A 33 -10.07 2.03 -2.83
N ASN A 34 -10.45 0.83 -3.27
CA ASN A 34 -10.96 -0.18 -2.34
C ASN A 34 -9.87 -0.57 -1.35
N VAL A 35 -8.66 -0.75 -1.87
CA VAL A 35 -7.53 -1.10 -1.03
C VAL A 35 -7.32 -0.05 0.04
N LYS A 36 -7.35 1.22 -0.38
CA LYS A 36 -7.18 2.34 0.54
C LYS A 36 -8.32 2.37 1.55
N SER A 37 -9.55 2.51 1.06
CA SER A 37 -10.71 2.54 1.94
C SER A 37 -10.64 1.41 2.97
N LYS A 38 -10.38 0.20 2.48
CA LYS A 38 -10.27 -0.96 3.35
C LYS A 38 -9.31 -0.66 4.49
N ILE A 39 -8.24 0.07 4.17
CA ILE A 39 -7.24 0.44 5.17
C ILE A 39 -7.85 1.38 6.21
N GLN A 40 -8.68 2.32 5.77
CA GLN A 40 -9.31 3.27 6.69
C GLN A 40 -10.20 2.55 7.70
N ASP A 41 -10.72 1.39 7.32
CA ASP A 41 -11.55 0.61 8.23
C ASP A 41 -10.64 -0.10 9.21
N LYS A 42 -9.41 -0.34 8.76
CA LYS A 42 -8.41 -1.03 9.55
C LYS A 42 -7.61 -0.07 10.45
N GLU A 43 -7.18 1.07 9.89
CA GLU A 43 -6.39 2.04 10.65
C GLU A 43 -7.02 3.43 10.68
N GLY A 44 -8.27 3.54 10.23
CA GLY A 44 -8.97 4.83 10.24
C GLY A 44 -8.47 5.75 9.12
N ILE A 45 -7.15 5.79 8.93
CA ILE A 45 -6.54 6.63 7.90
C ILE A 45 -7.43 6.71 6.65
N PRO A 46 -7.87 7.90 6.30
CA PRO A 46 -8.74 8.11 5.10
C PRO A 46 -7.98 7.87 3.80
N PRO A 47 -8.61 7.23 2.85
CA PRO A 47 -8.00 6.94 1.52
C PRO A 47 -7.37 8.18 0.89
N ASP A 48 -8.01 9.33 1.09
CA ASP A 48 -7.54 10.58 0.53
C ASP A 48 -6.21 11.01 1.18
N GLN A 49 -6.09 10.78 2.47
CA GLN A 49 -4.86 11.16 3.19
C GLN A 49 -3.71 10.23 2.86
N GLN A 50 -4.00 9.12 2.17
CA GLN A 50 -2.95 8.17 1.81
C GLN A 50 -2.98 7.84 0.33
N ARG A 51 -2.01 7.03 -0.09
CA ARG A 51 -1.88 6.62 -1.50
C ARG A 51 -1.13 5.29 -1.56
N LEU A 52 -1.05 4.71 -2.76
CA LEU A 52 -0.37 3.43 -2.93
C LEU A 52 0.81 3.57 -3.89
N ILE A 53 2.02 3.35 -3.38
CA ILE A 53 3.22 3.43 -4.21
C ILE A 53 3.81 2.03 -4.38
N TRP A 54 3.83 1.53 -5.61
CA TRP A 54 4.35 0.20 -5.87
C TRP A 54 5.29 0.19 -7.08
N ALA A 55 6.42 -0.50 -6.93
CA ALA A 55 7.41 -0.61 -8.01
C ALA A 55 7.92 0.77 -8.43
N GLY A 56 8.40 1.54 -7.45
CA GLY A 56 8.94 2.87 -7.73
C GLY A 56 7.94 3.76 -8.48
N LYS A 57 6.71 3.29 -8.63
CA LYS A 57 5.69 4.06 -9.35
C LYS A 57 4.46 4.27 -8.48
N GLN A 58 3.99 5.50 -8.42
CA GLN A 58 2.80 5.82 -7.62
C GLN A 58 1.56 5.25 -8.31
N LEU A 59 0.75 4.53 -7.54
CA LEU A 59 -0.47 3.93 -8.08
C LEU A 59 -1.63 4.92 -8.02
N GLU A 60 -2.56 4.80 -8.97
CA GLU A 60 -3.72 5.69 -9.02
C GLU A 60 -4.96 4.97 -8.52
N ASP A 61 -5.87 5.73 -7.91
CA ASP A 61 -7.11 5.18 -7.38
C ASP A 61 -7.85 4.32 -8.43
N GLY A 62 -7.51 4.52 -9.70
CA GLY A 62 -8.15 3.78 -10.79
C GLY A 62 -7.42 2.47 -11.11
N ARG A 63 -6.26 2.26 -10.49
CA ARG A 63 -5.49 1.05 -10.73
C ARG A 63 -6.20 -0.16 -10.12
N THR A 64 -5.93 -1.35 -10.67
CA THR A 64 -6.55 -2.58 -10.18
C THR A 64 -5.50 -3.53 -9.62
N LEU A 65 -5.97 -4.53 -8.87
CA LEU A 65 -5.07 -5.52 -8.27
C LEU A 65 -4.68 -6.58 -9.29
N SER A 66 -5.65 -6.98 -10.12
CA SER A 66 -5.42 -7.99 -11.14
C SER A 66 -4.58 -7.44 -12.29
N ASP A 67 -4.38 -6.12 -12.31
CA ASP A 67 -3.59 -5.50 -13.36
C ASP A 67 -2.21 -6.15 -13.43
N TYR A 68 -1.47 -6.03 -12.33
CA TYR A 68 -0.13 -6.61 -12.27
C TYR A 68 -0.20 -8.06 -11.78
N ASN A 69 -1.43 -8.55 -11.58
CA ASN A 69 -1.64 -9.91 -11.10
C ASN A 69 -1.24 -10.01 -9.63
N ILE A 70 -1.38 -8.90 -8.92
CA ILE A 70 -1.04 -8.85 -7.50
C ILE A 70 -1.81 -9.92 -6.74
N GLN A 71 -1.08 -10.94 -6.29
CA GLN A 71 -1.68 -12.05 -5.55
C GLN A 71 -1.98 -11.64 -4.10
N ARG A 72 -2.06 -12.63 -3.22
CA ARG A 72 -2.34 -12.38 -1.81
C ARG A 72 -1.04 -12.14 -1.04
N GLU A 73 -0.04 -12.97 -1.29
CA GLU A 73 1.24 -12.82 -0.62
C GLU A 73 2.06 -11.71 -1.27
N SER A 74 1.42 -10.56 -1.45
CA SER A 74 2.08 -9.42 -2.07
C SER A 74 2.41 -8.35 -1.03
N THR A 75 3.63 -7.83 -1.10
CA THR A 75 4.06 -6.79 -0.17
C THR A 75 3.74 -5.42 -0.74
N LEU A 76 2.60 -4.88 -0.34
CA LEU A 76 2.16 -3.57 -0.82
C LEU A 76 2.75 -2.47 0.05
N HIS A 77 3.18 -1.39 -0.59
CA HIS A 77 3.74 -0.25 0.13
C HIS A 77 2.74 0.89 0.13
N LEU A 78 2.25 1.25 1.32
CA LEU A 78 1.28 2.33 1.44
C LEU A 78 1.95 3.60 1.96
N VAL A 79 1.64 4.73 1.33
CA VAL A 79 2.22 6.01 1.74
C VAL A 79 1.21 6.78 2.59
N LEU A 80 1.69 7.32 3.72
CA LEU A 80 0.83 8.08 4.62
C LEU A 80 1.29 9.52 4.75
N ARG A 81 0.37 10.45 4.58
CA ARG A 81 0.69 11.88 4.69
C ARG A 81 0.91 12.26 6.14
N LEU A 82 2.06 12.85 6.43
CA LEU A 82 2.40 13.26 7.79
C LEU A 82 1.59 14.50 8.19
N ARG A 83 0.29 14.29 8.41
CA ARG A 83 -0.59 15.40 8.81
C ARG A 83 -0.43 15.69 10.29
N GLY A 84 0.23 14.78 11.01
CA GLY A 84 0.44 14.95 12.44
C GLY A 84 1.49 16.03 12.72
N GLY A 85 1.55 16.49 13.97
CA GLY A 85 2.50 17.52 14.35
C GLY A 85 3.90 16.93 14.53
N SER A 86 3.96 15.62 14.70
CA SER A 86 5.25 14.94 14.88
C SER A 86 5.97 14.80 13.53
N MET A 87 6.67 15.86 13.14
CA MET A 87 7.41 15.86 11.88
C MET A 87 8.61 14.92 11.95
N GLY A 88 8.92 14.45 13.15
CA GLY A 88 10.04 13.54 13.35
C GLY A 88 9.75 12.18 12.73
N GLY A 89 10.10 12.03 11.45
CA GLY A 89 9.87 10.78 10.74
C GLY A 89 10.22 10.91 9.26
N ALA A 90 10.27 9.77 8.57
CA ALA A 90 10.60 9.76 7.14
C ALA A 90 9.56 10.54 6.34
N ALA A 91 8.28 10.21 6.55
CA ALA A 91 7.20 10.88 5.84
C ALA A 91 6.99 12.28 6.42
N ASP A 92 6.83 13.26 5.52
CA ASP A 92 6.62 14.64 5.95
C ASP A 92 5.72 15.39 4.95
N GLU A 93 4.73 14.68 4.42
CA GLU A 93 3.81 15.27 3.45
C GLU A 93 4.58 15.89 2.28
N GLU A 94 5.38 15.06 1.63
CA GLU A 94 6.19 15.47 0.48
C GLU A 94 7.16 14.35 0.14
N GLU A 95 8.31 14.36 0.83
CA GLU A 95 9.34 13.35 0.61
C GLU A 95 8.77 11.94 0.73
N LEU A 96 7.81 11.76 1.64
CA LEU A 96 7.18 10.44 1.88
C LEU A 96 7.08 9.59 0.60
N ILE A 97 6.97 10.25 -0.55
CA ILE A 97 6.87 9.52 -1.82
C ILE A 97 8.25 9.39 -2.47
N ARG A 98 8.98 10.50 -2.56
CA ARG A 98 10.32 10.49 -3.17
C ARG A 98 11.22 9.44 -2.53
N LYS A 99 11.30 9.43 -1.20
CA LYS A 99 12.13 8.46 -0.51
C LYS A 99 11.58 7.05 -0.73
N ALA A 100 10.43 6.76 -0.12
CA ALA A 100 9.81 5.44 -0.24
C ALA A 100 10.05 4.82 -1.62
N ILE A 101 10.00 5.65 -2.67
CA ILE A 101 10.22 5.16 -4.03
C ILE A 101 11.67 4.68 -4.19
N GLU A 102 12.61 5.51 -3.73
CA GLU A 102 14.03 5.19 -3.84
C GLU A 102 14.53 4.37 -2.64
N LEU A 103 13.70 4.25 -1.61
CA LEU A 103 14.12 3.53 -0.41
C LEU A 103 13.78 2.03 -0.46
N SER A 104 12.50 1.70 -0.32
CA SER A 104 12.07 0.31 -0.31
C SER A 104 11.47 -0.12 -1.65
N LEU A 105 11.23 0.84 -2.54
CA LEU A 105 10.63 0.53 -3.82
C LEU A 105 11.69 0.23 -4.88
N LYS A 106 12.77 1.01 -4.87
CA LYS A 106 13.84 0.82 -5.85
C LYS A 106 14.75 -0.34 -5.44
N GLU A 107 14.74 -0.67 -4.16
CA GLU A 107 15.57 -1.77 -3.65
C GLU A 107 15.20 -3.08 -4.32
N SER A 108 13.99 -3.13 -4.87
CA SER A 108 13.52 -4.33 -5.56
C SER A 108 14.45 -4.69 -6.71
N ARG A 109 15.00 -3.66 -7.36
CA ARG A 109 15.92 -3.86 -8.47
C ARG A 109 17.20 -4.52 -7.99
N ASN A 110 17.64 -4.12 -6.79
CA ASN A 110 18.87 -4.67 -6.21
C ASN A 110 18.68 -6.16 -5.90
N SER A 111 17.44 -6.54 -5.60
CA SER A 111 17.13 -7.94 -5.29
C SER A 111 17.28 -8.81 -6.53
N GLY A 112 17.19 -8.18 -7.71
CA GLY A 112 17.31 -8.91 -8.97
C GLY A 112 18.78 -9.17 -9.30
N GLY A 113 19.66 -8.84 -8.36
CA GLY A 113 21.10 -9.06 -8.56
C GLY A 113 21.41 -10.53 -8.74
N TYR A 114 20.50 -11.40 -8.28
CA TYR A 114 20.68 -12.83 -8.39
C TYR A 114 20.68 -13.27 -9.86
N MET A 1 2.71 -24.79 13.62
CA MET A 1 1.32 -24.53 14.11
C MET A 1 1.14 -23.03 14.30
N HIS A 2 0.85 -22.33 13.20
CA HIS A 2 0.65 -20.89 13.26
C HIS A 2 -0.15 -20.42 12.05
N HIS A 3 -0.05 -21.17 10.95
CA HIS A 3 -0.77 -20.83 9.72
C HIS A 3 -2.23 -21.26 9.82
N HIS A 4 -2.95 -20.67 10.77
CA HIS A 4 -4.37 -20.99 10.95
C HIS A 4 -5.22 -20.31 9.88
N HIS A 5 -4.80 -20.45 8.62
CA HIS A 5 -5.52 -19.86 7.51
C HIS A 5 -6.76 -20.68 7.17
N HIS A 6 -7.91 -20.19 7.59
CA HIS A 6 -9.19 -20.88 7.34
C HIS A 6 -10.31 -19.87 7.24
N HIS A 7 -10.15 -18.75 7.95
CA HIS A 7 -11.16 -17.70 7.95
C HIS A 7 -10.82 -16.63 6.91
N GLY A 8 -11.84 -16.20 6.16
CA GLY A 8 -11.65 -15.18 5.14
C GLY A 8 -11.03 -15.76 3.87
N GLU A 9 -11.24 -15.09 2.75
CA GLU A 9 -10.70 -15.54 1.47
C GLU A 9 -9.22 -15.21 1.37
N PHE A 10 -8.91 -14.09 0.72
CA PHE A 10 -7.52 -13.66 0.56
C PHE A 10 -7.32 -12.28 1.18
N GLN A 11 -6.39 -12.20 2.13
CA GLN A 11 -6.11 -10.93 2.81
C GLN A 11 -4.67 -10.50 2.55
N ILE A 12 -4.52 -9.40 1.83
CA ILE A 12 -3.20 -8.89 1.50
C ILE A 12 -2.53 -8.24 2.71
N PHE A 13 -1.29 -7.81 2.53
CA PHE A 13 -0.54 -7.17 3.60
C PHE A 13 -0.07 -5.79 3.15
N ALA A 14 -0.23 -4.79 4.01
CA ALA A 14 0.18 -3.44 3.68
C ALA A 14 1.20 -2.94 4.71
N LYS A 15 2.27 -2.30 4.22
CA LYS A 15 3.29 -1.77 5.10
C LYS A 15 3.65 -0.34 4.74
N THR A 16 3.50 0.56 5.71
CA THR A 16 3.79 1.96 5.50
C THR A 16 5.30 2.21 5.56
N LEU A 17 5.69 3.45 5.28
CA LEU A 17 7.10 3.83 5.33
C LEU A 17 7.66 3.54 6.71
N THR A 18 6.93 3.97 7.73
CA THR A 18 7.35 3.76 9.11
C THR A 18 7.42 2.26 9.44
N GLY A 19 6.77 1.45 8.59
CA GLY A 19 6.77 0.01 8.79
C GLY A 19 5.54 -0.47 9.56
N LYS A 20 4.37 0.07 9.20
CA LYS A 20 3.13 -0.32 9.86
C LYS A 20 2.49 -1.49 9.12
N THR A 21 2.48 -2.66 9.75
CA THR A 21 1.90 -3.85 9.13
C THR A 21 0.39 -3.86 9.30
N ILE A 22 -0.32 -3.84 8.17
CA ILE A 22 -1.78 -3.84 8.19
C ILE A 22 -2.33 -4.90 7.24
N THR A 23 -3.21 -5.75 7.74
CA THR A 23 -3.81 -6.82 6.93
C THR A 23 -5.25 -6.47 6.57
N LEU A 24 -5.58 -6.55 5.29
CA LEU A 24 -6.93 -6.24 4.82
C LEU A 24 -7.43 -7.33 3.86
N GLU A 25 -8.70 -7.72 4.03
CA GLU A 25 -9.29 -8.75 3.18
C GLU A 25 -9.78 -8.15 1.87
N VAL A 26 -9.02 -8.38 0.80
CA VAL A 26 -9.38 -7.86 -0.52
C VAL A 26 -9.33 -8.94 -1.59
N GLU A 27 -9.79 -8.59 -2.79
CA GLU A 27 -9.79 -9.52 -3.92
C GLU A 27 -8.45 -9.47 -4.63
N SER A 28 -8.08 -10.56 -5.30
CA SER A 28 -6.83 -10.61 -6.03
C SER A 28 -6.83 -9.61 -7.18
N SER A 29 -8.03 -9.15 -7.55
CA SER A 29 -8.19 -8.21 -8.65
C SER A 29 -8.82 -6.90 -8.15
N ASP A 30 -9.02 -6.79 -6.84
CA ASP A 30 -9.61 -5.58 -6.25
C ASP A 30 -8.91 -4.33 -6.80
N THR A 31 -9.56 -3.18 -6.64
CA THR A 31 -8.98 -1.93 -7.12
C THR A 31 -8.27 -1.20 -5.98
N ILE A 32 -7.36 -0.30 -6.34
CA ILE A 32 -6.61 0.45 -5.34
C ILE A 32 -7.56 1.19 -4.40
N ASP A 33 -8.56 1.86 -4.98
CA ASP A 33 -9.53 2.60 -4.18
C ASP A 33 -10.04 1.74 -3.02
N ASN A 34 -10.35 0.48 -3.32
CA ASN A 34 -10.84 -0.45 -2.30
C ASN A 34 -9.76 -0.66 -1.24
N VAL A 35 -8.51 -0.71 -1.70
CA VAL A 35 -7.38 -0.88 -0.79
C VAL A 35 -7.28 0.32 0.14
N LYS A 36 -7.44 1.52 -0.43
CA LYS A 36 -7.39 2.75 0.35
C LYS A 36 -8.52 2.78 1.37
N SER A 37 -9.76 2.81 0.88
CA SER A 37 -10.93 2.84 1.77
C SER A 37 -10.77 1.81 2.89
N LYS A 38 -10.51 0.57 2.50
CA LYS A 38 -10.34 -0.50 3.48
C LYS A 38 -9.36 -0.08 4.57
N ILE A 39 -8.34 0.70 4.18
CA ILE A 39 -7.35 1.18 5.13
C ILE A 39 -7.98 2.12 6.15
N GLN A 40 -8.83 3.03 5.68
CA GLN A 40 -9.49 3.98 6.58
C GLN A 40 -10.38 3.27 7.60
N ASP A 41 -10.88 2.10 7.23
CA ASP A 41 -11.72 1.33 8.15
C ASP A 41 -10.87 0.74 9.26
N LYS A 42 -9.61 0.43 8.91
CA LYS A 42 -8.68 -0.17 9.84
C LYS A 42 -7.84 0.89 10.58
N GLU A 43 -7.47 1.97 9.89
CA GLU A 43 -6.64 3.01 10.51
C GLU A 43 -7.36 4.36 10.58
N GLY A 44 -8.63 4.39 10.17
CA GLY A 44 -9.41 5.63 10.22
C GLY A 44 -9.00 6.61 9.13
N ILE A 45 -7.68 6.79 8.97
CA ILE A 45 -7.14 7.71 7.98
C ILE A 45 -7.91 7.63 6.66
N PRO A 46 -8.54 8.71 6.26
CA PRO A 46 -9.32 8.76 4.99
C PRO A 46 -8.53 8.20 3.79
N PRO A 47 -9.20 7.52 2.90
CA PRO A 47 -8.56 6.94 1.69
C PRO A 47 -7.77 7.97 0.89
N ASP A 48 -8.34 9.16 0.76
CA ASP A 48 -7.71 10.25 0.01
C ASP A 48 -6.40 10.69 0.68
N GLN A 49 -6.39 10.67 2.00
CA GLN A 49 -5.20 11.07 2.75
C GLN A 49 -4.05 10.08 2.55
N GLN A 50 -4.38 8.88 2.08
CA GLN A 50 -3.36 7.85 1.87
C GLN A 50 -3.12 7.59 0.39
N ARG A 51 -1.92 7.16 0.07
CA ARG A 51 -1.54 6.86 -1.31
C ARG A 51 -0.69 5.59 -1.33
N LEU A 52 -0.61 4.92 -2.48
CA LEU A 52 0.17 3.69 -2.58
C LEU A 52 1.30 3.83 -3.59
N ILE A 53 2.53 3.63 -3.13
CA ILE A 53 3.71 3.72 -3.98
C ILE A 53 4.41 2.37 -4.03
N TRP A 54 4.62 1.84 -5.23
CA TRP A 54 5.28 0.54 -5.37
C TRP A 54 6.04 0.45 -6.69
N ALA A 55 7.20 -0.23 -6.62
CA ALA A 55 8.05 -0.43 -7.79
C ALA A 55 8.60 0.90 -8.34
N GLY A 56 9.23 1.68 -7.47
CA GLY A 56 9.82 2.96 -7.87
C GLY A 56 8.80 3.90 -8.51
N LYS A 57 7.52 3.51 -8.51
CA LYS A 57 6.49 4.34 -9.11
C LYS A 57 5.24 4.40 -8.21
N GLN A 58 4.45 5.45 -8.39
CA GLN A 58 3.23 5.62 -7.60
C GLN A 58 2.08 4.84 -8.23
N LEU A 59 1.42 4.02 -7.43
CA LEU A 59 0.30 3.22 -7.93
C LEU A 59 -0.91 4.11 -8.19
N GLU A 60 -1.49 3.98 -9.38
CA GLU A 60 -2.67 4.77 -9.74
C GLU A 60 -3.94 4.16 -9.16
N ASP A 61 -4.77 5.00 -8.54
CA ASP A 61 -6.02 4.54 -7.93
C ASP A 61 -6.85 3.70 -8.92
N GLY A 62 -6.68 3.97 -10.21
CA GLY A 62 -7.44 3.24 -11.23
C GLY A 62 -6.83 1.86 -11.48
N ARG A 63 -5.72 1.57 -10.81
CA ARG A 63 -5.05 0.28 -10.97
C ARG A 63 -5.75 -0.81 -10.18
N THR A 64 -5.55 -2.07 -10.58
CA THR A 64 -6.17 -3.20 -9.90
C THR A 64 -5.12 -4.08 -9.24
N LEU A 65 -5.58 -5.02 -8.43
CA LEU A 65 -4.70 -5.95 -7.74
C LEU A 65 -4.16 -6.99 -8.72
N SER A 66 -5.05 -7.46 -9.59
CA SER A 66 -4.69 -8.46 -10.60
C SER A 66 -3.76 -7.85 -11.66
N ASP A 67 -3.61 -6.52 -11.61
CA ASP A 67 -2.74 -5.83 -12.55
C ASP A 67 -1.34 -6.43 -12.51
N TYR A 68 -0.98 -6.97 -11.35
CA TYR A 68 0.31 -7.59 -11.16
C TYR A 68 0.15 -9.01 -10.61
N ASN A 69 -1.09 -9.41 -10.37
CA ASN A 69 -1.39 -10.74 -9.83
C ASN A 69 -1.06 -10.78 -8.34
N ILE A 70 -1.27 -9.64 -7.68
CA ILE A 70 -0.99 -9.53 -6.26
C ILE A 70 -1.88 -10.48 -5.46
N GLN A 71 -1.24 -11.35 -4.68
CA GLN A 71 -1.96 -12.32 -3.86
C GLN A 71 -1.93 -11.91 -2.39
N ARG A 72 -2.74 -12.59 -1.58
CA ARG A 72 -2.81 -12.29 -0.15
C ARG A 72 -1.41 -12.23 0.46
N GLU A 73 -0.56 -13.18 0.08
CA GLU A 73 0.80 -13.25 0.60
C GLU A 73 1.71 -12.22 -0.10
N SER A 74 1.23 -10.99 -0.21
CA SER A 74 1.99 -9.92 -0.85
C SER A 74 2.14 -8.73 0.10
N THR A 75 3.25 -8.00 -0.04
CA THR A 75 3.51 -6.84 0.81
C THR A 75 3.29 -5.55 0.01
N LEU A 76 2.17 -4.89 0.28
CA LEU A 76 1.83 -3.65 -0.40
C LEU A 76 2.53 -2.47 0.26
N HIS A 77 3.14 -1.62 -0.56
CA HIS A 77 3.83 -0.44 -0.05
C HIS A 77 2.90 0.76 -0.09
N LEU A 78 2.41 1.17 1.09
CA LEU A 78 1.50 2.30 1.19
C LEU A 78 2.21 3.51 1.79
N VAL A 79 1.85 4.70 1.31
CA VAL A 79 2.45 5.93 1.81
C VAL A 79 1.42 6.75 2.58
N LEU A 80 1.80 7.20 3.77
CA LEU A 80 0.90 7.99 4.61
C LEU A 80 1.28 9.46 4.55
N ARG A 81 0.27 10.31 4.32
CA ARG A 81 0.49 11.76 4.26
C ARG A 81 0.79 12.33 5.63
N LEU A 82 1.12 13.62 5.67
CA LEU A 82 1.42 14.29 6.92
C LEU A 82 0.21 15.10 7.38
N ARG A 83 -0.44 14.63 8.45
CA ARG A 83 -1.61 15.31 8.99
C ARG A 83 -1.28 16.75 9.37
N GLY A 84 -0.03 17.00 9.71
CA GLY A 84 0.40 18.34 10.09
C GLY A 84 0.79 18.39 11.56
N GLY A 85 1.51 17.36 12.01
CA GLY A 85 1.95 17.30 13.40
C GLY A 85 3.46 17.15 13.49
N SER A 86 4.14 17.52 12.41
CA SER A 86 5.61 17.43 12.35
C SER A 86 6.08 16.01 12.66
N MET A 87 6.11 15.17 11.62
CA MET A 87 6.53 13.78 11.77
C MET A 87 7.95 13.72 12.32
N GLY A 88 8.86 14.46 11.69
CA GLY A 88 10.25 14.49 12.12
C GLY A 88 11.16 14.86 10.95
N GLY A 89 10.81 14.39 9.75
CA GLY A 89 11.60 14.68 8.56
C GLY A 89 11.47 13.57 7.53
N ALA A 90 11.05 12.38 7.99
CA ALA A 90 10.90 11.24 7.08
C ALA A 90 9.74 11.49 6.12
N ALA A 91 8.52 11.44 6.63
CA ALA A 91 7.33 11.67 5.82
C ALA A 91 6.80 13.08 6.03
N ASP A 92 6.54 13.79 4.94
CA ASP A 92 6.05 15.16 5.03
C ASP A 92 5.15 15.51 3.84
N GLU A 93 4.32 14.55 3.42
CA GLU A 93 3.42 14.77 2.29
C GLU A 93 4.16 15.36 1.10
N GLU A 94 4.95 14.51 0.44
CA GLU A 94 5.74 14.90 -0.73
C GLU A 94 7.01 14.06 -0.80
N GLU A 95 7.98 14.40 0.06
CA GLU A 95 9.24 13.68 0.12
C GLU A 95 9.04 12.24 0.57
N LEU A 96 7.83 11.91 1.03
CA LEU A 96 7.54 10.56 1.48
C LEU A 96 7.39 9.60 0.30
N ILE A 97 7.35 10.16 -0.92
CA ILE A 97 7.22 9.34 -2.12
C ILE A 97 8.60 9.02 -2.69
N ARG A 98 9.40 10.07 -2.90
CA ARG A 98 10.74 9.88 -3.45
C ARG A 98 11.62 9.09 -2.48
N LYS A 99 11.39 9.29 -1.18
CA LYS A 99 12.18 8.59 -0.17
C LYS A 99 11.74 7.13 -0.07
N ALA A 100 10.48 6.86 -0.38
CA ALA A 100 9.96 5.49 -0.35
C ALA A 100 10.40 4.74 -1.59
N ILE A 101 10.51 5.48 -2.69
CA ILE A 101 10.95 4.90 -3.95
C ILE A 101 12.40 4.42 -3.81
N GLU A 102 13.19 5.20 -3.08
CA GLU A 102 14.60 4.91 -2.88
C GLU A 102 14.84 4.08 -1.61
N LEU A 103 13.81 3.95 -0.76
CA LEU A 103 13.97 3.20 0.49
C LEU A 103 13.70 1.71 0.31
N SER A 104 12.42 1.35 0.19
CA SER A 104 12.03 -0.05 0.04
C SER A 104 11.74 -0.42 -1.40
N LEU A 105 11.66 0.59 -2.26
CA LEU A 105 11.35 0.36 -3.67
C LEU A 105 12.62 0.18 -4.50
N LYS A 106 13.64 0.99 -4.21
CA LYS A 106 14.91 0.95 -4.93
C LYS A 106 15.28 -0.48 -5.37
N GLU A 107 14.85 -1.47 -4.60
CA GLU A 107 15.14 -2.87 -4.93
C GLU A 107 14.79 -3.17 -6.39
N SER A 108 13.72 -2.53 -6.87
CA SER A 108 13.29 -2.73 -8.25
C SER A 108 14.28 -2.10 -9.22
N ARG A 109 14.92 -1.02 -8.78
CA ARG A 109 15.90 -0.31 -9.60
C ARG A 109 17.07 -1.24 -9.94
N ASN A 110 17.21 -2.32 -9.17
CA ASN A 110 18.29 -3.28 -9.39
C ASN A 110 18.31 -3.73 -10.85
N SER A 111 17.13 -4.01 -11.38
CA SER A 111 17.01 -4.46 -12.78
C SER A 111 17.08 -3.28 -13.73
N GLY A 112 16.47 -2.16 -13.33
CA GLY A 112 16.47 -0.96 -14.15
C GLY A 112 17.70 -0.10 -13.86
N GLY A 113 18.74 -0.72 -13.32
CA GLY A 113 19.97 -0.01 -13.01
C GLY A 113 20.65 0.50 -14.28
N TYR A 114 21.14 -0.44 -15.08
CA TYR A 114 21.82 -0.10 -16.34
C TYR A 114 23.21 0.49 -16.06
N MET A 1 -32.07 -19.40 -3.45
CA MET A 1 -32.38 -18.01 -2.98
C MET A 1 -31.61 -17.73 -1.69
N HIS A 2 -31.07 -18.77 -1.08
CA HIS A 2 -30.32 -18.63 0.17
C HIS A 2 -29.01 -17.88 -0.09
N HIS A 3 -28.82 -16.78 0.62
CA HIS A 3 -27.61 -15.98 0.46
C HIS A 3 -26.39 -16.76 0.95
N HIS A 4 -26.43 -17.20 2.20
CA HIS A 4 -25.33 -17.97 2.79
C HIS A 4 -24.04 -17.15 2.79
N HIS A 5 -22.96 -17.75 3.26
CA HIS A 5 -21.67 -17.06 3.31
C HIS A 5 -20.52 -18.07 3.38
N HIS A 6 -19.30 -17.56 3.24
CA HIS A 6 -18.12 -18.41 3.28
C HIS A 6 -17.27 -18.07 4.51
N HIS A 7 -16.15 -18.78 4.67
CA HIS A 7 -15.26 -18.54 5.80
C HIS A 7 -14.10 -17.64 5.39
N GLY A 8 -14.34 -16.33 5.41
CA GLY A 8 -13.31 -15.37 5.05
C GLY A 8 -13.06 -15.35 3.54
N GLU A 9 -12.02 -14.63 3.13
CA GLU A 9 -11.66 -14.53 1.72
C GLU A 9 -10.14 -14.41 1.56
N PHE A 10 -9.69 -13.35 0.89
CA PHE A 10 -8.25 -13.14 0.68
C PHE A 10 -7.85 -11.77 1.21
N GLN A 11 -6.89 -11.77 2.13
CA GLN A 11 -6.40 -10.52 2.71
C GLN A 11 -4.90 -10.38 2.51
N ILE A 12 -4.50 -9.31 1.83
CA ILE A 12 -3.09 -9.07 1.56
C ILE A 12 -2.42 -8.39 2.74
N PHE A 13 -1.18 -7.96 2.55
CA PHE A 13 -0.43 -7.30 3.60
C PHE A 13 0.05 -5.93 3.12
N ALA A 14 -0.14 -4.91 3.96
CA ALA A 14 0.28 -3.56 3.63
C ALA A 14 1.23 -3.03 4.69
N LYS A 15 2.26 -2.30 4.24
CA LYS A 15 3.24 -1.75 5.17
C LYS A 15 3.42 -0.25 4.94
N THR A 16 3.09 0.53 5.96
CA THR A 16 3.21 1.98 5.87
C THR A 16 4.69 2.39 5.75
N LEU A 17 4.92 3.67 5.46
CA LEU A 17 6.28 4.19 5.33
C LEU A 17 7.05 3.93 6.62
N THR A 18 6.42 4.24 7.74
CA THR A 18 7.06 4.06 9.06
C THR A 18 7.37 2.58 9.30
N GLY A 19 6.68 1.71 8.57
CA GLY A 19 6.89 0.26 8.72
C GLY A 19 5.83 -0.39 9.58
N LYS A 20 4.57 0.01 9.37
CA LYS A 20 3.46 -0.56 10.14
C LYS A 20 2.77 -1.64 9.30
N THR A 21 2.66 -2.85 9.86
CA THR A 21 2.03 -3.96 9.15
C THR A 21 0.51 -3.93 9.34
N ILE A 22 -0.21 -3.92 8.22
CA ILE A 22 -1.67 -3.90 8.26
C ILE A 22 -2.24 -4.95 7.29
N THR A 23 -3.16 -5.77 7.79
CA THR A 23 -3.78 -6.80 6.96
C THR A 23 -5.22 -6.43 6.63
N LEU A 24 -5.55 -6.43 5.33
CA LEU A 24 -6.90 -6.10 4.89
C LEU A 24 -7.40 -7.12 3.86
N GLU A 25 -8.69 -7.43 3.95
CA GLU A 25 -9.32 -8.39 3.05
C GLU A 25 -9.62 -7.73 1.70
N VAL A 26 -8.83 -8.08 0.68
CA VAL A 26 -9.02 -7.52 -0.65
C VAL A 26 -8.88 -8.58 -1.73
N GLU A 27 -9.62 -8.40 -2.82
CA GLU A 27 -9.57 -9.32 -3.94
C GLU A 27 -8.23 -9.21 -4.66
N SER A 28 -7.86 -10.24 -5.40
CA SER A 28 -6.59 -10.24 -6.13
C SER A 28 -6.59 -9.18 -7.24
N SER A 29 -7.79 -8.73 -7.61
CA SER A 29 -7.92 -7.74 -8.69
C SER A 29 -8.54 -6.45 -8.16
N ASP A 30 -8.77 -6.38 -6.86
CA ASP A 30 -9.36 -5.19 -6.24
C ASP A 30 -8.66 -3.93 -6.75
N THR A 31 -9.33 -2.79 -6.62
CA THR A 31 -8.75 -1.52 -7.07
C THR A 31 -8.07 -0.82 -5.91
N ILE A 32 -7.15 0.09 -6.23
CA ILE A 32 -6.42 0.83 -5.19
C ILE A 32 -7.40 1.53 -4.25
N ASP A 33 -8.40 2.20 -4.82
CA ASP A 33 -9.39 2.91 -4.02
C ASP A 33 -9.87 2.03 -2.86
N ASN A 34 -10.17 0.77 -3.17
CA ASN A 34 -10.61 -0.18 -2.15
C ASN A 34 -9.50 -0.40 -1.13
N VAL A 35 -8.26 -0.42 -1.61
CA VAL A 35 -7.11 -0.60 -0.74
C VAL A 35 -6.99 0.59 0.21
N LYS A 36 -7.15 1.79 -0.33
CA LYS A 36 -7.06 3.01 0.47
C LYS A 36 -8.21 3.06 1.48
N SER A 37 -9.44 3.15 0.97
CA SER A 37 -10.61 3.21 1.84
C SER A 37 -10.56 2.11 2.88
N LYS A 38 -10.38 0.87 2.43
CA LYS A 38 -10.31 -0.27 3.34
C LYS A 38 -9.31 0.02 4.45
N ILE A 39 -8.24 0.74 4.11
CA ILE A 39 -7.22 1.09 5.10
C ILE A 39 -7.83 2.00 6.16
N GLN A 40 -8.63 2.98 5.72
CA GLN A 40 -9.27 3.91 6.65
C GLN A 40 -10.15 3.15 7.63
N ASP A 41 -10.65 1.99 7.23
CA ASP A 41 -11.49 1.20 8.11
C ASP A 41 -10.62 0.58 9.21
N LYS A 42 -9.36 0.34 8.85
CA LYS A 42 -8.41 -0.28 9.78
C LYS A 42 -7.67 0.78 10.61
N GLU A 43 -7.30 1.91 10.00
CA GLU A 43 -6.54 2.94 10.72
C GLU A 43 -7.24 4.30 10.70
N GLY A 44 -8.49 4.34 10.22
CA GLY A 44 -9.24 5.59 10.18
C GLY A 44 -8.70 6.53 9.10
N ILE A 45 -7.37 6.55 8.94
CA ILE A 45 -6.72 7.42 7.97
C ILE A 45 -7.47 7.43 6.63
N PRO A 46 -8.02 8.55 6.25
CA PRO A 46 -8.78 8.70 4.97
C PRO A 46 -7.99 8.16 3.77
N PRO A 47 -8.67 7.56 2.83
CA PRO A 47 -8.02 6.99 1.61
C PRO A 47 -7.15 8.02 0.90
N ASP A 48 -7.51 9.30 1.03
CA ASP A 48 -6.76 10.37 0.39
C ASP A 48 -5.47 10.67 1.13
N GLN A 49 -5.56 10.76 2.46
CA GLN A 49 -4.38 11.05 3.28
C GLN A 49 -3.28 10.01 3.05
N GLN A 50 -3.67 8.82 2.61
CA GLN A 50 -2.70 7.76 2.36
C GLN A 50 -2.54 7.50 0.86
N ARG A 51 -1.40 6.94 0.48
CA ARG A 51 -1.12 6.64 -0.93
C ARG A 51 -0.62 5.21 -1.07
N LEU A 52 -0.61 4.67 -2.29
CA LEU A 52 -0.15 3.32 -2.53
C LEU A 52 0.97 3.31 -3.57
N ILE A 53 2.18 2.96 -3.13
CA ILE A 53 3.33 2.90 -4.03
C ILE A 53 3.80 1.46 -4.18
N TRP A 54 3.90 0.99 -5.42
CA TRP A 54 4.32 -0.39 -5.67
C TRP A 54 5.34 -0.46 -6.81
N ALA A 55 6.44 -1.18 -6.56
CA ALA A 55 7.50 -1.36 -7.55
C ALA A 55 8.12 -0.03 -7.98
N GLY A 56 8.72 0.67 -7.01
CA GLY A 56 9.39 1.95 -7.29
C GLY A 56 8.50 2.93 -8.05
N LYS A 57 7.23 2.62 -8.19
CA LYS A 57 6.32 3.50 -8.91
C LYS A 57 5.01 3.67 -8.15
N GLN A 58 4.47 4.89 -8.19
CA GLN A 58 3.21 5.18 -7.50
C GLN A 58 2.05 4.56 -8.26
N LEU A 59 1.21 3.82 -7.55
CA LEU A 59 0.05 3.16 -8.16
C LEU A 59 -0.96 4.19 -8.67
N GLU A 60 -2.25 3.89 -8.55
CA GLU A 60 -3.29 4.81 -9.00
C GLU A 60 -4.68 4.22 -8.79
N ASP A 61 -5.63 5.09 -8.46
CA ASP A 61 -7.02 4.67 -8.23
C ASP A 61 -7.51 3.77 -9.37
N GLY A 62 -7.19 4.16 -10.60
CA GLY A 62 -7.61 3.39 -11.77
C GLY A 62 -6.86 2.07 -11.89
N ARG A 63 -5.85 1.88 -11.05
CA ARG A 63 -5.07 0.64 -11.08
C ARG A 63 -5.75 -0.46 -10.28
N THR A 64 -5.48 -1.71 -10.67
CA THR A 64 -6.07 -2.85 -9.99
C THR A 64 -4.98 -3.68 -9.31
N LEU A 65 -5.41 -4.62 -8.47
CA LEU A 65 -4.48 -5.49 -7.76
C LEU A 65 -3.85 -6.49 -8.73
N SER A 66 -4.70 -7.02 -9.62
CA SER A 66 -4.25 -7.99 -10.62
C SER A 66 -3.30 -7.32 -11.62
N ASP A 67 -3.21 -6.00 -11.55
CA ASP A 67 -2.32 -5.26 -12.44
C ASP A 67 -0.88 -5.73 -12.26
N TYR A 68 -0.60 -6.30 -11.08
CA TYR A 68 0.73 -6.80 -10.78
C TYR A 68 0.66 -8.26 -10.34
N ASN A 69 -0.57 -8.76 -10.20
CA ASN A 69 -0.79 -10.15 -9.76
C ASN A 69 -0.52 -10.26 -8.27
N ILE A 70 -1.01 -9.27 -7.53
CA ILE A 70 -0.82 -9.24 -6.08
C ILE A 70 -1.57 -10.39 -5.41
N GLN A 71 -0.81 -11.26 -4.75
CA GLN A 71 -1.39 -12.40 -4.06
C GLN A 71 -1.61 -12.08 -2.58
N ARG A 72 -2.36 -12.94 -1.90
CA ARG A 72 -2.65 -12.74 -0.47
C ARG A 72 -1.34 -12.57 0.29
N GLU A 73 -0.36 -13.43 -0.01
CA GLU A 73 0.93 -13.36 0.67
C GLU A 73 1.85 -12.32 0.01
N SER A 74 1.32 -11.11 -0.19
CA SER A 74 2.08 -10.04 -0.81
C SER A 74 2.26 -8.87 0.16
N THR A 75 3.40 -8.18 0.04
CA THR A 75 3.69 -7.03 0.91
C THR A 75 3.53 -5.73 0.12
N LEU A 76 2.39 -5.06 0.33
CA LEU A 76 2.09 -3.81 -0.36
C LEU A 76 2.71 -2.63 0.38
N HIS A 77 3.58 -1.90 -0.31
CA HIS A 77 4.22 -0.73 0.28
C HIS A 77 3.24 0.44 0.27
N LEU A 78 2.72 0.79 1.44
CA LEU A 78 1.76 1.88 1.56
C LEU A 78 2.46 3.16 2.03
N VAL A 79 2.17 4.27 1.35
CA VAL A 79 2.77 5.55 1.72
C VAL A 79 1.81 6.33 2.62
N LEU A 80 2.31 6.74 3.77
CA LEU A 80 1.50 7.49 4.73
C LEU A 80 1.99 8.93 4.86
N ARG A 81 1.15 9.88 4.46
CA ARG A 81 1.51 11.29 4.54
C ARG A 81 1.45 11.79 5.98
N LEU A 82 2.11 12.91 6.25
CA LEU A 82 2.12 13.48 7.59
C LEU A 82 0.81 14.21 7.89
N ARG A 83 0.17 13.82 8.98
CA ARG A 83 -1.10 14.42 9.39
C ARG A 83 -0.85 15.43 10.53
N GLY A 84 0.38 15.44 11.04
CA GLY A 84 0.74 16.35 12.12
C GLY A 84 0.87 15.59 13.44
N GLY A 85 2.00 14.89 13.59
CA GLY A 85 2.24 14.12 14.81
C GLY A 85 3.53 13.30 14.68
N SER A 86 4.56 13.71 15.43
CA SER A 86 5.85 13.02 15.39
C SER A 86 6.40 12.95 13.98
N MET A 87 6.99 14.03 13.52
CA MET A 87 7.56 14.08 12.17
C MET A 87 8.81 13.21 12.07
N GLY A 88 9.69 13.34 13.07
CA GLY A 88 10.92 12.57 13.09
C GLY A 88 11.93 13.13 12.10
N GLY A 89 11.79 12.72 10.83
CA GLY A 89 12.69 13.18 9.79
C GLY A 89 12.57 12.33 8.53
N ALA A 90 12.06 11.11 8.69
CA ALA A 90 11.91 10.20 7.55
C ALA A 90 10.94 10.78 6.53
N ALA A 91 9.65 10.79 6.86
CA ALA A 91 8.63 11.33 5.96
C ALA A 91 8.25 12.74 6.38
N ASP A 92 7.85 13.56 5.42
CA ASP A 92 7.47 14.94 5.70
C ASP A 92 6.42 15.44 4.70
N GLU A 93 5.48 14.56 4.36
CA GLU A 93 4.41 14.91 3.41
C GLU A 93 4.99 15.50 2.13
N GLU A 94 5.66 14.66 1.34
CA GLU A 94 6.27 15.08 0.08
C GLU A 94 7.24 14.00 -0.39
N GLU A 95 8.46 14.03 0.14
CA GLU A 95 9.49 13.06 -0.24
C GLU A 95 9.01 11.63 0.01
N LEU A 96 8.22 11.44 1.06
CA LEU A 96 7.71 10.12 1.44
C LEU A 96 7.42 9.22 0.22
N ILE A 97 7.03 9.80 -0.90
CA ILE A 97 6.76 9.00 -2.10
C ILE A 97 8.07 8.52 -2.71
N ARG A 98 8.93 9.46 -3.10
CA ARG A 98 10.22 9.10 -3.67
C ARG A 98 11.07 8.40 -2.62
N LYS A 99 10.83 8.76 -1.36
CA LYS A 99 11.54 8.17 -0.25
C LYS A 99 11.12 6.72 -0.05
N ALA A 100 9.83 6.46 -0.26
CA ALA A 100 9.30 5.11 -0.12
C ALA A 100 9.74 4.27 -1.31
N ILE A 101 10.15 4.96 -2.37
CA ILE A 101 10.61 4.30 -3.58
C ILE A 101 12.11 4.02 -3.53
N GLU A 102 12.86 4.90 -2.88
CA GLU A 102 14.31 4.76 -2.80
C GLU A 102 14.79 3.98 -1.57
N LEU A 103 13.91 3.71 -0.60
CA LEU A 103 14.34 2.99 0.59
C LEU A 103 14.06 1.47 0.50
N SER A 104 12.80 1.07 0.51
CA SER A 104 12.46 -0.36 0.45
C SER A 104 12.09 -0.81 -0.96
N LEU A 105 11.80 0.14 -1.83
CA LEU A 105 11.41 -0.21 -3.20
C LEU A 105 12.60 -0.21 -4.14
N LYS A 106 13.56 0.69 -3.90
CA LYS A 106 14.75 0.81 -4.75
C LYS A 106 15.21 -0.55 -5.28
N GLU A 107 15.05 -1.60 -4.47
CA GLU A 107 15.45 -2.95 -4.87
C GLU A 107 14.97 -3.24 -6.30
N SER A 108 13.72 -2.89 -6.60
CA SER A 108 13.16 -3.13 -7.92
C SER A 108 13.96 -2.39 -8.99
N ARG A 109 14.27 -1.13 -8.71
CA ARG A 109 15.04 -0.31 -9.65
C ARG A 109 16.41 -0.93 -9.90
N ASN A 110 17.06 -1.36 -8.81
CA ASN A 110 18.38 -1.98 -8.91
C ASN A 110 18.29 -3.29 -9.69
N SER A 111 17.21 -4.04 -9.45
CA SER A 111 17.00 -5.30 -10.15
C SER A 111 16.77 -5.07 -11.63
N GLY A 112 16.28 -3.88 -11.97
CA GLY A 112 16.01 -3.53 -13.36
C GLY A 112 17.29 -3.17 -14.09
N GLY A 113 18.39 -3.07 -13.35
CA GLY A 113 19.69 -2.74 -13.94
C GLY A 113 20.17 -3.86 -14.85
N TYR A 114 19.86 -5.10 -14.49
CA TYR A 114 20.26 -6.25 -15.28
C TYR A 114 19.17 -7.32 -15.25
N MET A 1 -6.47 -19.82 19.16
CA MET A 1 -7.05 -19.30 17.88
C MET A 1 -7.57 -17.88 18.11
N HIS A 2 -8.14 -17.65 19.29
CA HIS A 2 -8.68 -16.32 19.63
C HIS A 2 -9.88 -15.99 18.75
N HIS A 3 -9.62 -15.65 17.49
CA HIS A 3 -10.69 -15.30 16.56
C HIS A 3 -11.43 -16.56 16.11
N HIS A 4 -12.72 -16.62 16.42
CA HIS A 4 -13.54 -17.77 16.05
C HIS A 4 -13.73 -17.83 14.54
N HIS A 5 -13.92 -16.67 13.93
CA HIS A 5 -14.11 -16.59 12.48
C HIS A 5 -12.83 -17.02 11.75
N HIS A 6 -12.92 -18.11 11.00
CA HIS A 6 -11.77 -18.62 10.27
C HIS A 6 -11.65 -17.90 8.92
N HIS A 7 -10.41 -17.68 8.48
CA HIS A 7 -10.17 -17.01 7.22
C HIS A 7 -10.46 -17.95 6.05
N GLY A 8 -10.55 -17.38 4.84
CA GLY A 8 -10.82 -18.18 3.65
C GLY A 8 -10.56 -17.36 2.39
N GLU A 9 -10.81 -16.06 2.46
CA GLU A 9 -10.59 -15.18 1.32
C GLU A 9 -9.10 -14.86 1.18
N PHE A 10 -8.80 -13.75 0.51
CA PHE A 10 -7.41 -13.34 0.31
C PHE A 10 -7.20 -11.95 0.90
N GLN A 11 -6.25 -11.86 1.83
CA GLN A 11 -5.96 -10.59 2.47
C GLN A 11 -4.53 -10.16 2.15
N ILE A 12 -4.41 -9.06 1.40
CA ILE A 12 -3.10 -8.55 1.01
C ILE A 12 -2.33 -8.02 2.21
N PHE A 13 -1.04 -7.81 2.00
CA PHE A 13 -0.16 -7.28 3.03
C PHE A 13 0.18 -5.84 2.69
N ALA A 14 -0.21 -4.91 3.58
CA ALA A 14 0.04 -3.49 3.37
C ALA A 14 1.10 -2.99 4.34
N LYS A 15 2.19 -2.48 3.78
CA LYS A 15 3.27 -1.95 4.59
C LYS A 15 3.25 -0.43 4.53
N THR A 16 3.81 0.21 5.56
CA THR A 16 3.87 1.66 5.63
C THR A 16 5.32 2.13 5.53
N LEU A 17 5.50 3.42 5.30
CA LEU A 17 6.84 3.99 5.19
C LEU A 17 7.65 3.65 6.44
N THR A 18 7.05 3.89 7.60
CA THR A 18 7.71 3.62 8.87
C THR A 18 8.03 2.13 9.01
N GLY A 19 7.35 1.29 8.23
CA GLY A 19 7.59 -0.14 8.26
C GLY A 19 6.55 -0.86 9.13
N LYS A 20 5.31 -0.38 9.10
CA LYS A 20 4.24 -1.00 9.88
C LYS A 20 3.55 -2.08 9.05
N THR A 21 3.20 -3.20 9.69
CA THR A 21 2.54 -4.30 8.99
C THR A 21 1.03 -4.25 9.18
N ILE A 22 0.29 -4.16 8.08
CA ILE A 22 -1.17 -4.10 8.12
C ILE A 22 -1.78 -5.06 7.09
N THR A 23 -2.78 -5.83 7.53
CA THR A 23 -3.43 -6.80 6.65
C THR A 23 -4.88 -6.39 6.36
N LEU A 24 -5.26 -6.45 5.09
CA LEU A 24 -6.62 -6.10 4.67
C LEU A 24 -7.19 -7.17 3.73
N GLU A 25 -8.46 -7.51 3.92
CA GLU A 25 -9.12 -8.51 3.09
C GLU A 25 -9.65 -7.89 1.79
N VAL A 26 -8.94 -8.16 0.68
CA VAL A 26 -9.34 -7.61 -0.61
C VAL A 26 -9.24 -8.65 -1.72
N GLU A 27 -9.86 -8.34 -2.85
CA GLU A 27 -9.84 -9.22 -4.01
C GLU A 27 -8.50 -9.09 -4.74
N SER A 28 -8.15 -10.11 -5.52
CA SER A 28 -6.89 -10.09 -6.25
C SER A 28 -6.92 -9.03 -7.36
N SER A 29 -8.12 -8.57 -7.72
CA SER A 29 -8.29 -7.59 -8.78
C SER A 29 -8.89 -6.28 -8.24
N ASP A 30 -9.09 -6.21 -6.93
CA ASP A 30 -9.65 -5.01 -6.31
C ASP A 30 -8.90 -3.76 -6.78
N THR A 31 -9.51 -2.59 -6.58
CA THR A 31 -8.87 -1.34 -6.98
C THR A 31 -8.18 -0.70 -5.79
N ILE A 32 -7.24 0.22 -6.05
CA ILE A 32 -6.52 0.89 -4.98
C ILE A 32 -7.51 1.50 -4.00
N ASP A 33 -8.57 2.12 -4.51
CA ASP A 33 -9.58 2.72 -3.66
C ASP A 33 -10.02 1.75 -2.57
N ASN A 34 -10.25 0.51 -2.95
CA ASN A 34 -10.64 -0.53 -1.99
C ASN A 34 -9.53 -0.76 -0.98
N VAL A 35 -8.29 -0.74 -1.49
CA VAL A 35 -7.12 -0.93 -0.64
C VAL A 35 -7.05 0.19 0.40
N LYS A 36 -7.19 1.43 -0.06
CA LYS A 36 -7.16 2.58 0.83
C LYS A 36 -8.29 2.49 1.85
N SER A 37 -9.53 2.43 1.36
CA SER A 37 -10.69 2.35 2.24
C SER A 37 -10.47 1.26 3.30
N LYS A 38 -10.00 0.09 2.85
CA LYS A 38 -9.74 -1.01 3.76
C LYS A 38 -8.84 -0.54 4.91
N ILE A 39 -7.88 0.32 4.58
CA ILE A 39 -6.97 0.85 5.58
C ILE A 39 -7.72 1.70 6.61
N GLN A 40 -8.63 2.55 6.14
CA GLN A 40 -9.40 3.43 7.03
C GLN A 40 -10.23 2.62 8.01
N ASP A 41 -10.66 1.42 7.61
CA ASP A 41 -11.44 0.59 8.50
C ASP A 41 -10.52 -0.02 9.56
N LYS A 42 -9.25 -0.13 9.20
CA LYS A 42 -8.25 -0.71 10.08
C LYS A 42 -7.54 0.37 10.92
N GLU A 43 -7.24 1.51 10.30
CA GLU A 43 -6.53 2.59 11.01
C GLU A 43 -7.31 3.90 11.02
N GLY A 44 -8.56 3.87 10.55
CA GLY A 44 -9.39 5.08 10.53
C GLY A 44 -8.94 6.06 9.44
N ILE A 45 -7.63 6.22 9.27
CA ILE A 45 -7.07 7.15 8.29
C ILE A 45 -7.89 7.18 7.00
N PRO A 46 -8.34 8.35 6.60
CA PRO A 46 -9.14 8.52 5.35
C PRO A 46 -8.40 7.95 4.13
N PRO A 47 -9.10 7.17 3.32
CA PRO A 47 -8.49 6.55 2.11
C PRO A 47 -7.72 7.55 1.25
N ASP A 48 -8.31 8.72 1.05
CA ASP A 48 -7.67 9.77 0.24
C ASP A 48 -6.38 10.24 0.87
N GLN A 49 -6.30 10.14 2.19
CA GLN A 49 -5.11 10.57 2.93
C GLN A 49 -3.94 9.62 2.67
N GLN A 50 -4.22 8.47 2.05
CA GLN A 50 -3.17 7.50 1.76
C GLN A 50 -2.91 7.40 0.27
N ARG A 51 -1.71 6.91 -0.07
CA ARG A 51 -1.31 6.72 -1.45
C ARG A 51 -0.67 5.33 -1.59
N LEU A 52 -0.57 4.83 -2.82
CA LEU A 52 0.00 3.50 -3.04
C LEU A 52 1.20 3.59 -3.99
N ILE A 53 2.40 3.35 -3.45
CA ILE A 53 3.61 3.39 -4.26
C ILE A 53 4.20 1.98 -4.37
N TRP A 54 4.35 1.48 -5.59
CA TRP A 54 4.89 0.15 -5.80
C TRP A 54 5.90 0.13 -6.94
N ALA A 55 7.02 -0.55 -6.72
CA ALA A 55 8.08 -0.66 -7.72
C ALA A 55 8.56 0.72 -8.17
N GLY A 56 8.99 1.54 -7.20
CA GLY A 56 9.49 2.88 -7.49
C GLY A 56 8.50 3.72 -8.28
N LYS A 57 7.29 3.20 -8.49
CA LYS A 57 6.27 3.93 -9.24
C LYS A 57 5.02 4.13 -8.39
N GLN A 58 4.47 5.35 -8.44
CA GLN A 58 3.27 5.66 -7.69
C GLN A 58 2.04 5.11 -8.41
N LEU A 59 1.24 4.34 -7.68
CA LEU A 59 0.04 3.76 -8.27
C LEU A 59 -1.12 4.75 -8.25
N GLU A 60 -1.98 4.67 -9.27
CA GLU A 60 -3.14 5.55 -9.36
C GLU A 60 -4.40 4.83 -8.91
N ASP A 61 -5.33 5.59 -8.33
CA ASP A 61 -6.59 5.03 -7.85
C ASP A 61 -7.25 4.17 -8.92
N GLY A 62 -7.04 4.53 -10.19
CA GLY A 62 -7.63 3.80 -11.30
C GLY A 62 -6.94 2.44 -11.52
N ARG A 63 -5.87 2.18 -10.78
CA ARG A 63 -5.14 0.92 -10.91
C ARG A 63 -5.87 -0.20 -10.17
N THR A 64 -5.63 -1.43 -10.60
CA THR A 64 -6.25 -2.60 -9.97
C THR A 64 -5.20 -3.46 -9.29
N LEU A 65 -5.67 -4.51 -8.62
CA LEU A 65 -4.79 -5.44 -7.92
C LEU A 65 -4.27 -6.49 -8.90
N SER A 66 -5.17 -6.94 -9.78
CA SER A 66 -4.83 -7.95 -10.78
C SER A 66 -3.88 -7.38 -11.84
N ASP A 67 -3.69 -6.06 -11.80
CA ASP A 67 -2.79 -5.42 -12.77
C ASP A 67 -1.45 -6.15 -12.80
N TYR A 68 -0.76 -6.16 -11.66
CA TYR A 68 0.52 -6.84 -11.56
C TYR A 68 0.33 -8.27 -11.06
N ASN A 69 -0.93 -8.66 -10.85
CA ASN A 69 -1.26 -10.00 -10.37
C ASN A 69 -1.02 -10.09 -8.86
N ILE A 70 -1.60 -9.15 -8.13
CA ILE A 70 -1.47 -9.11 -6.68
C ILE A 70 -2.46 -10.06 -6.02
N GLN A 71 -1.94 -10.99 -5.23
CA GLN A 71 -2.78 -11.97 -4.55
C GLN A 71 -2.93 -11.61 -3.07
N ARG A 72 -2.60 -12.54 -2.17
CA ARG A 72 -2.70 -12.31 -0.74
C ARG A 72 -1.32 -12.04 -0.15
N GLU A 73 -0.33 -12.81 -0.59
CA GLU A 73 1.03 -12.65 -0.09
C GLU A 73 1.76 -11.52 -0.82
N SER A 74 1.02 -10.45 -1.14
CA SER A 74 1.60 -9.30 -1.82
C SER A 74 2.00 -8.23 -0.82
N THR A 75 3.27 -7.81 -0.88
CA THR A 75 3.75 -6.77 0.03
C THR A 75 3.51 -5.39 -0.56
N LEU A 76 2.38 -4.80 -0.18
CA LEU A 76 2.01 -3.48 -0.67
C LEU A 76 2.66 -2.39 0.18
N HIS A 77 2.83 -1.21 -0.42
CA HIS A 77 3.42 -0.08 0.27
C HIS A 77 2.44 1.09 0.30
N LEU A 78 1.92 1.41 1.47
CA LEU A 78 0.97 2.50 1.63
C LEU A 78 1.67 3.75 2.15
N VAL A 79 1.44 4.87 1.47
CA VAL A 79 2.05 6.14 1.88
C VAL A 79 1.02 7.03 2.56
N LEU A 80 1.36 7.50 3.76
CA LEU A 80 0.46 8.36 4.52
C LEU A 80 0.85 9.83 4.36
N ARG A 81 -0.02 10.61 3.72
CA ARG A 81 0.24 12.03 3.51
C ARG A 81 0.00 12.82 4.78
N LEU A 82 0.67 13.96 4.90
CA LEU A 82 0.53 14.81 6.08
C LEU A 82 -0.50 15.91 5.83
N ARG A 83 -1.37 16.13 6.81
CA ARG A 83 -2.42 17.15 6.69
C ARG A 83 -1.95 18.47 7.31
N GLY A 84 -1.06 18.37 8.30
CA GLY A 84 -0.54 19.56 8.97
C GLY A 84 -0.02 19.21 10.36
N GLY A 85 0.05 20.21 11.24
CA GLY A 85 0.54 20.01 12.60
C GLY A 85 1.99 19.55 12.59
N SER A 86 2.23 18.36 13.16
CA SER A 86 3.57 17.81 13.21
C SER A 86 4.00 17.28 11.84
N MET A 87 5.29 17.37 11.55
CA MET A 87 5.81 16.88 10.27
C MET A 87 6.05 15.38 10.31
N GLY A 88 5.90 14.80 11.50
CA GLY A 88 6.10 13.36 11.67
C GLY A 88 7.58 13.01 11.71
N GLY A 89 8.23 13.08 10.54
CA GLY A 89 9.66 12.78 10.45
C GLY A 89 10.11 12.80 9.00
N ALA A 90 10.51 11.63 8.49
CA ALA A 90 10.97 11.52 7.10
C ALA A 90 9.85 11.89 6.15
N ALA A 91 8.65 11.37 6.42
CA ALA A 91 7.49 11.64 5.57
C ALA A 91 7.01 13.08 5.80
N ASP A 92 6.66 13.76 4.71
CA ASP A 92 6.18 15.13 4.80
C ASP A 92 5.15 15.43 3.71
N GLU A 93 4.24 14.47 3.51
CA GLU A 93 3.19 14.60 2.51
C GLU A 93 3.72 14.44 1.09
N GLU A 94 4.67 15.28 0.71
CA GLU A 94 5.23 15.22 -0.64
C GLU A 94 6.46 14.30 -0.70
N GLU A 95 7.47 14.61 0.11
CA GLU A 95 8.70 13.83 0.12
C GLU A 95 8.42 12.34 0.27
N LEU A 96 7.59 12.00 1.26
CA LEU A 96 7.26 10.59 1.55
C LEU A 96 7.16 9.73 0.28
N ILE A 97 6.92 10.34 -0.88
CA ILE A 97 6.81 9.58 -2.12
C ILE A 97 8.20 9.34 -2.73
N ARG A 98 8.97 10.41 -2.94
CA ARG A 98 10.30 10.29 -3.53
C ARG A 98 11.22 9.42 -2.69
N LYS A 99 11.16 9.59 -1.36
CA LYS A 99 12.01 8.81 -0.47
C LYS A 99 11.47 7.39 -0.32
N ALA A 100 10.16 7.21 -0.49
CA ALA A 100 9.57 5.88 -0.40
C ALA A 100 9.99 5.06 -1.59
N ILE A 101 10.33 5.75 -2.67
CA ILE A 101 10.77 5.11 -3.90
C ILE A 101 12.27 4.80 -3.80
N GLU A 102 12.99 5.64 -3.07
CA GLU A 102 14.44 5.50 -2.94
C GLU A 102 14.88 4.67 -1.72
N LEU A 103 13.98 4.38 -0.79
CA LEU A 103 14.39 3.60 0.39
C LEU A 103 14.11 2.10 0.27
N SER A 104 12.84 1.71 0.30
CA SER A 104 12.48 0.29 0.23
C SER A 104 12.04 -0.13 -1.16
N LEU A 105 11.83 0.85 -2.04
CA LEU A 105 11.36 0.55 -3.38
C LEU A 105 12.49 0.40 -4.39
N LYS A 106 13.49 1.28 -4.30
CA LYS A 106 14.63 1.22 -5.22
C LYS A 106 15.26 -0.17 -5.22
N GLU A 107 15.09 -0.90 -4.12
CA GLU A 107 15.65 -2.24 -4.01
C GLU A 107 15.07 -3.17 -5.08
N SER A 108 13.89 -2.82 -5.58
CA SER A 108 13.23 -3.62 -6.61
C SER A 108 14.19 -3.95 -7.74
N ARG A 109 14.97 -2.95 -8.15
CA ARG A 109 15.95 -3.14 -9.23
C ARG A 109 17.15 -3.95 -8.74
N ASN A 110 17.55 -3.71 -7.50
CA ASN A 110 18.69 -4.41 -6.92
C ASN A 110 18.28 -5.80 -6.42
N SER A 111 17.02 -6.17 -6.67
CA SER A 111 16.52 -7.47 -6.25
C SER A 111 17.09 -8.59 -7.13
N GLY A 112 17.46 -8.22 -8.36
CA GLY A 112 18.02 -9.19 -9.30
C GLY A 112 19.32 -9.79 -8.76
N GLY A 113 19.93 -9.09 -7.80
CA GLY A 113 21.17 -9.55 -7.21
C GLY A 113 20.95 -10.82 -6.37
N TYR A 114 19.69 -11.19 -6.21
CA TYR A 114 19.32 -12.38 -5.42
C TYR A 114 19.70 -12.19 -3.96
#